data_2MTL
#
_entry.id   2MTL
#
_entity_poly.entity_id   1
_entity_poly.type   'polypeptide(L)'
_entity_poly.pdbx_seq_one_letter_code
;MGEMDIRFRGDDLEALEKALKEMIRQARKFAGTVTYTLDGNDLEIRITGVPEQVRKELAKEAERLAKEFNITVTYTIRGS
LEHHHHHH
;
_entity_poly.pdbx_strand_id   A
#
# COMPACT_ATOMS: atom_id res chain seq x y z
N MET A 1 -6.48 15.61 1.04
CA MET A 1 -6.02 14.56 0.11
C MET A 1 -5.71 13.26 0.88
N GLY A 2 -6.09 12.11 0.30
CA GLY A 2 -5.88 10.81 0.91
C GLY A 2 -5.82 9.72 -0.15
N GLU A 3 -4.61 9.52 -0.71
CA GLU A 3 -4.33 8.49 -1.74
C GLU A 3 -2.92 7.93 -1.55
N MET A 4 -2.77 6.61 -1.65
CA MET A 4 -1.53 5.87 -1.37
C MET A 4 -1.20 4.91 -2.53
N ASP A 5 0.10 4.67 -2.78
CA ASP A 5 0.59 3.75 -3.81
C ASP A 5 1.33 2.61 -3.09
N ILE A 6 0.80 1.39 -3.15
CA ILE A 6 1.41 0.22 -2.49
C ILE A 6 1.86 -0.77 -3.55
N ARG A 7 3.17 -0.89 -3.76
CA ARG A 7 3.73 -1.65 -4.88
C ARG A 7 4.52 -2.86 -4.36
N PHE A 8 4.11 -4.07 -4.79
CA PHE A 8 4.75 -5.34 -4.42
C PHE A 8 5.60 -5.85 -5.61
N ARG A 9 6.85 -6.19 -5.32
CA ARG A 9 7.78 -6.81 -6.26
C ARG A 9 8.25 -8.17 -5.69
N GLY A 10 8.27 -9.20 -6.54
CA GLY A 10 8.67 -10.54 -6.12
C GLY A 10 8.71 -11.51 -7.30
N ASP A 11 9.66 -12.47 -7.25
CA ASP A 11 9.89 -13.45 -8.33
C ASP A 11 8.72 -14.43 -8.47
N ASP A 12 7.97 -14.61 -7.38
CA ASP A 12 6.77 -15.46 -7.32
C ASP A 12 5.53 -14.59 -7.46
N LEU A 13 4.88 -14.64 -8.65
CA LEU A 13 3.65 -13.88 -8.94
C LEU A 13 2.51 -14.29 -8.00
N GLU A 14 2.54 -15.55 -7.52
CA GLU A 14 1.51 -16.06 -6.59
C GLU A 14 1.58 -15.30 -5.25
N ALA A 15 2.80 -15.05 -4.75
CA ALA A 15 3.03 -14.30 -3.51
C ALA A 15 2.46 -12.87 -3.61
N LEU A 16 2.59 -12.31 -4.82
CA LEU A 16 2.05 -10.98 -5.15
C LEU A 16 0.50 -11.01 -5.19
N GLU A 17 -0.07 -12.16 -5.62
CA GLU A 17 -1.54 -12.37 -5.73
C GLU A 17 -2.22 -12.45 -4.35
N LYS A 18 -1.58 -13.15 -3.39
CA LYS A 18 -2.14 -13.32 -2.03
C LYS A 18 -1.98 -12.03 -1.23
N ALA A 19 -0.84 -11.31 -1.45
CA ALA A 19 -0.62 -9.96 -0.87
C ALA A 19 -1.68 -8.98 -1.40
N LEU A 20 -1.87 -9.03 -2.73
CA LEU A 20 -2.91 -8.25 -3.45
C LEU A 20 -4.31 -8.49 -2.89
N LYS A 21 -4.67 -9.78 -2.77
CA LYS A 21 -6.00 -10.23 -2.33
C LYS A 21 -6.32 -9.69 -0.94
N GLU A 22 -5.29 -9.63 -0.09
CA GLU A 22 -5.37 -9.03 1.22
C GLU A 22 -5.51 -7.50 1.14
N MET A 23 -4.64 -6.80 0.37
CA MET A 23 -4.63 -5.31 0.33
C MET A 23 -5.94 -4.73 -0.25
N ILE A 24 -6.60 -5.51 -1.13
CA ILE A 24 -7.96 -5.18 -1.61
C ILE A 24 -8.96 -5.32 -0.46
N ARG A 25 -8.88 -6.48 0.25
CA ARG A 25 -9.70 -6.80 1.45
C ARG A 25 -9.59 -5.69 2.52
N GLN A 26 -8.37 -5.13 2.68
CA GLN A 26 -8.10 -4.10 3.69
C GLN A 26 -8.72 -2.75 3.25
N ALA A 27 -8.55 -2.42 1.95
CA ALA A 27 -9.16 -1.23 1.34
C ALA A 27 -10.70 -1.28 1.41
N ARG A 28 -11.25 -2.51 1.36
CA ARG A 28 -12.70 -2.76 1.46
C ARG A 28 -13.21 -2.58 2.90
N LYS A 29 -12.43 -3.05 3.90
CA LYS A 29 -12.85 -2.99 5.33
C LYS A 29 -12.79 -1.52 5.83
N PHE A 30 -11.83 -0.75 5.28
CA PHE A 30 -11.69 0.70 5.55
C PHE A 30 -12.68 1.53 4.71
N ALA A 31 -13.38 0.85 3.77
CA ALA A 31 -14.34 1.46 2.85
C ALA A 31 -13.70 2.58 2.02
N GLY A 32 -12.90 2.17 1.04
CA GLY A 32 -12.22 3.08 0.11
C GLY A 32 -12.20 2.50 -1.29
N THR A 33 -11.46 3.15 -2.19
CA THR A 33 -11.34 2.74 -3.59
C THR A 33 -10.01 1.97 -3.75
N VAL A 34 -10.00 0.89 -4.55
CA VAL A 34 -8.80 0.06 -4.74
C VAL A 34 -8.66 -0.32 -6.24
N THR A 35 -7.47 -0.06 -6.78
CA THR A 35 -7.07 -0.37 -8.16
C THR A 35 -5.73 -1.11 -8.10
N TYR A 36 -5.38 -1.90 -9.15
CA TYR A 36 -4.08 -2.62 -9.19
C TYR A 36 -3.62 -2.89 -10.63
N THR A 37 -2.29 -2.96 -10.82
CA THR A 37 -1.67 -3.28 -12.12
C THR A 37 -0.68 -4.46 -11.96
N LEU A 38 -1.14 -5.68 -12.35
CA LEU A 38 -0.29 -6.88 -12.43
C LEU A 38 0.43 -6.91 -13.78
N ASP A 39 1.75 -6.71 -13.77
CA ASP A 39 2.56 -6.70 -14.99
C ASP A 39 3.92 -7.39 -14.72
N GLY A 40 3.99 -8.69 -15.06
CA GLY A 40 5.18 -9.51 -14.86
C GLY A 40 5.40 -9.88 -13.40
N ASN A 41 6.35 -9.18 -12.76
CA ASN A 41 6.70 -9.39 -11.33
C ASN A 41 6.59 -8.07 -10.56
N ASP A 42 5.94 -7.08 -11.18
CA ASP A 42 5.65 -5.78 -10.56
C ASP A 42 4.13 -5.59 -10.46
N LEU A 43 3.67 -5.23 -9.26
CA LEU A 43 2.26 -4.97 -8.95
C LEU A 43 2.17 -3.64 -8.20
N GLU A 44 1.39 -2.66 -8.71
CA GLU A 44 1.08 -1.43 -7.93
C GLU A 44 -0.43 -1.31 -7.67
N ILE A 45 -0.76 -1.37 -6.38
CA ILE A 45 -2.11 -1.23 -5.83
C ILE A 45 -2.34 0.24 -5.39
N ARG A 46 -3.29 0.94 -6.04
CA ARG A 46 -3.57 2.36 -5.74
C ARG A 46 -4.86 2.44 -4.92
N ILE A 47 -4.72 2.76 -3.62
CA ILE A 47 -5.86 2.88 -2.70
C ILE A 47 -6.17 4.36 -2.45
N THR A 48 -7.35 4.80 -2.91
CA THR A 48 -7.78 6.21 -2.93
C THR A 48 -8.92 6.43 -1.92
N GLY A 49 -9.04 7.67 -1.40
CA GLY A 49 -10.14 8.07 -0.52
C GLY A 49 -9.82 7.89 0.96
N VAL A 50 -9.04 6.85 1.28
CA VAL A 50 -8.62 6.58 2.66
C VAL A 50 -7.67 7.72 3.17
N PRO A 51 -7.96 8.36 4.33
CA PRO A 51 -7.12 9.50 4.86
C PRO A 51 -5.73 9.04 5.33
N GLU A 52 -4.85 10.02 5.64
CA GLU A 52 -3.43 9.79 5.98
C GLU A 52 -3.27 8.79 7.15
N GLN A 53 -4.10 8.96 8.20
CA GLN A 53 -4.13 8.06 9.37
C GLN A 53 -4.33 6.57 8.95
N VAL A 54 -5.22 6.34 7.96
CA VAL A 54 -5.55 5.00 7.46
C VAL A 54 -4.47 4.49 6.50
N ARG A 55 -3.90 5.40 5.69
CA ARG A 55 -2.84 5.09 4.71
C ARG A 55 -1.59 4.51 5.40
N LYS A 56 -1.34 4.98 6.64
CA LYS A 56 -0.29 4.42 7.50
C LYS A 56 -0.59 2.94 7.81
N GLU A 57 -1.85 2.65 8.15
CA GLU A 57 -2.29 1.29 8.54
C GLU A 57 -2.14 0.30 7.37
N LEU A 58 -2.43 0.80 6.14
CA LEU A 58 -2.18 0.03 4.90
C LEU A 58 -0.68 -0.27 4.70
N ALA A 59 0.19 0.63 5.20
CA ALA A 59 1.65 0.46 5.15
C ALA A 59 2.13 -0.66 6.08
N LYS A 60 1.51 -0.75 7.29
CA LYS A 60 1.81 -1.82 8.27
C LYS A 60 1.39 -3.19 7.68
N GLU A 61 0.26 -3.20 6.96
CA GLU A 61 -0.29 -4.41 6.32
C GLU A 61 0.53 -4.79 5.08
N ALA A 62 1.04 -3.78 4.37
CA ALA A 62 1.97 -3.97 3.25
C ALA A 62 3.24 -4.72 3.72
N GLU A 63 3.74 -4.29 4.89
CA GLU A 63 4.95 -4.85 5.53
C GLU A 63 4.70 -6.26 6.10
N ARG A 64 3.50 -6.50 6.67
CA ARG A 64 3.19 -7.82 7.28
C ARG A 64 3.08 -8.90 6.18
N LEU A 65 2.61 -8.49 4.98
CA LEU A 65 2.51 -9.37 3.79
C LEU A 65 3.87 -9.52 3.11
N ALA A 66 4.72 -8.48 3.24
CA ALA A 66 6.10 -8.51 2.70
C ALA A 66 6.94 -9.58 3.41
N LYS A 67 6.87 -9.63 4.75
CA LYS A 67 7.60 -10.63 5.56
C LYS A 67 6.85 -11.99 5.58
N GLU A 68 5.54 -11.97 5.25
CA GLU A 68 4.72 -13.20 5.17
C GLU A 68 5.14 -14.02 3.94
N PHE A 69 5.13 -13.37 2.78
CA PHE A 69 5.38 -14.02 1.48
C PHE A 69 6.85 -13.80 1.01
N ASN A 70 7.67 -13.18 1.89
CA ASN A 70 9.13 -12.93 1.67
C ASN A 70 9.37 -12.13 0.36
N ILE A 71 8.42 -11.21 0.06
CA ILE A 71 8.47 -10.32 -1.12
C ILE A 71 8.78 -8.89 -0.68
N THR A 72 9.34 -8.09 -1.59
CA THR A 72 9.74 -6.70 -1.30
C THR A 72 8.60 -5.74 -1.62
N VAL A 73 8.07 -5.04 -0.61
CA VAL A 73 7.07 -3.98 -0.83
C VAL A 73 7.75 -2.60 -0.74
N THR A 74 7.22 -1.66 -1.53
CA THR A 74 7.59 -0.26 -1.47
C THR A 74 6.29 0.55 -1.55
N TYR A 75 6.08 1.42 -0.56
CA TYR A 75 4.83 2.19 -0.46
C TYR A 75 5.13 3.69 -0.39
N THR A 76 4.26 4.49 -1.01
CA THR A 76 4.39 5.93 -1.05
C THR A 76 3.23 6.57 -0.28
N ILE A 77 3.57 7.37 0.74
CA ILE A 77 2.61 8.20 1.50
C ILE A 77 3.23 9.57 1.76
N ARG A 78 2.57 10.63 1.26
CA ARG A 78 2.91 12.03 1.61
C ARG A 78 1.64 12.75 2.07
N GLY A 79 1.83 13.81 2.86
CA GLY A 79 0.74 14.41 3.64
C GLY A 79 0.94 14.12 5.12
N SER A 80 1.96 13.29 5.43
CA SER A 80 2.47 13.09 6.79
C SER A 80 3.28 14.31 7.25
N LEU A 81 3.48 15.29 6.33
CA LEU A 81 4.20 16.55 6.59
C LEU A 81 3.31 17.58 7.34
N GLU A 82 2.47 17.08 8.27
CA GLU A 82 1.60 17.89 9.16
C GLU A 82 2.42 18.96 9.90
N HIS A 83 3.65 18.56 10.25
CA HIS A 83 4.62 19.40 10.95
C HIS A 83 5.96 19.18 10.23
N HIS A 84 6.09 19.78 9.01
CA HIS A 84 7.28 19.62 8.14
C HIS A 84 8.47 20.45 8.67
N HIS A 85 8.97 19.97 9.81
CA HIS A 85 9.89 20.67 10.70
C HIS A 85 10.09 19.74 11.91
N HIS A 86 11.24 19.80 12.58
CA HIS A 86 11.48 19.00 13.80
C HIS A 86 10.55 19.43 14.96
N HIS A 87 10.57 18.67 16.06
CA HIS A 87 9.85 19.04 17.31
C HIS A 87 10.69 20.05 18.12
N HIS A 88 11.12 21.10 17.42
CA HIS A 88 12.04 22.14 17.87
C HIS A 88 12.23 23.12 16.69
N MET A 1 -2.50 15.54 3.00
CA MET A 1 -2.66 14.13 2.56
C MET A 1 -2.23 13.99 1.09
N GLY A 2 -1.39 12.98 0.81
CA GLY A 2 -1.08 12.55 -0.55
C GLY A 2 -1.95 11.37 -0.97
N GLU A 3 -1.55 10.67 -2.03
CA GLU A 3 -2.18 9.41 -2.46
C GLU A 3 -1.17 8.27 -2.29
N MET A 4 -1.66 7.05 -2.05
CA MET A 4 -0.80 5.90 -1.69
C MET A 4 -0.85 4.84 -2.78
N ASP A 5 0.34 4.37 -3.21
CA ASP A 5 0.46 3.19 -4.06
C ASP A 5 1.33 2.19 -3.31
N ILE A 6 0.80 0.98 -3.12
CA ILE A 6 1.43 -0.09 -2.37
C ILE A 6 1.92 -1.12 -3.39
N ARG A 7 3.23 -1.21 -3.56
CA ARG A 7 3.84 -1.91 -4.68
C ARG A 7 4.62 -3.13 -4.17
N PHE A 8 4.16 -4.33 -4.58
CA PHE A 8 4.81 -5.59 -4.22
C PHE A 8 5.59 -6.12 -5.42
N ARG A 9 6.82 -6.58 -5.15
CA ARG A 9 7.72 -7.14 -6.16
C ARG A 9 8.25 -8.48 -5.64
N GLY A 10 7.99 -9.55 -6.37
CA GLY A 10 8.39 -10.90 -5.95
C GLY A 10 8.80 -11.76 -7.13
N ASP A 11 9.64 -12.77 -6.87
CA ASP A 11 10.13 -13.73 -7.90
C ASP A 11 8.96 -14.54 -8.51
N ASP A 12 7.92 -14.69 -7.68
CA ASP A 12 6.71 -15.46 -7.99
C ASP A 12 5.50 -14.52 -8.02
N LEU A 13 4.75 -14.55 -9.13
CA LEU A 13 3.57 -13.71 -9.36
C LEU A 13 2.43 -14.05 -8.35
N GLU A 14 2.38 -15.32 -7.90
CA GLU A 14 1.28 -15.81 -7.04
C GLU A 14 1.37 -15.17 -5.65
N ALA A 15 2.61 -15.02 -5.14
CA ALA A 15 2.87 -14.39 -3.84
C ALA A 15 2.35 -12.94 -3.82
N LEU A 16 2.42 -12.29 -5.00
CA LEU A 16 1.88 -10.95 -5.23
C LEU A 16 0.34 -10.97 -5.19
N GLU A 17 -0.26 -12.07 -5.72
CA GLU A 17 -1.73 -12.24 -5.79
C GLU A 17 -2.36 -12.48 -4.40
N LYS A 18 -1.64 -13.21 -3.51
CA LYS A 18 -2.11 -13.44 -2.11
C LYS A 18 -1.98 -12.13 -1.31
N ALA A 19 -0.86 -11.40 -1.53
CA ALA A 19 -0.64 -10.06 -0.93
C ALA A 19 -1.74 -9.09 -1.40
N LEU A 20 -2.01 -9.14 -2.71
CA LEU A 20 -3.05 -8.33 -3.39
C LEU A 20 -4.43 -8.56 -2.77
N LYS A 21 -4.80 -9.84 -2.59
CA LYS A 21 -6.09 -10.26 -2.01
C LYS A 21 -6.33 -9.56 -0.66
N GLU A 22 -5.29 -9.62 0.18
CA GLU A 22 -5.33 -9.08 1.56
C GLU A 22 -5.39 -7.53 1.55
N MET A 23 -4.63 -6.88 0.63
CA MET A 23 -4.61 -5.39 0.55
C MET A 23 -5.93 -4.81 0.03
N ILE A 24 -6.58 -5.54 -0.91
CA ILE A 24 -7.94 -5.21 -1.39
C ILE A 24 -8.93 -5.33 -0.21
N ARG A 25 -8.81 -6.47 0.50
CA ARG A 25 -9.64 -6.81 1.70
C ARG A 25 -9.57 -5.69 2.76
N GLN A 26 -8.37 -5.08 2.91
CA GLN A 26 -8.15 -3.95 3.82
C GLN A 26 -8.86 -2.69 3.32
N ALA A 27 -8.65 -2.35 2.04
CA ALA A 27 -9.29 -1.18 1.42
C ALA A 27 -10.84 -1.32 1.38
N ARG A 28 -11.34 -2.56 1.48
CA ARG A 28 -12.78 -2.85 1.53
C ARG A 28 -13.33 -2.65 2.95
N LYS A 29 -12.59 -3.10 3.99
CA LYS A 29 -13.04 -2.93 5.41
C LYS A 29 -12.97 -1.46 5.84
N PHE A 30 -12.01 -0.71 5.26
CA PHE A 30 -11.88 0.74 5.45
C PHE A 30 -12.82 1.50 4.48
N ALA A 31 -13.46 0.75 3.55
CA ALA A 31 -14.51 1.25 2.63
C ALA A 31 -13.98 2.30 1.61
N GLY A 32 -12.65 2.30 1.41
CA GLY A 32 -11.99 3.19 0.44
C GLY A 32 -12.00 2.61 -0.97
N THR A 33 -11.20 3.21 -1.88
CA THR A 33 -11.10 2.76 -3.28
C THR A 33 -9.75 2.04 -3.47
N VAL A 34 -9.76 0.88 -4.15
CA VAL A 34 -8.55 0.08 -4.40
C VAL A 34 -8.39 -0.18 -5.91
N THR A 35 -7.18 0.00 -6.41
CA THR A 35 -6.81 -0.27 -7.81
C THR A 35 -5.59 -1.22 -7.77
N TYR A 36 -5.36 -1.97 -8.87
CA TYR A 36 -4.14 -2.79 -8.99
C TYR A 36 -3.75 -2.96 -10.46
N THR A 37 -2.43 -3.06 -10.68
CA THR A 37 -1.85 -3.29 -12.00
C THR A 37 -0.83 -4.44 -11.90
N LEU A 38 -1.21 -5.59 -12.47
CA LEU A 38 -0.35 -6.78 -12.57
C LEU A 38 0.40 -6.73 -13.92
N ASP A 39 1.73 -6.59 -13.85
CA ASP A 39 2.61 -6.58 -15.05
C ASP A 39 4.01 -7.09 -14.64
N GLY A 40 4.40 -8.27 -15.17
CA GLY A 40 5.66 -8.93 -14.82
C GLY A 40 5.67 -9.37 -13.35
N ASN A 41 6.74 -8.99 -12.63
CA ASN A 41 6.87 -9.27 -11.18
C ASN A 41 6.64 -7.98 -10.36
N ASP A 42 6.10 -6.94 -11.02
CA ASP A 42 5.73 -5.67 -10.36
C ASP A 42 4.19 -5.61 -10.24
N LEU A 43 3.72 -5.30 -9.04
CA LEU A 43 2.30 -5.11 -8.72
C LEU A 43 2.12 -3.72 -8.11
N GLU A 44 1.55 -2.79 -8.88
CA GLU A 44 1.20 -1.45 -8.38
C GLU A 44 -0.27 -1.44 -7.92
N ILE A 45 -0.49 -1.51 -6.60
CA ILE A 45 -1.81 -1.32 -5.99
C ILE A 45 -1.96 0.17 -5.68
N ARG A 46 -3.07 0.82 -6.04
CA ARG A 46 -3.29 2.25 -5.70
C ARG A 46 -4.56 2.39 -4.86
N ILE A 47 -4.35 2.67 -3.56
CA ILE A 47 -5.44 2.82 -2.57
C ILE A 47 -5.58 4.30 -2.22
N THR A 48 -6.73 4.86 -2.59
CA THR A 48 -7.04 6.29 -2.50
C THR A 48 -8.48 6.46 -1.99
N GLY A 49 -8.82 7.64 -1.45
CA GLY A 49 -10.15 7.88 -0.86
C GLY A 49 -10.12 7.74 0.65
N VAL A 50 -9.38 6.73 1.13
CA VAL A 50 -9.05 6.60 2.56
C VAL A 50 -8.19 7.81 3.03
N PRO A 51 -8.42 8.36 4.25
CA PRO A 51 -7.57 9.45 4.80
C PRO A 51 -6.14 8.96 5.10
N GLU A 52 -5.21 9.93 5.23
CA GLU A 52 -3.76 9.69 5.38
C GLU A 52 -3.44 8.81 6.61
N GLN A 53 -4.24 8.98 7.68
CA GLN A 53 -4.13 8.17 8.90
C GLN A 53 -4.36 6.66 8.60
N VAL A 54 -5.34 6.37 7.74
CA VAL A 54 -5.69 5.00 7.36
C VAL A 54 -4.63 4.43 6.39
N ARG A 55 -4.04 5.30 5.54
CA ARG A 55 -2.95 4.91 4.61
C ARG A 55 -1.74 4.34 5.38
N LYS A 56 -1.52 4.88 6.60
CA LYS A 56 -0.46 4.39 7.52
C LYS A 56 -0.74 2.95 7.96
N GLU A 57 -2.02 2.63 8.20
CA GLU A 57 -2.45 1.26 8.56
C GLU A 57 -2.27 0.31 7.36
N LEU A 58 -2.50 0.84 6.14
CA LEU A 58 -2.23 0.14 4.88
C LEU A 58 -0.70 -0.11 4.71
N ALA A 59 0.14 0.78 5.29
CA ALA A 59 1.60 0.59 5.32
C ALA A 59 1.99 -0.58 6.25
N LYS A 60 1.30 -0.70 7.40
CA LYS A 60 1.50 -1.84 8.33
C LYS A 60 1.13 -3.16 7.64
N GLU A 61 0.04 -3.14 6.84
CA GLU A 61 -0.43 -4.31 6.09
C GLU A 61 0.57 -4.66 4.97
N ALA A 62 1.09 -3.63 4.31
CA ALA A 62 2.11 -3.76 3.25
C ALA A 62 3.35 -4.52 3.77
N GLU A 63 3.85 -4.07 4.93
CA GLU A 63 5.04 -4.63 5.59
C GLU A 63 4.84 -6.06 6.12
N ARG A 64 3.69 -6.34 6.76
CA ARG A 64 3.42 -7.68 7.34
C ARG A 64 3.26 -8.73 6.23
N LEU A 65 2.71 -8.32 5.07
CA LEU A 65 2.52 -9.21 3.90
C LEU A 65 3.82 -9.37 3.11
N ALA A 66 4.66 -8.32 3.13
CA ALA A 66 5.98 -8.35 2.49
C ALA A 66 6.85 -9.47 3.09
N LYS A 67 6.93 -9.49 4.43
CA LYS A 67 7.71 -10.50 5.15
C LYS A 67 7.00 -11.87 5.20
N GLU A 68 5.65 -11.84 5.09
CA GLU A 68 4.82 -13.06 5.08
C GLU A 68 5.17 -13.95 3.87
N PHE A 69 5.23 -13.33 2.69
CA PHE A 69 5.52 -14.01 1.42
C PHE A 69 7.01 -13.87 1.03
N ASN A 70 7.80 -13.19 1.90
CA ASN A 70 9.25 -12.92 1.70
C ASN A 70 9.48 -12.13 0.38
N ILE A 71 8.47 -11.33 0.00
CA ILE A 71 8.50 -10.46 -1.18
C ILE A 71 8.82 -9.01 -0.77
N THR A 72 9.25 -8.22 -1.74
CA THR A 72 9.63 -6.83 -1.57
C THR A 72 8.38 -5.95 -1.59
N VAL A 73 8.42 -4.82 -0.86
CA VAL A 73 7.36 -3.80 -0.86
C VAL A 73 7.99 -2.39 -0.89
N THR A 74 7.24 -1.44 -1.46
CA THR A 74 7.52 -0.01 -1.39
C THR A 74 6.19 0.74 -1.54
N TYR A 75 6.01 1.83 -0.80
CA TYR A 75 4.74 2.57 -0.75
C TYR A 75 4.96 4.07 -0.54
N THR A 76 4.01 4.88 -1.02
CA THR A 76 4.07 6.36 -0.91
C THR A 76 3.02 6.86 0.09
N ILE A 77 3.46 7.54 1.16
CA ILE A 77 2.56 8.16 2.17
C ILE A 77 3.21 9.45 2.72
N ARG A 78 2.36 10.43 3.06
CA ARG A 78 2.78 11.76 3.54
C ARG A 78 2.03 12.12 4.84
N GLY A 79 1.84 13.42 5.14
CA GLY A 79 1.04 13.85 6.30
C GLY A 79 1.77 14.84 7.18
N SER A 80 2.72 14.32 7.98
CA SER A 80 3.43 15.09 9.02
C SER A 80 4.54 15.97 8.42
N LEU A 81 5.20 15.47 7.34
CA LEU A 81 6.22 16.24 6.60
C LEU A 81 5.63 17.48 5.92
N GLU A 82 4.32 17.44 5.62
CA GLU A 82 3.55 18.61 5.17
C GLU A 82 3.47 19.59 6.36
N HIS A 83 4.54 20.42 6.49
CA HIS A 83 4.81 21.25 7.68
C HIS A 83 3.76 22.33 7.91
N HIS A 84 3.49 22.60 9.20
CA HIS A 84 2.56 23.65 9.65
C HIS A 84 3.28 24.53 10.66
N HIS A 85 3.03 25.85 10.59
CA HIS A 85 3.57 26.84 11.53
C HIS A 85 3.01 26.55 12.93
N HIS A 86 3.91 26.26 13.90
CA HIS A 86 3.51 25.99 15.30
C HIS A 86 3.15 27.32 15.99
N HIS A 87 1.85 27.56 16.17
CA HIS A 87 1.34 28.87 16.64
C HIS A 87 -0.01 28.69 17.36
N HIS A 88 -0.57 29.81 17.83
CA HIS A 88 -1.95 29.88 18.35
C HIS A 88 -2.75 30.91 17.51
N MET A 1 -3.63 14.68 -1.48
CA MET A 1 -3.97 13.58 -2.41
C MET A 1 -4.59 12.43 -1.61
N GLY A 2 -5.81 12.00 -2.02
CA GLY A 2 -6.54 10.97 -1.31
C GLY A 2 -6.21 9.57 -1.81
N GLU A 3 -4.91 9.31 -2.05
CA GLU A 3 -4.45 8.09 -2.74
C GLU A 3 -3.04 7.70 -2.24
N MET A 4 -2.87 6.41 -1.93
CA MET A 4 -1.61 5.80 -1.48
C MET A 4 -1.17 4.76 -2.51
N ASP A 5 0.13 4.69 -2.80
CA ASP A 5 0.70 3.65 -3.67
C ASP A 5 1.38 2.61 -2.78
N ILE A 6 1.05 1.33 -2.99
CA ILE A 6 1.76 0.20 -2.38
C ILE A 6 2.16 -0.74 -3.53
N ARG A 7 3.44 -0.79 -3.85
CA ARG A 7 3.95 -1.66 -4.91
C ARG A 7 4.74 -2.84 -4.31
N PHE A 8 4.34 -4.06 -4.70
CA PHE A 8 5.01 -5.31 -4.32
C PHE A 8 5.82 -5.82 -5.51
N ARG A 9 7.02 -6.35 -5.24
CA ARG A 9 7.84 -7.02 -6.25
C ARG A 9 8.22 -8.39 -5.68
N GLY A 10 8.06 -9.45 -6.48
CA GLY A 10 8.37 -10.80 -6.04
C GLY A 10 8.97 -11.65 -7.14
N ASP A 11 9.56 -12.78 -6.75
CA ASP A 11 10.08 -13.79 -7.69
C ASP A 11 8.94 -14.64 -8.26
N ASP A 12 7.84 -14.76 -7.49
CA ASP A 12 6.65 -15.48 -7.91
C ASP A 12 5.43 -14.53 -7.92
N LEU A 13 4.66 -14.58 -9.02
CA LEU A 13 3.44 -13.78 -9.22
C LEU A 13 2.37 -14.13 -8.15
N GLU A 14 2.43 -15.36 -7.63
CA GLU A 14 1.45 -15.91 -6.67
C GLU A 14 1.46 -15.10 -5.37
N ALA A 15 2.66 -14.88 -4.82
CA ALA A 15 2.85 -14.16 -3.54
C ALA A 15 2.34 -12.72 -3.63
N LEU A 16 2.42 -12.14 -4.85
CA LEU A 16 1.86 -10.82 -5.17
C LEU A 16 0.33 -10.85 -5.07
N GLU A 17 -0.29 -11.95 -5.55
CA GLU A 17 -1.76 -12.16 -5.56
C GLU A 17 -2.33 -12.31 -4.13
N LYS A 18 -1.63 -13.07 -3.27
CA LYS A 18 -2.08 -13.30 -1.88
C LYS A 18 -1.95 -12.00 -1.05
N ALA A 19 -0.86 -11.25 -1.29
CA ALA A 19 -0.68 -9.89 -0.70
C ALA A 19 -1.76 -8.92 -1.21
N LEU A 20 -1.99 -8.96 -2.54
CA LEU A 20 -3.01 -8.15 -3.25
C LEU A 20 -4.40 -8.35 -2.67
N LYS A 21 -4.74 -9.61 -2.40
CA LYS A 21 -6.05 -10.02 -1.83
C LYS A 21 -6.29 -9.31 -0.50
N GLU A 22 -5.24 -9.24 0.32
CA GLU A 22 -5.30 -8.59 1.64
C GLU A 22 -5.34 -7.06 1.52
N MET A 23 -4.56 -6.48 0.59
CA MET A 23 -4.57 -5.02 0.33
C MET A 23 -5.96 -4.53 -0.15
N ILE A 24 -6.59 -5.35 -1.02
CA ILE A 24 -7.96 -5.11 -1.51
C ILE A 24 -8.96 -5.20 -0.35
N ARG A 25 -8.80 -6.27 0.46
CA ARG A 25 -9.64 -6.59 1.63
C ARG A 25 -9.68 -5.42 2.62
N GLN A 26 -8.49 -4.87 2.94
CA GLN A 26 -8.35 -3.74 3.87
C GLN A 26 -9.02 -2.49 3.28
N ALA A 27 -8.66 -2.18 2.02
CA ALA A 27 -9.18 -0.99 1.30
C ALA A 27 -10.72 -0.96 1.26
N ARG A 28 -11.33 -2.15 1.04
CA ARG A 28 -12.79 -2.29 0.92
C ARG A 28 -13.48 -2.14 2.30
N LYS A 29 -12.90 -2.75 3.36
CA LYS A 29 -13.50 -2.71 4.73
C LYS A 29 -13.40 -1.30 5.34
N PHE A 30 -12.34 -0.56 4.98
CA PHE A 30 -12.15 0.85 5.40
C PHE A 30 -12.98 1.84 4.56
N ALA A 31 -13.83 1.30 3.64
CA ALA A 31 -14.79 2.07 2.80
C ALA A 31 -14.08 2.97 1.79
N GLY A 32 -12.90 2.53 1.35
CA GLY A 32 -12.18 3.14 0.24
C GLY A 32 -12.23 2.27 -1.01
N THR A 33 -11.54 2.73 -2.06
CA THR A 33 -11.43 2.03 -3.35
C THR A 33 -10.00 1.48 -3.51
N VAL A 34 -9.81 0.43 -4.34
CA VAL A 34 -8.50 -0.20 -4.57
C VAL A 34 -8.36 -0.53 -6.07
N THR A 35 -7.24 -0.09 -6.65
CA THR A 35 -6.86 -0.33 -8.04
C THR A 35 -5.53 -1.10 -8.05
N TYR A 36 -5.24 -1.86 -9.11
CA TYR A 36 -3.98 -2.62 -9.21
C TYR A 36 -3.55 -2.85 -10.67
N THR A 37 -2.23 -2.85 -10.89
CA THR A 37 -1.59 -3.19 -12.16
C THR A 37 -0.75 -4.45 -11.97
N LEU A 38 -1.10 -5.54 -12.65
CA LEU A 38 -0.28 -6.76 -12.69
C LEU A 38 0.67 -6.69 -13.88
N ASP A 39 1.96 -6.84 -13.59
CA ASP A 39 3.06 -6.75 -14.57
C ASP A 39 3.99 -7.95 -14.32
N GLY A 40 5.03 -8.11 -15.15
CA GLY A 40 5.98 -9.20 -15.03
C GLY A 40 6.72 -9.20 -13.69
N ASN A 41 6.12 -9.90 -12.70
CA ASN A 41 6.63 -10.01 -11.32
C ASN A 41 6.71 -8.65 -10.61
N ASP A 42 5.71 -7.81 -10.89
CA ASP A 42 5.56 -6.47 -10.27
C ASP A 42 4.07 -6.12 -10.15
N LEU A 43 3.68 -5.51 -9.02
CA LEU A 43 2.27 -5.20 -8.71
C LEU A 43 2.16 -3.81 -8.08
N GLU A 44 1.64 -2.84 -8.86
CA GLU A 44 1.30 -1.49 -8.36
C GLU A 44 -0.12 -1.52 -7.78
N ILE A 45 -0.30 -1.04 -6.54
CA ILE A 45 -1.65 -0.91 -5.91
C ILE A 45 -1.91 0.55 -5.55
N ARG A 46 -3.06 1.10 -5.95
CA ARG A 46 -3.46 2.48 -5.63
C ARG A 46 -4.76 2.46 -4.84
N ILE A 47 -4.67 2.74 -3.54
CA ILE A 47 -5.82 2.76 -2.63
C ILE A 47 -6.28 4.21 -2.42
N THR A 48 -7.53 4.49 -2.78
CA THR A 48 -8.15 5.82 -2.69
C THR A 48 -9.27 5.77 -1.61
N GLY A 49 -9.80 6.93 -1.19
CA GLY A 49 -10.98 7.00 -0.31
C GLY A 49 -10.62 7.06 1.15
N VAL A 50 -9.81 6.09 1.58
CA VAL A 50 -9.34 5.99 2.96
C VAL A 50 -8.50 7.24 3.36
N PRO A 51 -8.67 7.81 4.60
CA PRO A 51 -7.84 8.97 5.08
C PRO A 51 -6.36 8.58 5.26
N GLU A 52 -5.47 9.60 5.37
CA GLU A 52 -4.00 9.42 5.42
C GLU A 52 -3.60 8.55 6.62
N GLN A 53 -4.29 8.76 7.76
CA GLN A 53 -4.10 7.98 9.01
C GLN A 53 -4.23 6.45 8.76
N VAL A 54 -5.19 6.08 7.89
CA VAL A 54 -5.49 4.68 7.56
C VAL A 54 -4.47 4.15 6.54
N ARG A 55 -4.03 5.02 5.61
CA ARG A 55 -2.99 4.68 4.62
C ARG A 55 -1.67 4.31 5.32
N LYS A 56 -1.37 5.03 6.41
CA LYS A 56 -0.21 4.77 7.27
C LYS A 56 -0.29 3.36 7.89
N GLU A 57 -1.52 2.86 8.13
CA GLU A 57 -1.77 1.51 8.66
C GLU A 57 -1.71 0.46 7.54
N LEU A 58 -2.12 0.86 6.32
CA LEU A 58 -1.96 0.05 5.10
C LEU A 58 -0.47 -0.17 4.77
N ALA A 59 0.39 0.73 5.27
CA ALA A 59 1.85 0.59 5.21
C ALA A 59 2.34 -0.55 6.13
N LYS A 60 1.73 -0.70 7.32
CA LYS A 60 2.03 -1.81 8.25
C LYS A 60 1.54 -3.14 7.65
N GLU A 61 0.39 -3.07 6.92
CA GLU A 61 -0.16 -4.23 6.21
C GLU A 61 0.77 -4.63 5.05
N ALA A 62 1.30 -3.63 4.33
CA ALA A 62 2.27 -3.82 3.24
C ALA A 62 3.51 -4.63 3.70
N GLU A 63 4.09 -4.20 4.84
CA GLU A 63 5.27 -4.83 5.45
C GLU A 63 5.02 -6.29 5.88
N ARG A 64 3.89 -6.52 6.58
CA ARG A 64 3.60 -7.85 7.18
C ARG A 64 3.34 -8.91 6.09
N LEU A 65 2.75 -8.47 4.96
CA LEU A 65 2.50 -9.35 3.80
C LEU A 65 3.80 -9.65 3.06
N ALA A 66 4.64 -8.61 2.94
CA ALA A 66 5.94 -8.69 2.26
C ALA A 66 6.85 -9.76 2.92
N LYS A 67 7.02 -9.67 4.24
CA LYS A 67 7.91 -10.57 5.00
C LYS A 67 7.33 -12.00 5.10
N GLU A 68 5.98 -12.10 5.01
CA GLU A 68 5.27 -13.39 5.14
C GLU A 68 5.40 -14.22 3.86
N PHE A 69 5.12 -13.59 2.71
CA PHE A 69 5.12 -14.24 1.39
C PHE A 69 6.51 -14.20 0.73
N ASN A 70 7.51 -13.63 1.44
CA ASN A 70 8.90 -13.49 0.97
C ASN A 70 8.94 -12.72 -0.37
N ILE A 71 8.49 -11.46 -0.30
CA ILE A 71 8.51 -10.50 -1.41
C ILE A 71 8.90 -9.12 -0.86
N THR A 72 9.45 -8.25 -1.73
CA THR A 72 9.78 -6.86 -1.35
C THR A 72 8.55 -5.95 -1.53
N VAL A 73 8.50 -4.85 -0.76
CA VAL A 73 7.43 -3.84 -0.90
C VAL A 73 8.02 -2.42 -0.77
N THR A 74 7.33 -1.47 -1.39
CA THR A 74 7.56 -0.04 -1.24
C THR A 74 6.20 0.65 -1.22
N TYR A 75 6.08 1.73 -0.45
CA TYR A 75 4.83 2.49 -0.31
C TYR A 75 5.14 3.99 -0.19
N THR A 76 4.25 4.84 -0.73
CA THR A 76 4.43 6.30 -0.71
C THR A 76 3.16 6.98 -0.13
N ILE A 77 3.38 7.78 0.93
CA ILE A 77 2.33 8.53 1.65
C ILE A 77 2.87 9.93 2.03
N ARG A 78 1.94 10.88 2.18
CA ARG A 78 2.23 12.30 2.47
C ARG A 78 1.38 12.70 3.71
N GLY A 79 0.82 13.93 3.74
CA GLY A 79 -0.18 14.32 4.74
C GLY A 79 0.12 15.66 5.35
N SER A 80 1.13 15.67 6.23
CA SER A 80 1.67 16.90 6.82
C SER A 80 2.36 17.76 5.75
N LEU A 81 2.92 17.06 4.74
CA LEU A 81 3.53 17.68 3.54
C LEU A 81 2.45 18.41 2.72
N GLU A 82 1.22 17.87 2.73
CA GLU A 82 0.10 18.40 1.94
C GLU A 82 -0.69 19.43 2.75
N HIS A 83 -0.18 20.66 2.77
CA HIS A 83 -0.81 21.81 3.44
C HIS A 83 -0.51 23.10 2.67
N HIS A 84 0.67 23.14 1.99
CA HIS A 84 1.26 24.38 1.40
C HIS A 84 1.27 25.48 2.48
N HIS A 85 1.89 25.14 3.62
CA HIS A 85 1.85 26.00 4.81
C HIS A 85 2.69 27.27 4.59
N HIS A 86 2.00 28.34 4.19
CA HIS A 86 2.55 29.69 4.21
C HIS A 86 2.78 30.11 5.68
N HIS A 87 3.93 30.73 5.96
CA HIS A 87 4.34 31.11 7.32
C HIS A 87 3.45 32.25 7.87
N HIS A 88 2.29 31.87 8.42
CA HIS A 88 1.28 32.77 9.01
C HIS A 88 0.56 32.00 10.13
N MET A 1 -0.44 12.36 0.26
CA MET A 1 -1.88 12.66 0.50
C MET A 1 -2.64 12.57 -0.82
N GLY A 2 -3.98 12.43 -0.74
CA GLY A 2 -4.82 12.22 -1.93
C GLY A 2 -5.12 10.75 -2.12
N GLU A 3 -4.03 9.94 -2.07
CA GLU A 3 -4.10 8.48 -2.05
C GLU A 3 -2.76 7.90 -1.60
N MET A 4 -2.73 6.57 -1.40
CA MET A 4 -1.53 5.82 -1.08
C MET A 4 -1.20 4.90 -2.25
N ASP A 5 0.10 4.71 -2.53
CA ASP A 5 0.58 3.80 -3.54
C ASP A 5 1.40 2.72 -2.82
N ILE A 6 1.05 1.46 -3.02
CA ILE A 6 1.77 0.31 -2.45
C ILE A 6 2.20 -0.60 -3.62
N ARG A 7 3.48 -0.96 -3.67
CA ARG A 7 4.01 -1.80 -4.75
C ARG A 7 4.79 -2.96 -4.14
N PHE A 8 4.51 -4.18 -4.63
CA PHE A 8 5.18 -5.42 -4.22
C PHE A 8 5.89 -6.00 -5.43
N ARG A 9 7.13 -6.46 -5.27
CA ARG A 9 7.85 -7.16 -6.34
C ARG A 9 8.24 -8.55 -5.85
N GLY A 10 8.01 -9.57 -6.68
CA GLY A 10 8.23 -10.95 -6.27
C GLY A 10 8.41 -11.90 -7.44
N ASP A 11 9.44 -12.75 -7.33
CA ASP A 11 9.74 -13.81 -8.30
C ASP A 11 8.60 -14.86 -8.36
N ASP A 12 7.83 -14.94 -7.27
CA ASP A 12 6.61 -15.77 -7.17
C ASP A 12 5.38 -14.87 -7.36
N LEU A 13 4.70 -15.05 -8.50
CA LEU A 13 3.44 -14.35 -8.84
C LEU A 13 2.32 -14.65 -7.80
N GLU A 14 2.34 -15.85 -7.20
CA GLU A 14 1.32 -16.24 -6.18
C GLU A 14 1.41 -15.33 -4.97
N ALA A 15 2.64 -14.98 -4.60
CA ALA A 15 2.94 -14.11 -3.46
C ALA A 15 2.34 -12.72 -3.66
N LEU A 16 2.38 -12.26 -4.93
CA LEU A 16 1.80 -10.99 -5.35
C LEU A 16 0.26 -11.06 -5.29
N GLU A 17 -0.33 -12.11 -5.90
CA GLU A 17 -1.79 -12.33 -5.95
C GLU A 17 -2.43 -12.46 -4.54
N LYS A 18 -1.67 -13.06 -3.60
CA LYS A 18 -2.11 -13.28 -2.22
C LYS A 18 -2.03 -11.98 -1.40
N ALA A 19 -0.93 -11.22 -1.58
CA ALA A 19 -0.74 -9.90 -0.92
C ALA A 19 -1.77 -8.87 -1.43
N LEU A 20 -1.94 -8.85 -2.76
CA LEU A 20 -2.94 -8.01 -3.47
C LEU A 20 -4.34 -8.25 -2.91
N LYS A 21 -4.71 -9.54 -2.81
CA LYS A 21 -6.03 -9.96 -2.34
C LYS A 21 -6.32 -9.41 -0.91
N GLU A 22 -5.25 -9.37 -0.09
CA GLU A 22 -5.33 -8.81 1.28
C GLU A 22 -5.40 -7.27 1.25
N MET A 23 -4.62 -6.61 0.37
CA MET A 23 -4.62 -5.13 0.25
C MET A 23 -5.99 -4.59 -0.24
N ILE A 24 -6.66 -5.38 -1.11
CA ILE A 24 -8.04 -5.12 -1.55
C ILE A 24 -8.98 -5.21 -0.32
N ARG A 25 -8.83 -6.32 0.41
CA ARG A 25 -9.63 -6.65 1.61
C ARG A 25 -9.57 -5.52 2.67
N GLN A 26 -8.37 -4.93 2.84
CA GLN A 26 -8.14 -3.83 3.77
C GLN A 26 -8.86 -2.56 3.25
N ALA A 27 -8.62 -2.23 1.98
CA ALA A 27 -9.21 -1.04 1.33
C ALA A 27 -10.75 -1.02 1.41
N ARG A 28 -11.36 -2.22 1.26
CA ARG A 28 -12.82 -2.39 1.27
C ARG A 28 -13.39 -2.25 2.70
N LYS A 29 -12.73 -2.89 3.69
CA LYS A 29 -13.19 -2.84 5.10
C LYS A 29 -13.08 -1.42 5.68
N PHE A 30 -12.07 -0.67 5.20
CA PHE A 30 -11.83 0.73 5.62
C PHE A 30 -12.68 1.73 4.79
N ALA A 31 -13.42 1.19 3.79
CA ALA A 31 -14.35 1.95 2.93
C ALA A 31 -13.61 2.92 1.98
N GLY A 32 -12.89 2.33 1.00
CA GLY A 32 -12.18 3.08 -0.02
C GLY A 32 -12.07 2.29 -1.33
N THR A 33 -11.37 2.87 -2.32
CA THR A 33 -11.19 2.26 -3.65
C THR A 33 -9.78 1.62 -3.71
N VAL A 34 -9.62 0.54 -4.51
CA VAL A 34 -8.33 -0.17 -4.65
C VAL A 34 -8.14 -0.62 -6.11
N THR A 35 -7.24 0.07 -6.82
CA THR A 35 -6.82 -0.29 -8.17
C THR A 35 -5.53 -1.13 -8.10
N TYR A 36 -5.27 -1.95 -9.13
CA TYR A 36 -4.06 -2.76 -9.22
C TYR A 36 -3.68 -3.01 -10.69
N THR A 37 -2.36 -3.07 -10.93
CA THR A 37 -1.78 -3.38 -12.23
C THR A 37 -0.86 -4.60 -12.09
N LEU A 38 -1.27 -5.74 -12.69
CA LEU A 38 -0.44 -6.95 -12.75
C LEU A 38 0.58 -6.82 -13.89
N ASP A 39 1.86 -6.68 -13.52
CA ASP A 39 2.99 -6.61 -14.46
C ASP A 39 3.87 -7.86 -14.27
N GLY A 40 4.88 -8.07 -15.14
CA GLY A 40 5.74 -9.26 -15.10
C GLY A 40 6.51 -9.44 -13.79
N ASN A 41 5.89 -10.16 -12.83
CA ASN A 41 6.44 -10.42 -11.48
C ASN A 41 6.65 -9.12 -10.69
N ASP A 42 5.78 -8.15 -10.99
CA ASP A 42 5.77 -6.83 -10.35
C ASP A 42 4.30 -6.39 -10.20
N LEU A 43 3.91 -6.05 -8.97
CA LEU A 43 2.52 -5.77 -8.60
C LEU A 43 2.39 -4.31 -8.14
N GLU A 44 1.56 -3.53 -8.84
CA GLU A 44 1.25 -2.13 -8.47
C GLU A 44 -0.15 -2.09 -7.84
N ILE A 45 -0.29 -1.36 -6.71
CA ILE A 45 -1.57 -1.17 -6.00
C ILE A 45 -1.73 0.32 -5.65
N ARG A 46 -2.89 0.92 -5.94
CA ARG A 46 -3.20 2.31 -5.58
C ARG A 46 -4.55 2.39 -4.86
N ILE A 47 -4.48 2.63 -3.54
CA ILE A 47 -5.65 2.68 -2.66
C ILE A 47 -6.00 4.16 -2.38
N THR A 48 -7.21 4.55 -2.80
CA THR A 48 -7.69 5.94 -2.71
C THR A 48 -8.94 5.97 -1.79
N GLY A 49 -9.37 7.18 -1.36
CA GLY A 49 -10.58 7.33 -0.55
C GLY A 49 -10.31 7.25 0.95
N VAL A 50 -9.48 6.27 1.34
CA VAL A 50 -9.05 6.08 2.73
C VAL A 50 -8.25 7.31 3.26
N PRO A 51 -8.63 7.92 4.43
CA PRO A 51 -7.94 9.10 5.00
C PRO A 51 -6.47 8.81 5.40
N GLU A 52 -5.73 9.89 5.73
CA GLU A 52 -4.27 9.83 5.93
C GLU A 52 -3.88 8.93 7.13
N GLN A 53 -4.72 8.93 8.17
CA GLN A 53 -4.55 8.08 9.36
C GLN A 53 -4.62 6.58 9.00
N VAL A 54 -5.53 6.24 8.06
CA VAL A 54 -5.78 4.86 7.62
C VAL A 54 -4.68 4.39 6.65
N ARG A 55 -4.13 5.34 5.86
CA ARG A 55 -2.99 5.07 4.95
C ARG A 55 -1.73 4.61 5.73
N LYS A 56 -1.61 5.08 6.98
CA LYS A 56 -0.56 4.60 7.92
C LYS A 56 -0.77 3.12 8.29
N GLU A 57 -2.03 2.69 8.39
CA GLU A 57 -2.39 1.29 8.72
C GLU A 57 -2.02 0.37 7.55
N LEU A 58 -2.32 0.86 6.33
CA LEU A 58 -1.97 0.17 5.07
C LEU A 58 -0.44 0.01 4.92
N ALA A 59 0.35 0.90 5.56
CA ALA A 59 1.82 0.79 5.59
C ALA A 59 2.26 -0.49 6.35
N LYS A 60 1.73 -0.69 7.57
CA LYS A 60 2.07 -1.88 8.39
C LYS A 60 1.47 -3.16 7.78
N GLU A 61 0.31 -3.03 7.11
CA GLU A 61 -0.32 -4.16 6.40
C GLU A 61 0.56 -4.60 5.23
N ALA A 62 1.08 -3.61 4.49
CA ALA A 62 1.99 -3.83 3.37
C ALA A 62 3.29 -4.57 3.80
N GLU A 63 3.86 -4.13 4.93
CA GLU A 63 5.12 -4.68 5.48
C GLU A 63 4.97 -6.13 5.99
N ARG A 64 3.83 -6.45 6.63
CA ARG A 64 3.58 -7.81 7.15
C ARG A 64 3.35 -8.80 5.99
N LEU A 65 2.71 -8.33 4.90
CA LEU A 65 2.50 -9.15 3.68
C LEU A 65 3.83 -9.35 2.93
N ALA A 66 4.69 -8.33 2.98
CA ALA A 66 6.00 -8.33 2.32
C ALA A 66 6.90 -9.45 2.88
N LYS A 67 7.06 -9.47 4.20
CA LYS A 67 7.93 -10.43 4.91
C LYS A 67 7.32 -11.85 4.93
N GLU A 68 5.99 -11.91 4.77
CA GLU A 68 5.24 -13.19 4.80
C GLU A 68 5.42 -13.95 3.47
N PHE A 69 5.13 -13.27 2.37
CA PHE A 69 5.10 -13.86 1.02
C PHE A 69 6.46 -13.75 0.32
N ASN A 70 7.48 -13.20 1.04
CA ASN A 70 8.87 -13.06 0.56
C ASN A 70 8.91 -12.17 -0.71
N ILE A 71 8.36 -10.96 -0.55
CA ILE A 71 8.29 -9.93 -1.61
C ILE A 71 8.74 -8.58 -1.04
N THR A 72 9.32 -7.74 -1.90
CA THR A 72 9.79 -6.40 -1.55
C THR A 72 8.62 -5.41 -1.60
N VAL A 73 8.45 -4.59 -0.56
CA VAL A 73 7.40 -3.56 -0.51
C VAL A 73 8.05 -2.17 -0.61
N THR A 74 7.40 -1.28 -1.36
CA THR A 74 7.69 0.15 -1.35
C THR A 74 6.35 0.89 -1.44
N TYR A 75 6.13 1.84 -0.52
CA TYR A 75 4.86 2.54 -0.38
C TYR A 75 5.13 4.05 -0.25
N THR A 76 4.34 4.87 -0.96
CA THR A 76 4.46 6.33 -0.94
C THR A 76 3.29 6.92 -0.11
N ILE A 77 3.66 7.61 0.96
CA ILE A 77 2.75 8.38 1.83
C ILE A 77 3.53 9.57 2.38
N ARG A 78 3.04 10.79 2.09
CA ARG A 78 3.71 12.04 2.49
C ARG A 78 2.73 13.21 2.48
N GLY A 79 3.06 14.23 3.26
CA GLY A 79 2.20 15.39 3.44
C GLY A 79 2.42 16.00 4.81
N SER A 80 3.14 17.14 4.84
CA SER A 80 3.44 17.90 6.08
C SER A 80 4.33 17.08 7.06
N LEU A 81 5.11 16.11 6.52
CA LEU A 81 6.06 15.30 7.32
C LEU A 81 7.19 16.17 7.86
N GLU A 82 7.59 17.16 7.04
CA GLU A 82 8.57 18.20 7.41
C GLU A 82 8.08 18.96 8.65
N HIS A 83 9.02 19.26 9.57
CA HIS A 83 8.71 20.02 10.80
C HIS A 83 9.11 21.48 10.61
N HIS A 84 8.41 22.39 11.30
CA HIS A 84 8.81 23.80 11.35
C HIS A 84 10.10 23.91 12.19
N HIS A 85 11.24 24.18 11.51
CA HIS A 85 12.55 24.31 12.20
C HIS A 85 12.57 25.55 13.10
N HIS A 86 12.93 25.34 14.38
CA HIS A 86 12.94 26.38 15.43
C HIS A 86 14.04 27.44 15.16
N HIS A 87 13.79 28.67 15.65
CA HIS A 87 14.69 29.82 15.48
C HIS A 87 14.90 30.52 16.82
N HIS A 88 16.03 31.23 16.96
CA HIS A 88 16.40 31.97 18.17
C HIS A 88 16.97 33.35 17.74
N MET A 1 -4.35 15.10 0.45
CA MET A 1 -3.19 15.45 -0.39
C MET A 1 -2.19 14.27 -0.42
N GLY A 2 -1.56 14.06 -1.61
CA GLY A 2 -0.52 13.04 -1.78
C GLY A 2 -1.01 11.63 -1.48
N GLU A 3 -1.67 11.01 -2.47
CA GLU A 3 -2.38 9.73 -2.28
C GLU A 3 -1.37 8.55 -2.21
N MET A 4 -1.84 7.35 -1.87
CA MET A 4 -0.96 6.22 -1.56
C MET A 4 -0.98 5.19 -2.68
N ASP A 5 0.23 4.78 -3.11
CA ASP A 5 0.47 3.69 -4.06
C ASP A 5 1.32 2.67 -3.31
N ILE A 6 0.84 1.43 -3.29
CA ILE A 6 1.47 0.31 -2.58
C ILE A 6 1.92 -0.69 -3.62
N ARG A 7 3.22 -0.82 -3.82
CA ARG A 7 3.77 -1.59 -4.93
C ARG A 7 4.65 -2.71 -4.36
N PHE A 8 4.30 -3.95 -4.70
CA PHE A 8 5.02 -5.15 -4.27
C PHE A 8 5.86 -5.67 -5.43
N ARG A 9 7.04 -6.18 -5.11
CA ARG A 9 7.87 -6.95 -6.05
C ARG A 9 8.13 -8.32 -5.45
N GLY A 10 7.90 -9.36 -6.25
CA GLY A 10 8.11 -10.73 -5.84
C GLY A 10 8.90 -11.48 -6.87
N ASP A 11 9.68 -12.46 -6.42
CA ASP A 11 10.29 -13.46 -7.29
C ASP A 11 9.18 -14.34 -7.92
N ASP A 12 8.06 -14.43 -7.18
CA ASP A 12 6.89 -15.23 -7.54
C ASP A 12 5.64 -14.31 -7.64
N LEU A 13 4.99 -14.33 -8.83
CA LEU A 13 3.81 -13.48 -9.12
C LEU A 13 2.58 -13.90 -8.28
N GLU A 14 2.52 -15.20 -7.89
CA GLU A 14 1.37 -15.73 -7.09
C GLU A 14 1.41 -15.16 -5.65
N ALA A 15 2.61 -15.08 -5.07
CA ALA A 15 2.82 -14.54 -3.71
C ALA A 15 2.31 -13.08 -3.62
N LEU A 16 2.50 -12.35 -4.75
CA LEU A 16 1.98 -11.00 -4.94
C LEU A 16 0.44 -11.00 -4.94
N GLU A 17 -0.17 -11.97 -5.64
CA GLU A 17 -1.63 -12.05 -5.83
C GLU A 17 -2.37 -12.37 -4.50
N LYS A 18 -1.72 -13.14 -3.61
CA LYS A 18 -2.27 -13.44 -2.27
C LYS A 18 -2.18 -12.18 -1.37
N ALA A 19 -1.03 -11.45 -1.46
CA ALA A 19 -0.85 -10.14 -0.79
C ALA A 19 -1.90 -9.13 -1.27
N LEU A 20 -2.12 -9.11 -2.60
CA LEU A 20 -3.11 -8.28 -3.29
C LEU A 20 -4.52 -8.53 -2.75
N LYS A 21 -4.89 -9.82 -2.66
CA LYS A 21 -6.22 -10.24 -2.18
C LYS A 21 -6.49 -9.63 -0.79
N GLU A 22 -5.44 -9.64 0.05
CA GLU A 22 -5.48 -9.05 1.39
C GLU A 22 -5.57 -7.51 1.33
N MET A 23 -4.81 -6.85 0.44
CA MET A 23 -4.82 -5.36 0.32
C MET A 23 -6.16 -4.83 -0.22
N ILE A 24 -6.87 -5.66 -1.03
CA ILE A 24 -8.24 -5.38 -1.48
C ILE A 24 -9.18 -5.46 -0.26
N ARG A 25 -9.09 -6.59 0.47
CA ARG A 25 -9.81 -6.86 1.74
C ARG A 25 -9.67 -5.68 2.72
N GLN A 26 -8.44 -5.14 2.81
CA GLN A 26 -8.11 -4.02 3.70
C GLN A 26 -8.79 -2.73 3.23
N ALA A 27 -8.57 -2.34 1.97
CA ALA A 27 -9.11 -1.09 1.40
C ALA A 27 -10.65 -1.04 1.47
N ARG A 28 -11.30 -2.22 1.38
CA ARG A 28 -12.78 -2.32 1.45
C ARG A 28 -13.28 -2.21 2.90
N LYS A 29 -12.55 -2.83 3.85
CA LYS A 29 -12.91 -2.75 5.30
C LYS A 29 -12.57 -1.34 5.85
N PHE A 30 -11.71 -0.61 5.12
CA PHE A 30 -11.37 0.80 5.40
C PHE A 30 -12.24 1.77 4.56
N ALA A 31 -13.24 1.21 3.82
CA ALA A 31 -14.27 1.98 3.06
C ALA A 31 -13.64 3.00 2.06
N GLY A 32 -12.57 2.55 1.39
CA GLY A 32 -11.91 3.29 0.31
C GLY A 32 -11.94 2.53 -1.01
N THR A 33 -11.16 3.00 -1.98
CA THR A 33 -11.06 2.42 -3.35
C THR A 33 -9.74 1.63 -3.46
N VAL A 34 -9.75 0.54 -4.27
CA VAL A 34 -8.55 -0.28 -4.55
C VAL A 34 -8.56 -0.75 -6.02
N THR A 35 -7.40 -0.68 -6.68
CA THR A 35 -7.17 -1.18 -8.05
C THR A 35 -5.75 -1.77 -8.08
N TYR A 36 -5.44 -2.67 -9.05
CA TYR A 36 -4.08 -3.24 -9.18
C TYR A 36 -3.67 -3.44 -10.64
N THR A 37 -2.34 -3.46 -10.85
CA THR A 37 -1.70 -3.77 -12.12
C THR A 37 -0.65 -4.87 -11.90
N LEU A 38 -0.96 -6.10 -12.34
CA LEU A 38 0.07 -7.17 -12.44
C LEU A 38 0.91 -6.86 -13.69
N ASP A 39 2.17 -6.44 -13.49
CA ASP A 39 3.08 -6.03 -14.56
C ASP A 39 4.46 -6.61 -14.30
N GLY A 40 4.71 -7.79 -14.93
CA GLY A 40 5.91 -8.56 -14.70
C GLY A 40 5.95 -9.11 -13.28
N ASN A 41 6.89 -8.61 -12.48
CA ASN A 41 7.05 -8.98 -11.06
C ASN A 41 6.63 -7.83 -10.15
N ASP A 42 6.03 -6.77 -10.72
CA ASP A 42 5.45 -5.64 -9.96
C ASP A 42 3.93 -5.84 -9.81
N LEU A 43 3.45 -5.45 -8.65
CA LEU A 43 2.03 -5.37 -8.31
C LEU A 43 1.76 -3.92 -7.85
N GLU A 44 1.18 -3.10 -8.74
CA GLU A 44 0.89 -1.68 -8.48
C GLU A 44 -0.54 -1.54 -7.93
N ILE A 45 -0.66 -1.43 -6.61
CA ILE A 45 -1.96 -1.27 -5.92
C ILE A 45 -2.19 0.22 -5.63
N ARG A 46 -3.32 0.78 -6.09
CA ARG A 46 -3.68 2.18 -5.87
C ARG A 46 -4.88 2.23 -4.91
N ILE A 47 -4.63 2.61 -3.65
CA ILE A 47 -5.67 2.74 -2.62
C ILE A 47 -5.94 4.23 -2.36
N THR A 48 -7.12 4.69 -2.82
CA THR A 48 -7.50 6.10 -2.88
C THR A 48 -8.79 6.34 -2.09
N GLY A 49 -8.86 7.48 -1.38
CA GLY A 49 -10.05 7.83 -0.60
C GLY A 49 -10.05 7.22 0.79
N VAL A 50 -8.86 6.82 1.27
CA VAL A 50 -8.63 6.41 2.66
C VAL A 50 -7.94 7.57 3.41
N PRO A 51 -8.41 7.94 4.66
CA PRO A 51 -7.76 8.96 5.53
C PRO A 51 -6.23 8.80 5.65
N GLU A 52 -5.58 9.91 6.05
CA GLU A 52 -4.12 9.96 6.24
C GLU A 52 -3.66 8.89 7.27
N GLN A 53 -4.47 8.71 8.35
CA GLN A 53 -4.19 7.69 9.40
C GLN A 53 -4.30 6.27 8.83
N VAL A 54 -5.27 6.09 7.93
CA VAL A 54 -5.61 4.78 7.37
C VAL A 54 -4.54 4.33 6.35
N ARG A 55 -3.96 5.30 5.62
CA ARG A 55 -2.80 5.06 4.71
C ARG A 55 -1.65 4.41 5.47
N LYS A 56 -1.41 4.88 6.71
CA LYS A 56 -0.36 4.34 7.59
C LYS A 56 -0.67 2.86 7.92
N GLU A 57 -1.95 2.55 8.15
CA GLU A 57 -2.42 1.18 8.42
C GLU A 57 -2.16 0.27 7.20
N LEU A 58 -2.45 0.80 5.97
CA LEU A 58 -2.16 0.11 4.70
C LEU A 58 -0.64 -0.09 4.49
N ALA A 59 0.19 0.80 5.08
CA ALA A 59 1.64 0.65 5.08
C ALA A 59 2.07 -0.54 5.93
N LYS A 60 1.44 -0.71 7.11
CA LYS A 60 1.72 -1.84 8.02
C LYS A 60 1.21 -3.16 7.41
N GLU A 61 0.16 -3.07 6.56
CA GLU A 61 -0.36 -4.22 5.81
C GLU A 61 0.64 -4.62 4.70
N ALA A 62 1.16 -3.60 4.01
CA ALA A 62 2.19 -3.74 2.97
C ALA A 62 3.44 -4.47 3.51
N GLU A 63 3.90 -4.02 4.68
CA GLU A 63 5.09 -4.55 5.38
C GLU A 63 4.87 -6.01 5.87
N ARG A 64 3.68 -6.30 6.44
CA ARG A 64 3.39 -7.61 7.07
C ARG A 64 3.20 -8.70 5.99
N LEU A 65 2.68 -8.30 4.82
CA LEU A 65 2.48 -9.20 3.66
C LEU A 65 3.80 -9.40 2.91
N ALA A 66 4.67 -8.38 2.99
CA ALA A 66 6.02 -8.44 2.44
C ALA A 66 6.85 -9.55 3.12
N LYS A 67 6.81 -9.58 4.45
CA LYS A 67 7.57 -10.57 5.24
C LYS A 67 6.81 -11.91 5.34
N GLU A 68 5.50 -11.90 5.05
CA GLU A 68 4.66 -13.11 5.04
C GLU A 68 4.99 -13.97 3.81
N PHE A 69 4.91 -13.34 2.63
CA PHE A 69 5.10 -14.02 1.33
C PHE A 69 6.54 -13.89 0.80
N ASN A 70 7.45 -13.32 1.64
CA ASN A 70 8.89 -13.17 1.34
C ASN A 70 9.11 -12.30 0.06
N ILE A 71 8.17 -11.37 -0.16
CA ILE A 71 8.17 -10.43 -1.30
C ILE A 71 8.58 -9.02 -0.82
N THR A 72 9.29 -8.25 -1.65
CA THR A 72 9.71 -6.88 -1.31
C THR A 72 8.53 -5.92 -1.51
N VAL A 73 8.57 -4.76 -0.83
CA VAL A 73 7.53 -3.72 -0.96
C VAL A 73 8.16 -2.31 -0.97
N THR A 74 7.54 -1.43 -1.73
CA THR A 74 7.83 0.00 -1.76
C THR A 74 6.47 0.72 -1.88
N TYR A 75 6.23 1.68 -0.99
CA TYR A 75 4.94 2.39 -0.90
C TYR A 75 5.18 3.88 -0.67
N THR A 76 4.23 4.71 -1.12
CA THR A 76 4.33 6.17 -1.03
C THR A 76 3.27 6.72 -0.05
N ILE A 77 3.74 7.39 1.02
CA ILE A 77 2.91 8.15 1.98
C ILE A 77 3.74 9.30 2.56
N ARG A 78 3.10 10.45 2.72
CA ARG A 78 3.69 11.64 3.35
C ARG A 78 2.80 12.05 4.56
N GLY A 79 3.28 13.03 5.32
CA GLY A 79 2.55 13.50 6.50
C GLY A 79 3.45 14.33 7.40
N SER A 80 4.76 14.00 7.40
CA SER A 80 5.81 14.79 8.10
C SER A 80 6.07 16.14 7.41
N LEU A 81 5.36 16.39 6.27
CA LEU A 81 5.35 17.67 5.54
C LEU A 81 5.05 18.88 6.46
N GLU A 82 4.23 18.64 7.49
CA GLU A 82 4.00 19.59 8.57
C GLU A 82 5.30 19.70 9.43
N HIS A 83 6.02 20.81 9.26
CA HIS A 83 7.32 21.04 9.92
C HIS A 83 7.52 22.54 10.23
N HIS A 84 6.39 23.24 10.46
CA HIS A 84 6.40 24.64 10.91
C HIS A 84 6.05 24.67 12.41
N HIS A 85 7.06 24.37 13.24
CA HIS A 85 6.98 24.55 14.71
C HIS A 85 7.25 26.02 15.04
N HIS A 86 6.68 26.51 16.14
CA HIS A 86 6.80 27.92 16.57
C HIS A 86 6.82 28.02 18.10
N HIS A 87 7.12 29.23 18.60
CA HIS A 87 7.15 29.54 20.05
C HIS A 87 7.36 31.05 20.26
N HIS A 88 7.38 31.48 21.53
CA HIS A 88 7.65 32.88 21.93
C HIS A 88 8.97 32.92 22.76
N MET A 1 -8.25 13.85 0.79
CA MET A 1 -7.33 13.47 -0.32
C MET A 1 -7.14 11.94 -0.28
N GLY A 2 -6.40 11.47 0.76
CA GLY A 2 -6.35 10.06 1.15
C GLY A 2 -5.88 9.09 0.08
N GLU A 3 -4.87 9.50 -0.70
CA GLU A 3 -4.27 8.65 -1.75
C GLU A 3 -2.87 8.16 -1.32
N MET A 4 -2.69 6.85 -1.42
CA MET A 4 -1.42 6.16 -1.10
C MET A 4 -1.08 5.26 -2.29
N ASP A 5 0.22 5.17 -2.66
CA ASP A 5 0.68 4.35 -3.77
C ASP A 5 1.59 3.25 -3.20
N ILE A 6 1.12 2.00 -3.27
CA ILE A 6 1.78 0.81 -2.70
C ILE A 6 2.17 -0.09 -3.87
N ARG A 7 3.35 -0.69 -3.82
CA ARG A 7 3.83 -1.56 -4.91
C ARG A 7 4.63 -2.73 -4.34
N PHE A 8 4.29 -3.94 -4.79
CA PHE A 8 4.96 -5.19 -4.44
C PHE A 8 5.77 -5.68 -5.66
N ARG A 9 6.83 -6.46 -5.41
CA ARG A 9 7.65 -7.11 -6.43
C ARG A 9 8.08 -8.47 -5.84
N GLY A 10 7.97 -9.55 -6.63
CA GLY A 10 8.27 -10.89 -6.13
C GLY A 10 8.74 -11.86 -7.19
N ASP A 11 9.56 -12.83 -6.74
CA ASP A 11 10.05 -13.94 -7.58
C ASP A 11 8.88 -14.87 -7.97
N ASP A 12 7.91 -14.96 -7.07
CA ASP A 12 6.69 -15.79 -7.20
C ASP A 12 5.47 -14.87 -7.40
N LEU A 13 4.81 -14.98 -8.58
CA LEU A 13 3.59 -14.20 -8.92
C LEU A 13 2.43 -14.50 -7.94
N GLU A 14 2.39 -15.74 -7.40
CA GLU A 14 1.32 -16.16 -6.46
C GLU A 14 1.41 -15.35 -5.16
N ALA A 15 2.64 -15.03 -4.74
CA ALA A 15 2.91 -14.25 -3.53
C ALA A 15 2.34 -12.82 -3.69
N LEU A 16 2.37 -12.31 -4.94
CA LEU A 16 1.80 -11.00 -5.30
C LEU A 16 0.27 -11.07 -5.33
N GLU A 17 -0.27 -12.16 -5.90
CA GLU A 17 -1.74 -12.40 -6.04
C GLU A 17 -2.43 -12.59 -4.69
N LYS A 18 -1.70 -13.24 -3.76
CA LYS A 18 -2.17 -13.53 -2.41
C LYS A 18 -2.10 -12.25 -1.54
N ALA A 19 -0.96 -11.51 -1.66
CA ALA A 19 -0.78 -10.20 -0.99
C ALA A 19 -1.83 -9.18 -1.48
N LEU A 20 -2.08 -9.22 -2.80
CA LEU A 20 -3.13 -8.41 -3.47
C LEU A 20 -4.50 -8.67 -2.85
N LYS A 21 -4.87 -9.96 -2.81
CA LYS A 21 -6.17 -10.44 -2.29
C LYS A 21 -6.40 -9.95 -0.84
N GLU A 22 -5.30 -9.88 -0.08
CA GLU A 22 -5.31 -9.35 1.29
C GLU A 22 -5.48 -7.81 1.28
N MET A 23 -4.70 -7.10 0.44
CA MET A 23 -4.71 -5.62 0.34
C MET A 23 -6.05 -5.08 -0.21
N ILE A 24 -6.76 -5.92 -0.99
CA ILE A 24 -8.12 -5.60 -1.49
C ILE A 24 -9.08 -5.66 -0.29
N ARG A 25 -9.00 -6.76 0.48
CA ARG A 25 -9.78 -6.97 1.71
C ARG A 25 -9.61 -5.77 2.68
N GLN A 26 -8.35 -5.29 2.79
CA GLN A 26 -7.99 -4.15 3.66
C GLN A 26 -8.64 -2.87 3.16
N ALA A 27 -8.41 -2.55 1.87
CA ALA A 27 -8.93 -1.32 1.24
C ALA A 27 -10.47 -1.25 1.28
N ARG A 28 -11.13 -2.44 1.26
CA ARG A 28 -12.60 -2.52 1.30
C ARG A 28 -13.15 -2.25 2.69
N LYS A 29 -12.53 -2.88 3.74
CA LYS A 29 -12.94 -2.66 5.15
C LYS A 29 -12.58 -1.24 5.63
N PHE A 30 -11.56 -0.64 4.95
CA PHE A 30 -11.11 0.73 5.19
C PHE A 30 -11.92 1.75 4.33
N ALA A 31 -12.89 1.24 3.54
CA ALA A 31 -13.89 2.06 2.80
C ALA A 31 -13.25 2.98 1.73
N GLY A 32 -12.23 2.45 1.03
CA GLY A 32 -11.55 3.14 -0.07
C GLY A 32 -11.56 2.33 -1.36
N THR A 33 -11.00 2.89 -2.43
CA THR A 33 -10.92 2.27 -3.76
C THR A 33 -9.53 1.62 -3.90
N VAL A 34 -9.44 0.46 -4.58
CA VAL A 34 -8.18 -0.28 -4.74
C VAL A 34 -8.01 -0.68 -6.22
N THR A 35 -7.14 0.05 -6.93
CA THR A 35 -6.81 -0.22 -8.34
C THR A 35 -5.48 -0.95 -8.39
N TYR A 36 -5.38 -2.06 -9.14
CA TYR A 36 -4.14 -2.86 -9.20
C TYR A 36 -3.63 -3.05 -10.64
N THR A 37 -2.35 -3.44 -10.76
CA THR A 37 -1.76 -3.86 -12.03
C THR A 37 -0.78 -5.03 -11.79
N LEU A 38 -1.20 -6.27 -12.13
CA LEU A 38 -0.30 -7.43 -12.19
C LEU A 38 0.41 -7.41 -13.57
N ASP A 39 1.73 -7.20 -13.57
CA ASP A 39 2.53 -7.15 -14.83
C ASP A 39 3.87 -7.86 -14.59
N GLY A 40 4.00 -9.06 -15.16
CA GLY A 40 5.18 -9.89 -14.99
C GLY A 40 5.40 -10.31 -13.53
N ASN A 41 6.27 -9.56 -12.83
CA ASN A 41 6.69 -9.87 -11.45
C ASN A 41 6.52 -8.64 -10.53
N ASP A 42 5.72 -7.64 -10.95
CA ASP A 42 5.34 -6.50 -10.09
C ASP A 42 3.82 -6.42 -9.95
N LEU A 43 3.40 -5.85 -8.84
CA LEU A 43 2.01 -5.54 -8.52
C LEU A 43 1.93 -4.07 -8.07
N GLU A 44 1.24 -3.25 -8.83
CA GLU A 44 0.90 -1.87 -8.42
C GLU A 44 -0.45 -1.89 -7.69
N ILE A 45 -0.57 -1.13 -6.59
CA ILE A 45 -1.81 -0.97 -5.80
C ILE A 45 -1.98 0.52 -5.44
N ARG A 46 -2.99 1.18 -6.01
CA ARG A 46 -3.28 2.60 -5.78
C ARG A 46 -4.60 2.71 -5.00
N ILE A 47 -4.50 3.04 -3.70
CA ILE A 47 -5.66 3.12 -2.79
C ILE A 47 -5.97 4.60 -2.48
N THR A 48 -7.20 5.03 -2.81
CA THR A 48 -7.64 6.43 -2.64
C THR A 48 -9.01 6.47 -1.95
N GLY A 49 -9.20 7.43 -1.04
CA GLY A 49 -10.46 7.59 -0.28
C GLY A 49 -10.34 7.11 1.16
N VAL A 50 -9.12 6.74 1.58
CA VAL A 50 -8.81 6.30 2.96
C VAL A 50 -8.06 7.44 3.70
N PRO A 51 -8.56 7.94 4.89
CA PRO A 51 -7.92 9.07 5.62
C PRO A 51 -6.46 8.80 6.04
N GLU A 52 -5.77 9.87 6.52
CA GLU A 52 -4.33 9.88 6.86
C GLU A 52 -3.96 8.72 7.82
N GLN A 53 -4.72 8.62 8.93
CA GLN A 53 -4.57 7.57 9.96
C GLN A 53 -4.64 6.15 9.33
N VAL A 54 -5.50 6.00 8.31
CA VAL A 54 -5.76 4.73 7.66
C VAL A 54 -4.67 4.39 6.61
N ARG A 55 -4.09 5.43 5.97
CA ARG A 55 -2.97 5.24 5.00
C ARG A 55 -1.74 4.69 5.73
N LYS A 56 -1.58 5.12 7.00
CA LYS A 56 -0.58 4.54 7.92
C LYS A 56 -0.84 3.03 8.12
N GLU A 57 -2.14 2.66 8.29
CA GLU A 57 -2.57 1.25 8.46
C GLU A 57 -2.25 0.41 7.21
N LEU A 58 -2.43 1.01 6.00
CA LEU A 58 -2.07 0.37 4.71
C LEU A 58 -0.55 0.16 4.59
N ALA A 59 0.25 1.02 5.26
CA ALA A 59 1.71 0.84 5.36
C ALA A 59 2.05 -0.41 6.19
N LYS A 60 1.34 -0.58 7.34
CA LYS A 60 1.50 -1.76 8.22
C LYS A 60 1.16 -3.05 7.44
N GLU A 61 0.11 -2.96 6.59
CA GLU A 61 -0.37 -4.08 5.76
C GLU A 61 0.64 -4.44 4.67
N ALA A 62 1.16 -3.42 4.00
CA ALA A 62 2.18 -3.56 2.94
C ALA A 62 3.44 -4.29 3.47
N GLU A 63 3.90 -3.87 4.66
CA GLU A 63 5.09 -4.45 5.34
C GLU A 63 4.86 -5.90 5.81
N ARG A 64 3.69 -6.17 6.43
CA ARG A 64 3.40 -7.50 7.02
C ARG A 64 3.22 -8.56 5.93
N LEU A 65 2.71 -8.15 4.75
CA LEU A 65 2.50 -9.04 3.60
C LEU A 65 3.81 -9.23 2.81
N ALA A 66 4.69 -8.21 2.88
CA ALA A 66 6.05 -8.30 2.33
C ALA A 66 6.89 -9.36 3.07
N LYS A 67 6.79 -9.38 4.41
CA LYS A 67 7.54 -10.32 5.26
C LYS A 67 6.80 -11.68 5.39
N GLU A 68 5.50 -11.71 5.04
CA GLU A 68 4.71 -12.95 5.03
C GLU A 68 5.05 -13.78 3.78
N PHE A 69 4.92 -13.15 2.61
CA PHE A 69 5.08 -13.82 1.31
C PHE A 69 6.53 -13.69 0.77
N ASN A 70 7.43 -13.13 1.62
CA ASN A 70 8.86 -12.91 1.28
C ASN A 70 9.02 -12.26 -0.11
N ILE A 71 8.48 -11.04 -0.21
CA ILE A 71 8.52 -10.20 -1.42
C ILE A 71 8.91 -8.76 -1.02
N THR A 72 9.44 -7.99 -1.97
CA THR A 72 9.85 -6.60 -1.75
C THR A 72 8.63 -5.67 -1.87
N VAL A 73 8.57 -4.65 -0.99
CA VAL A 73 7.51 -3.62 -1.03
C VAL A 73 8.13 -2.22 -1.02
N THR A 74 7.49 -1.31 -1.75
CA THR A 74 7.81 0.11 -1.79
C THR A 74 6.48 0.87 -1.86
N TYR A 75 6.27 1.79 -0.92
CA TYR A 75 4.99 2.49 -0.71
C TYR A 75 5.27 3.94 -0.27
N THR A 76 4.39 4.88 -0.66
CA THR A 76 4.58 6.31 -0.39
C THR A 76 3.35 6.90 0.34
N ILE A 77 3.63 7.63 1.43
CA ILE A 77 2.64 8.41 2.21
C ILE A 77 3.31 9.71 2.68
N ARG A 78 2.86 10.84 2.13
CA ARG A 78 3.29 12.18 2.57
C ARG A 78 2.06 12.90 3.15
N GLY A 79 2.20 13.48 4.34
CA GLY A 79 1.14 14.23 4.97
C GLY A 79 1.49 14.57 6.40
N SER A 80 2.04 15.79 6.60
CA SER A 80 2.44 16.35 7.92
C SER A 80 3.70 15.66 8.51
N LEU A 81 4.26 14.67 7.76
CA LEU A 81 5.41 13.87 8.22
C LEU A 81 6.71 14.67 8.07
N GLU A 82 6.68 15.70 7.21
CA GLU A 82 7.84 16.51 6.85
C GLU A 82 7.69 17.96 7.35
N HIS A 83 6.42 18.34 7.67
CA HIS A 83 6.04 19.71 8.14
C HIS A 83 6.33 20.80 7.08
N HIS A 84 6.44 20.39 5.80
CA HIS A 84 6.84 21.27 4.67
C HIS A 84 5.88 22.46 4.44
N HIS A 85 4.62 22.31 4.88
CA HIS A 85 3.60 23.39 4.82
C HIS A 85 4.04 24.60 5.68
N HIS A 86 4.68 25.59 5.03
CA HIS A 86 5.19 26.82 5.68
C HIS A 86 4.78 28.07 4.86
N HIS A 87 4.69 29.21 5.55
CA HIS A 87 4.60 30.54 4.92
C HIS A 87 5.48 31.53 5.71
N HIS A 88 6.49 30.96 6.37
CA HIS A 88 7.53 31.67 7.12
C HIS A 88 8.75 30.72 7.24
N MET A 1 -4.71 16.59 1.36
CA MET A 1 -4.98 15.12 1.25
C MET A 1 -4.19 14.52 0.07
N GLY A 2 -4.35 13.19 -0.11
CA GLY A 2 -3.72 12.47 -1.22
C GLY A 2 -3.98 10.99 -1.13
N GLU A 3 -3.81 10.27 -2.24
CA GLU A 3 -3.88 8.80 -2.29
C GLU A 3 -2.56 8.18 -1.81
N MET A 4 -2.56 6.85 -1.64
CA MET A 4 -1.35 6.08 -1.36
C MET A 4 -1.07 5.10 -2.51
N ASP A 5 0.21 4.84 -2.81
CA ASP A 5 0.63 3.81 -3.78
C ASP A 5 1.42 2.74 -3.01
N ILE A 6 1.03 1.48 -3.17
CA ILE A 6 1.64 0.34 -2.47
C ILE A 6 2.02 -0.68 -3.54
N ARG A 7 3.31 -0.86 -3.74
CA ARG A 7 3.83 -1.59 -4.90
C ARG A 7 4.70 -2.76 -4.43
N PHE A 8 4.31 -3.98 -4.86
CA PHE A 8 4.95 -5.25 -4.49
C PHE A 8 5.79 -5.76 -5.67
N ARG A 9 6.88 -6.45 -5.35
CA ARG A 9 7.77 -7.11 -6.33
C ARG A 9 8.21 -8.45 -5.73
N GLY A 10 8.25 -9.48 -6.58
CA GLY A 10 8.62 -10.82 -6.15
C GLY A 10 8.75 -11.77 -7.31
N ASP A 11 9.74 -12.67 -7.24
CA ASP A 11 10.00 -13.72 -8.26
C ASP A 11 8.80 -14.68 -8.38
N ASP A 12 8.00 -14.76 -7.31
CA ASP A 12 6.78 -15.58 -7.24
C ASP A 12 5.55 -14.65 -7.34
N LEU A 13 4.87 -14.70 -8.51
CA LEU A 13 3.65 -13.91 -8.78
C LEU A 13 2.46 -14.39 -7.91
N GLU A 14 2.52 -15.66 -7.43
CA GLU A 14 1.52 -16.21 -6.47
C GLU A 14 1.53 -15.38 -5.18
N ALA A 15 2.75 -15.09 -4.70
CA ALA A 15 2.99 -14.35 -3.47
C ALA A 15 2.45 -12.92 -3.59
N LEU A 16 2.56 -12.34 -4.81
CA LEU A 16 2.10 -10.98 -5.12
C LEU A 16 0.56 -10.92 -5.14
N GLU A 17 -0.08 -11.97 -5.70
CA GLU A 17 -1.55 -12.04 -5.82
C GLU A 17 -2.23 -12.38 -4.48
N LYS A 18 -1.53 -13.19 -3.67
CA LYS A 18 -1.98 -13.53 -2.30
C LYS A 18 -1.95 -12.28 -1.41
N ALA A 19 -0.84 -11.49 -1.55
CA ALA A 19 -0.70 -10.17 -0.88
C ALA A 19 -1.76 -9.19 -1.39
N LEU A 20 -1.95 -9.18 -2.72
CA LEU A 20 -2.94 -8.34 -3.43
C LEU A 20 -4.35 -8.51 -2.86
N LYS A 21 -4.75 -9.79 -2.70
CA LYS A 21 -6.09 -10.16 -2.20
C LYS A 21 -6.31 -9.58 -0.80
N GLU A 22 -5.23 -9.57 0.01
CA GLU A 22 -5.28 -9.05 1.38
C GLU A 22 -5.28 -7.51 1.41
N MET A 23 -4.56 -6.86 0.47
CA MET A 23 -4.53 -5.37 0.39
C MET A 23 -5.88 -4.80 -0.09
N ILE A 24 -6.56 -5.55 -0.98
CA ILE A 24 -7.93 -5.23 -1.43
C ILE A 24 -8.90 -5.46 -0.25
N ARG A 25 -8.68 -6.58 0.47
CA ARG A 25 -9.45 -6.98 1.68
C ARG A 25 -9.42 -5.86 2.72
N GLN A 26 -8.23 -5.22 2.86
CA GLN A 26 -8.02 -4.07 3.76
C GLN A 26 -8.78 -2.85 3.25
N ALA A 27 -8.57 -2.51 1.96
CA ALA A 27 -9.23 -1.36 1.32
C ALA A 27 -10.77 -1.46 1.38
N ARG A 28 -11.28 -2.71 1.40
CA ARG A 28 -12.73 -2.98 1.45
C ARG A 28 -13.28 -2.82 2.88
N LYS A 29 -12.57 -3.34 3.91
CA LYS A 29 -13.02 -3.24 5.33
C LYS A 29 -12.85 -1.82 5.87
N PHE A 30 -11.87 -1.08 5.33
CA PHE A 30 -11.66 0.35 5.64
C PHE A 30 -12.67 1.21 4.86
N ALA A 31 -13.23 0.62 3.79
CA ALA A 31 -14.23 1.24 2.90
C ALA A 31 -13.63 2.43 2.14
N GLY A 32 -12.82 2.10 1.12
CA GLY A 32 -12.19 3.08 0.24
C GLY A 32 -12.31 2.70 -1.23
N THR A 33 -11.37 3.17 -2.04
CA THR A 33 -11.23 2.81 -3.45
C THR A 33 -9.87 2.12 -3.66
N VAL A 34 -9.83 1.05 -4.47
CA VAL A 34 -8.62 0.25 -4.73
C VAL A 34 -8.57 -0.16 -6.22
N THR A 35 -7.44 0.12 -6.87
CA THR A 35 -7.20 -0.18 -8.30
C THR A 35 -5.75 -0.65 -8.46
N TYR A 36 -5.53 -1.75 -9.18
CA TYR A 36 -4.21 -2.43 -9.22
C TYR A 36 -3.78 -2.76 -10.66
N THR A 37 -2.45 -2.82 -10.85
CA THR A 37 -1.79 -3.16 -12.13
C THR A 37 -0.88 -4.38 -11.93
N LEU A 38 -1.29 -5.54 -12.49
CA LEU A 38 -0.45 -6.75 -12.56
C LEU A 38 0.37 -6.73 -13.86
N ASP A 39 1.69 -6.58 -13.74
CA ASP A 39 2.60 -6.51 -14.90
C ASP A 39 3.88 -7.31 -14.59
N GLY A 40 3.86 -8.60 -14.99
CA GLY A 40 5.00 -9.52 -14.78
C GLY A 40 5.21 -9.86 -13.31
N ASN A 41 6.37 -9.47 -12.76
CA ASN A 41 6.75 -9.70 -11.35
C ASN A 41 6.70 -8.38 -10.55
N ASP A 42 5.86 -7.44 -11.02
CA ASP A 42 5.64 -6.13 -10.38
C ASP A 42 4.12 -5.85 -10.32
N LEU A 43 3.65 -5.41 -9.14
CA LEU A 43 2.23 -5.15 -8.86
C LEU A 43 2.08 -3.76 -8.21
N GLU A 44 1.39 -2.85 -8.92
CA GLU A 44 1.01 -1.53 -8.40
C GLU A 44 -0.37 -1.62 -7.71
N ILE A 45 -0.54 -1.02 -6.52
CA ILE A 45 -1.87 -0.93 -5.83
C ILE A 45 -2.12 0.52 -5.38
N ARG A 46 -3.07 1.20 -6.02
CA ARG A 46 -3.40 2.62 -5.76
C ARG A 46 -4.69 2.67 -4.93
N ILE A 47 -4.57 2.99 -3.63
CA ILE A 47 -5.71 3.07 -2.70
C ILE A 47 -6.01 4.55 -2.39
N THR A 48 -7.21 5.01 -2.81
CA THR A 48 -7.66 6.41 -2.69
C THR A 48 -8.91 6.50 -1.80
N GLY A 49 -9.13 7.68 -1.20
CA GLY A 49 -10.35 7.96 -0.41
C GLY A 49 -10.18 7.65 1.07
N VAL A 50 -9.35 6.62 1.37
CA VAL A 50 -8.97 6.30 2.75
C VAL A 50 -8.15 7.50 3.35
N PRO A 51 -8.54 8.04 4.54
CA PRO A 51 -7.82 9.17 5.18
C PRO A 51 -6.35 8.82 5.48
N GLU A 52 -5.49 9.85 5.63
CA GLU A 52 -4.02 9.66 5.73
C GLU A 52 -3.61 8.80 6.94
N GLN A 53 -4.41 8.85 8.01
CA GLN A 53 -4.24 7.96 9.19
C GLN A 53 -4.36 6.47 8.79
N VAL A 54 -5.32 6.18 7.90
CA VAL A 54 -5.58 4.82 7.40
C VAL A 54 -4.55 4.43 6.31
N ARG A 55 -4.07 5.43 5.53
CA ARG A 55 -2.98 5.23 4.55
C ARG A 55 -1.72 4.72 5.26
N LYS A 56 -1.43 5.30 6.44
CA LYS A 56 -0.32 4.86 7.31
C LYS A 56 -0.52 3.40 7.75
N GLU A 57 -1.77 3.01 8.03
CA GLU A 57 -2.12 1.64 8.42
C GLU A 57 -1.91 0.65 7.25
N LEU A 58 -2.22 1.10 6.02
CA LEU A 58 -1.99 0.32 4.78
C LEU A 58 -0.48 0.08 4.53
N ALA A 59 0.37 0.97 5.07
CA ALA A 59 1.83 0.80 5.05
C ALA A 59 2.26 -0.39 5.91
N LYS A 60 1.64 -0.53 7.09
CA LYS A 60 1.91 -1.65 8.01
C LYS A 60 1.34 -2.97 7.45
N GLU A 61 0.24 -2.87 6.69
CA GLU A 61 -0.38 -4.02 5.99
C GLU A 61 0.57 -4.53 4.91
N ALA A 62 1.16 -3.58 4.16
CA ALA A 62 2.21 -3.85 3.16
C ALA A 62 3.40 -4.62 3.77
N GLU A 63 3.85 -4.17 4.97
CA GLU A 63 4.98 -4.77 5.70
C GLU A 63 4.69 -6.22 6.18
N ARG A 64 3.48 -6.46 6.74
CA ARG A 64 3.13 -7.79 7.30
C ARG A 64 2.97 -8.84 6.19
N LEU A 65 2.51 -8.41 5.01
CA LEU A 65 2.39 -9.30 3.83
C LEU A 65 3.76 -9.51 3.15
N ALA A 66 4.65 -8.51 3.28
CA ALA A 66 6.03 -8.59 2.76
C ALA A 66 6.82 -9.72 3.44
N LYS A 67 6.73 -9.78 4.79
CA LYS A 67 7.42 -10.80 5.60
C LYS A 67 6.69 -12.16 5.52
N GLU A 68 5.38 -12.12 5.22
CA GLU A 68 4.53 -13.32 5.12
C GLU A 68 4.89 -14.14 3.88
N PHE A 69 4.92 -13.48 2.72
CA PHE A 69 5.13 -14.12 1.41
C PHE A 69 6.60 -14.05 0.95
N ASN A 70 7.43 -13.35 1.76
CA ASN A 70 8.86 -13.10 1.48
C ASN A 70 9.03 -12.42 0.11
N ILE A 71 8.39 -11.25 0.00
CA ILE A 71 8.45 -10.38 -1.18
C ILE A 71 8.88 -8.97 -0.76
N THR A 72 9.43 -8.22 -1.70
CA THR A 72 9.84 -6.84 -1.50
C THR A 72 8.63 -5.92 -1.72
N VAL A 73 8.41 -4.95 -0.80
CA VAL A 73 7.36 -3.94 -0.96
C VAL A 73 7.97 -2.55 -0.76
N THR A 74 7.39 -1.59 -1.47
CA THR A 74 7.67 -0.17 -1.32
C THR A 74 6.32 0.53 -1.29
N TYR A 75 6.16 1.49 -0.39
CA TYR A 75 4.89 2.21 -0.20
C TYR A 75 5.15 3.71 -0.05
N THR A 76 4.38 4.52 -0.79
CA THR A 76 4.55 5.97 -0.83
C THR A 76 3.35 6.64 -0.15
N ILE A 77 3.65 7.43 0.89
CA ILE A 77 2.69 8.30 1.56
C ILE A 77 3.33 9.68 1.68
N ARG A 78 2.77 10.65 0.95
CA ARG A 78 3.25 12.04 0.91
C ARG A 78 2.04 13.00 0.90
N GLY A 79 2.31 14.29 0.64
CA GLY A 79 1.27 15.31 0.62
C GLY A 79 1.22 16.06 1.92
N SER A 80 2.04 17.12 2.00
CA SER A 80 2.14 18.04 3.15
C SER A 80 2.91 17.42 4.35
N LEU A 81 3.39 16.16 4.18
CA LEU A 81 4.37 15.56 5.11
C LEU A 81 5.74 16.23 4.91
N GLU A 82 5.91 16.85 3.72
CA GLU A 82 7.08 17.65 3.35
C GLU A 82 6.89 19.09 3.88
N HIS A 83 7.95 19.66 4.50
CA HIS A 83 7.91 21.01 5.12
C HIS A 83 7.69 22.11 4.05
N HIS A 84 6.73 23.01 4.33
CA HIS A 84 6.38 24.13 3.43
C HIS A 84 7.24 25.35 3.76
N HIS A 85 7.35 25.65 5.08
CA HIS A 85 8.09 26.82 5.59
C HIS A 85 9.61 26.61 5.42
N HIS A 86 10.37 27.72 5.38
CA HIS A 86 11.83 27.69 5.26
C HIS A 86 12.46 27.26 6.61
N HIS A 87 13.54 26.44 6.50
CA HIS A 87 14.18 25.75 7.64
C HIS A 87 14.58 26.71 8.78
N HIS A 88 15.55 27.58 8.49
CA HIS A 88 16.13 28.53 9.46
C HIS A 88 17.07 29.50 8.72
N MET A 1 -2.77 13.05 1.93
CA MET A 1 -4.15 12.53 1.78
C MET A 1 -4.37 11.97 0.36
N GLY A 2 -5.63 11.62 0.04
CA GLY A 2 -6.02 11.14 -1.29
C GLY A 2 -5.77 9.64 -1.45
N GLU A 3 -4.53 9.28 -1.80
CA GLU A 3 -4.16 7.92 -2.20
C GLU A 3 -2.69 7.59 -1.82
N MET A 4 -2.34 6.31 -1.95
CA MET A 4 -0.94 5.82 -1.85
C MET A 4 -0.76 4.61 -2.78
N ASP A 5 0.33 4.61 -3.58
CA ASP A 5 0.76 3.44 -4.35
C ASP A 5 1.56 2.50 -3.44
N ILE A 6 1.05 1.29 -3.27
CA ILE A 6 1.74 0.20 -2.58
C ILE A 6 2.20 -0.77 -3.67
N ARG A 7 3.50 -0.81 -3.91
CA ARG A 7 4.09 -1.57 -5.01
C ARG A 7 4.84 -2.77 -4.42
N PHE A 8 4.44 -3.98 -4.80
CA PHE A 8 5.06 -5.24 -4.39
C PHE A 8 5.94 -5.75 -5.55
N ARG A 9 6.99 -6.47 -5.23
CA ARG A 9 7.91 -7.07 -6.21
C ARG A 9 8.30 -8.47 -5.69
N GLY A 10 8.13 -9.49 -6.55
CA GLY A 10 8.40 -10.88 -6.15
C GLY A 10 8.58 -11.81 -7.32
N ASP A 11 9.61 -12.68 -7.23
CA ASP A 11 9.89 -13.74 -8.22
C ASP A 11 8.71 -14.74 -8.29
N ASP A 12 8.01 -14.90 -7.17
CA ASP A 12 6.82 -15.76 -7.06
C ASP A 12 5.55 -14.93 -7.31
N LEU A 13 4.95 -15.10 -8.51
CA LEU A 13 3.71 -14.38 -8.90
C LEU A 13 2.52 -14.77 -8.00
N GLU A 14 2.55 -15.99 -7.42
CA GLU A 14 1.52 -16.44 -6.46
C GLU A 14 1.46 -15.49 -5.25
N ALA A 15 2.64 -15.10 -4.75
CA ALA A 15 2.79 -14.22 -3.59
C ALA A 15 2.23 -12.81 -3.88
N LEU A 16 2.37 -12.36 -5.15
CA LEU A 16 1.83 -11.07 -5.61
C LEU A 16 0.29 -11.13 -5.72
N GLU A 17 -0.22 -12.28 -6.22
CA GLU A 17 -1.68 -12.55 -6.36
C GLU A 17 -2.37 -12.59 -4.98
N LYS A 18 -1.70 -13.25 -4.03
CA LYS A 18 -2.20 -13.47 -2.67
C LYS A 18 -2.15 -12.15 -1.87
N ALA A 19 -1.01 -11.41 -1.99
CA ALA A 19 -0.84 -10.09 -1.35
C ALA A 19 -1.86 -9.08 -1.88
N LEU A 20 -2.08 -9.13 -3.22
CA LEU A 20 -3.10 -8.30 -3.91
C LEU A 20 -4.48 -8.49 -3.26
N LYS A 21 -4.93 -9.76 -3.20
CA LYS A 21 -6.26 -10.11 -2.70
C LYS A 21 -6.44 -9.64 -1.24
N GLU A 22 -5.35 -9.74 -0.45
CA GLU A 22 -5.34 -9.33 0.95
C GLU A 22 -5.31 -7.80 1.09
N MET A 23 -4.60 -7.09 0.19
CA MET A 23 -4.58 -5.61 0.17
C MET A 23 -5.95 -5.03 -0.20
N ILE A 24 -6.68 -5.73 -1.10
CA ILE A 24 -8.08 -5.42 -1.41
C ILE A 24 -8.91 -5.60 -0.14
N ARG A 25 -8.72 -6.75 0.52
CA ARG A 25 -9.40 -7.13 1.78
C ARG A 25 -9.21 -6.06 2.88
N GLN A 26 -7.97 -5.51 2.99
CA GLN A 26 -7.65 -4.48 4.00
C GLN A 26 -8.29 -3.14 3.59
N ALA A 27 -8.22 -2.81 2.29
CA ALA A 27 -8.81 -1.57 1.73
C ALA A 27 -10.35 -1.57 1.87
N ARG A 28 -10.94 -2.78 1.87
CA ARG A 28 -12.40 -2.98 2.00
C ARG A 28 -12.86 -2.90 3.46
N LYS A 29 -12.01 -3.37 4.42
CA LYS A 29 -12.33 -3.23 5.87
C LYS A 29 -12.22 -1.75 6.31
N PHE A 30 -11.30 -1.02 5.64
CA PHE A 30 -11.13 0.43 5.81
C PHE A 30 -12.15 1.22 4.96
N ALA A 31 -12.94 0.49 4.14
CA ALA A 31 -14.09 1.00 3.37
C ALA A 31 -13.67 1.95 2.22
N GLY A 32 -12.37 1.97 1.91
CA GLY A 32 -11.83 2.81 0.84
C GLY A 32 -11.91 2.14 -0.54
N THR A 33 -11.25 2.76 -1.51
CA THR A 33 -11.20 2.31 -2.91
C THR A 33 -9.84 1.61 -3.14
N VAL A 34 -9.81 0.61 -4.02
CA VAL A 34 -8.59 -0.13 -4.33
C VAL A 34 -8.46 -0.31 -5.87
N THR A 35 -7.23 -0.21 -6.37
CA THR A 35 -6.87 -0.36 -7.79
C THR A 35 -5.54 -1.12 -7.85
N TYR A 36 -5.22 -1.76 -8.98
CA TYR A 36 -3.89 -2.40 -9.17
C TYR A 36 -3.49 -2.50 -10.65
N THR A 37 -2.19 -2.78 -10.86
CA THR A 37 -1.61 -3.16 -12.16
C THR A 37 -0.64 -4.33 -11.94
N LEU A 38 -0.85 -5.45 -12.66
CA LEU A 38 0.04 -6.63 -12.63
C LEU A 38 0.75 -6.77 -13.97
N ASP A 39 2.09 -6.73 -13.94
CA ASP A 39 2.92 -6.92 -15.12
C ASP A 39 4.25 -7.55 -14.70
N GLY A 40 4.44 -8.83 -15.04
CA GLY A 40 5.65 -9.57 -14.72
C GLY A 40 5.78 -9.85 -13.23
N ASN A 41 6.97 -9.58 -12.65
CA ASN A 41 7.25 -9.84 -11.22
C ASN A 41 7.12 -8.56 -10.38
N ASP A 42 6.18 -7.65 -10.77
CA ASP A 42 5.82 -6.49 -9.95
C ASP A 42 4.31 -6.16 -10.05
N LEU A 43 3.79 -5.69 -8.93
CA LEU A 43 2.41 -5.30 -8.69
C LEU A 43 2.42 -3.85 -8.19
N GLU A 44 1.55 -2.98 -8.73
CA GLU A 44 1.40 -1.59 -8.25
C GLU A 44 -0.07 -1.31 -7.91
N ILE A 45 -0.36 -1.33 -6.61
CA ILE A 45 -1.70 -1.12 -6.05
C ILE A 45 -1.89 0.36 -5.73
N ARG A 46 -3.04 0.94 -6.09
CA ARG A 46 -3.35 2.36 -5.83
C ARG A 46 -4.61 2.41 -4.97
N ILE A 47 -4.43 2.59 -3.66
CA ILE A 47 -5.52 2.63 -2.68
C ILE A 47 -5.87 4.10 -2.40
N THR A 48 -7.10 4.47 -2.77
CA THR A 48 -7.60 5.85 -2.75
C THR A 48 -8.81 5.92 -1.78
N GLY A 49 -9.19 7.13 -1.34
CA GLY A 49 -10.41 7.34 -0.55
C GLY A 49 -10.28 6.95 0.92
N VAL A 50 -9.12 6.42 1.30
CA VAL A 50 -8.80 6.11 2.71
C VAL A 50 -8.18 7.38 3.37
N PRO A 51 -8.64 7.79 4.60
CA PRO A 51 -8.07 8.94 5.36
C PRO A 51 -6.53 8.91 5.49
N GLU A 52 -5.95 10.08 5.83
CA GLU A 52 -4.50 10.26 6.01
C GLU A 52 -3.94 9.27 7.06
N GLN A 53 -4.69 9.09 8.16
CA GLN A 53 -4.29 8.16 9.25
C GLN A 53 -4.33 6.71 8.73
N VAL A 54 -5.31 6.43 7.86
CA VAL A 54 -5.57 5.10 7.33
C VAL A 54 -4.58 4.73 6.21
N ARG A 55 -4.03 5.75 5.49
CA ARG A 55 -2.96 5.52 4.50
C ARG A 55 -1.73 4.91 5.22
N LYS A 56 -1.44 5.48 6.39
CA LYS A 56 -0.34 5.02 7.26
C LYS A 56 -0.63 3.61 7.83
N GLU A 57 -1.92 3.26 7.98
CA GLU A 57 -2.37 1.91 8.42
C GLU A 57 -2.13 0.88 7.29
N LEU A 58 -2.45 1.27 6.02
CA LEU A 58 -2.16 0.43 4.83
C LEU A 58 -0.65 0.22 4.64
N ALA A 59 0.16 1.11 5.22
CA ALA A 59 1.62 0.98 5.24
C ALA A 59 2.06 -0.23 6.07
N LYS A 60 1.44 -0.42 7.26
CA LYS A 60 1.72 -1.59 8.13
C LYS A 60 1.09 -2.86 7.56
N GLU A 61 -0.03 -2.70 6.81
CA GLU A 61 -0.68 -3.83 6.10
C GLU A 61 0.22 -4.29 4.92
N ALA A 62 0.88 -3.32 4.28
CA ALA A 62 1.86 -3.58 3.22
C ALA A 62 3.07 -4.38 3.76
N GLU A 63 3.56 -3.95 4.94
CA GLU A 63 4.72 -4.57 5.61
C GLU A 63 4.43 -6.02 6.06
N ARG A 64 3.22 -6.26 6.63
CA ARG A 64 2.85 -7.59 7.15
C ARG A 64 2.69 -8.59 6.01
N LEU A 65 2.15 -8.13 4.86
CA LEU A 65 1.97 -9.00 3.67
C LEU A 65 3.31 -9.21 2.93
N ALA A 66 4.25 -8.25 3.10
CA ALA A 66 5.60 -8.36 2.55
C ALA A 66 6.38 -9.51 3.24
N LYS A 67 6.30 -9.58 4.58
CA LYS A 67 6.99 -10.63 5.38
C LYS A 67 6.23 -11.97 5.33
N GLU A 68 4.91 -11.89 5.12
CA GLU A 68 4.02 -13.08 5.05
C GLU A 68 4.33 -13.89 3.78
N PHE A 69 4.27 -13.20 2.63
CA PHE A 69 4.40 -13.80 1.30
C PHE A 69 5.86 -13.75 0.80
N ASN A 70 6.76 -13.19 1.64
CA ASN A 70 8.22 -13.13 1.40
C ASN A 70 8.53 -12.38 0.07
N ILE A 71 8.01 -11.16 -0.02
CA ILE A 71 8.20 -10.27 -1.18
C ILE A 71 8.61 -8.87 -0.70
N THR A 72 9.19 -8.06 -1.60
CA THR A 72 9.58 -6.68 -1.30
C THR A 72 8.38 -5.75 -1.53
N VAL A 73 8.36 -4.62 -0.78
CA VAL A 73 7.33 -3.60 -0.91
C VAL A 73 7.97 -2.20 -0.86
N THR A 74 7.33 -1.23 -1.53
CA THR A 74 7.70 0.18 -1.49
C THR A 74 6.43 1.03 -1.69
N TYR A 75 6.36 2.14 -0.95
CA TYR A 75 5.20 3.05 -0.93
C TYR A 75 5.65 4.45 -0.51
N THR A 76 4.79 5.45 -0.74
CA THR A 76 5.06 6.85 -0.37
C THR A 76 3.80 7.49 0.25
N ILE A 77 3.98 8.11 1.42
CA ILE A 77 2.92 8.78 2.19
C ILE A 77 3.54 9.95 2.96
N ARG A 78 3.16 11.16 2.57
CA ARG A 78 3.62 12.38 3.22
C ARG A 78 2.55 12.88 4.19
N GLY A 79 2.60 12.36 5.41
CA GLY A 79 1.70 12.76 6.50
C GLY A 79 2.41 13.61 7.55
N SER A 80 3.76 13.49 7.60
CA SER A 80 4.61 14.23 8.55
C SER A 80 5.02 15.61 7.98
N LEU A 81 4.26 16.11 6.98
CA LEU A 81 4.46 17.44 6.36
C LEU A 81 4.39 18.56 7.39
N GLU A 82 3.62 18.32 8.47
CA GLU A 82 3.61 19.16 9.67
C GLU A 82 5.01 19.08 10.35
N HIS A 83 5.94 19.92 9.86
CA HIS A 83 7.32 20.01 10.39
C HIS A 83 7.33 20.60 11.82
N HIS A 84 6.20 21.20 12.20
CA HIS A 84 5.84 21.47 13.60
C HIS A 84 5.02 20.26 14.08
N HIS A 85 5.73 19.21 14.51
CA HIS A 85 5.13 17.92 14.92
C HIS A 85 4.30 18.09 16.20
N HIS A 86 4.78 18.94 17.11
CA HIS A 86 4.04 19.32 18.30
C HIS A 86 2.94 20.32 17.90
N HIS A 87 1.68 19.89 18.02
CA HIS A 87 0.51 20.69 17.65
C HIS A 87 0.38 21.93 18.55
N HIS A 88 0.47 23.12 17.94
CA HIS A 88 0.22 24.42 18.59
C HIS A 88 0.07 25.52 17.51
N MET A 1 -1.14 12.19 2.44
CA MET A 1 -2.13 13.00 1.68
C MET A 1 -2.03 12.70 0.19
N GLY A 2 -2.95 13.31 -0.61
CA GLY A 2 -3.02 13.06 -2.05
C GLY A 2 -3.60 11.69 -2.34
N GLU A 3 -2.72 10.66 -2.26
CA GLU A 3 -3.09 9.25 -2.46
C GLU A 3 -1.95 8.34 -1.93
N MET A 4 -2.20 7.02 -1.84
CA MET A 4 -1.17 6.03 -1.47
C MET A 4 -0.97 5.04 -2.63
N ASP A 5 0.30 4.73 -2.97
CA ASP A 5 0.66 3.66 -3.92
C ASP A 5 1.40 2.59 -3.13
N ILE A 6 0.95 1.34 -3.19
CA ILE A 6 1.58 0.21 -2.48
C ILE A 6 2.04 -0.81 -3.52
N ARG A 7 3.34 -1.01 -3.63
CA ARG A 7 3.92 -1.76 -4.73
C ARG A 7 4.73 -2.93 -4.18
N PHE A 8 4.35 -4.14 -4.59
CA PHE A 8 5.03 -5.39 -4.22
C PHE A 8 5.85 -5.87 -5.42
N ARG A 9 6.87 -6.69 -5.17
CA ARG A 9 7.65 -7.32 -6.23
C ARG A 9 8.24 -8.62 -5.72
N GLY A 10 8.20 -9.67 -6.55
CA GLY A 10 8.74 -10.97 -6.18
C GLY A 10 8.92 -11.86 -7.38
N ASP A 11 9.86 -12.81 -7.26
CA ASP A 11 10.17 -13.81 -8.30
C ASP A 11 8.94 -14.72 -8.57
N ASP A 12 7.99 -14.72 -7.60
CA ASP A 12 6.71 -15.42 -7.73
C ASP A 12 5.57 -14.37 -7.84
N LEU A 13 4.90 -14.34 -9.02
CA LEU A 13 3.74 -13.46 -9.29
C LEU A 13 2.54 -13.86 -8.39
N GLU A 14 2.48 -15.16 -7.99
CA GLU A 14 1.38 -15.70 -7.16
C GLU A 14 1.43 -15.10 -5.73
N ALA A 15 2.65 -14.94 -5.18
CA ALA A 15 2.85 -14.34 -3.84
C ALA A 15 2.27 -12.92 -3.80
N LEU A 16 2.36 -12.24 -4.95
CA LEU A 16 1.83 -10.89 -5.13
C LEU A 16 0.29 -10.92 -5.14
N GLU A 17 -0.30 -12.02 -5.68
CA GLU A 17 -1.78 -12.18 -5.80
C GLU A 17 -2.43 -12.52 -4.44
N LYS A 18 -1.71 -13.26 -3.58
CA LYS A 18 -2.17 -13.55 -2.20
C LYS A 18 -2.10 -12.27 -1.35
N ALA A 19 -0.97 -11.52 -1.48
CA ALA A 19 -0.80 -10.21 -0.83
C ALA A 19 -1.85 -9.21 -1.33
N LEU A 20 -2.07 -9.23 -2.66
CA LEU A 20 -3.08 -8.39 -3.36
C LEU A 20 -4.47 -8.57 -2.76
N LYS A 21 -4.87 -9.84 -2.59
CA LYS A 21 -6.18 -10.21 -2.06
C LYS A 21 -6.42 -9.55 -0.70
N GLU A 22 -5.40 -9.58 0.15
CA GLU A 22 -5.44 -8.99 1.48
C GLU A 22 -5.45 -7.45 1.42
N MET A 23 -4.57 -6.83 0.60
CA MET A 23 -4.49 -5.35 0.52
C MET A 23 -5.80 -4.71 -0.01
N ILE A 24 -6.42 -5.38 -1.01
CA ILE A 24 -7.75 -5.04 -1.53
C ILE A 24 -8.77 -5.10 -0.38
N ARG A 25 -8.76 -6.23 0.32
CA ARG A 25 -9.63 -6.51 1.48
C ARG A 25 -9.52 -5.41 2.56
N GLN A 26 -8.29 -4.92 2.82
CA GLN A 26 -8.04 -3.87 3.82
C GLN A 26 -8.74 -2.57 3.38
N ALA A 27 -8.39 -2.10 2.18
CA ALA A 27 -8.92 -0.84 1.62
C ALA A 27 -10.46 -0.83 1.49
N ARG A 28 -11.02 -2.03 1.28
CA ARG A 28 -12.48 -2.23 1.17
C ARG A 28 -13.15 -2.19 2.56
N LYS A 29 -12.51 -2.83 3.58
CA LYS A 29 -13.09 -2.89 4.94
C LYS A 29 -13.06 -1.50 5.61
N PHE A 30 -12.04 -0.69 5.25
CA PHE A 30 -11.91 0.72 5.69
C PHE A 30 -12.89 1.64 4.94
N ALA A 31 -13.51 1.10 3.85
CA ALA A 31 -14.52 1.79 3.03
C ALA A 31 -13.88 2.92 2.19
N GLY A 32 -13.12 2.49 1.18
CA GLY A 32 -12.49 3.39 0.22
C GLY A 32 -12.48 2.78 -1.17
N THR A 33 -11.43 3.08 -1.96
CA THR A 33 -11.21 2.49 -3.30
C THR A 33 -9.81 1.86 -3.36
N VAL A 34 -9.67 0.76 -4.12
CA VAL A 34 -8.39 0.09 -4.35
C VAL A 34 -8.31 -0.41 -5.81
N THR A 35 -7.26 0.02 -6.51
CA THR A 35 -6.94 -0.44 -7.87
C THR A 35 -5.58 -1.14 -7.85
N TYR A 36 -5.26 -1.92 -8.91
CA TYR A 36 -3.99 -2.66 -8.99
C TYR A 36 -3.55 -2.91 -10.44
N THR A 37 -2.28 -3.33 -10.59
CA THR A 37 -1.73 -3.78 -11.86
C THR A 37 -0.85 -5.03 -11.62
N LEU A 38 -1.19 -6.15 -12.27
CA LEU A 38 -0.33 -7.35 -12.29
C LEU A 38 0.46 -7.34 -13.60
N ASP A 39 1.79 -7.18 -13.52
CA ASP A 39 2.65 -7.10 -14.72
C ASP A 39 4.00 -7.73 -14.41
N GLY A 40 4.44 -8.70 -15.24
CA GLY A 40 5.75 -9.35 -15.10
C GLY A 40 5.92 -10.07 -13.75
N ASN A 41 6.61 -9.40 -12.81
CA ASN A 41 6.87 -9.90 -11.45
C ASN A 41 6.69 -8.77 -10.43
N ASP A 42 5.94 -7.72 -10.83
CA ASP A 42 5.64 -6.56 -9.99
C ASP A 42 4.13 -6.32 -9.93
N LEU A 43 3.67 -5.85 -8.77
CA LEU A 43 2.28 -5.49 -8.50
C LEU A 43 2.24 -4.03 -8.03
N GLU A 44 1.54 -3.18 -8.78
CA GLU A 44 1.33 -1.76 -8.41
C GLU A 44 -0.12 -1.55 -7.95
N ILE A 45 -0.32 -1.37 -6.65
CA ILE A 45 -1.63 -1.07 -6.07
C ILE A 45 -1.73 0.46 -5.85
N ARG A 46 -2.88 1.06 -6.19
CA ARG A 46 -3.16 2.48 -5.89
C ARG A 46 -4.45 2.56 -5.07
N ILE A 47 -4.32 2.87 -3.79
CA ILE A 47 -5.45 2.96 -2.85
C ILE A 47 -5.86 4.43 -2.70
N THR A 48 -7.14 4.70 -3.02
CA THR A 48 -7.71 6.06 -3.10
C THR A 48 -8.86 6.18 -2.07
N GLY A 49 -9.21 7.43 -1.69
CA GLY A 49 -10.38 7.70 -0.85
C GLY A 49 -10.13 7.59 0.64
N VAL A 50 -9.44 6.51 1.08
CA VAL A 50 -9.16 6.24 2.50
C VAL A 50 -8.41 7.42 3.20
N PRO A 51 -8.78 7.78 4.48
CA PRO A 51 -8.15 8.91 5.21
C PRO A 51 -6.66 8.67 5.55
N GLU A 52 -6.01 9.74 6.04
CA GLU A 52 -4.55 9.80 6.27
C GLU A 52 -4.08 8.67 7.20
N GLN A 53 -4.72 8.59 8.39
CA GLN A 53 -4.42 7.58 9.41
C GLN A 53 -4.48 6.15 8.84
N VAL A 54 -5.47 5.90 7.96
CA VAL A 54 -5.71 4.59 7.36
C VAL A 54 -4.62 4.24 6.35
N ARG A 55 -4.13 5.24 5.60
CA ARG A 55 -3.01 5.04 4.66
C ARG A 55 -1.75 4.58 5.44
N LYS A 56 -1.54 5.19 6.61
CA LYS A 56 -0.45 4.82 7.53
C LYS A 56 -0.64 3.41 8.11
N GLU A 57 -1.92 2.95 8.18
CA GLU A 57 -2.27 1.57 8.58
C GLU A 57 -1.98 0.57 7.45
N LEU A 58 -2.24 1.00 6.20
CA LEU A 58 -1.92 0.22 4.98
C LEU A 58 -0.40 0.06 4.81
N ALA A 59 0.38 0.95 5.45
CA ALA A 59 1.84 0.84 5.53
C ALA A 59 2.27 -0.43 6.31
N LYS A 60 1.63 -0.66 7.47
CA LYS A 60 1.88 -1.88 8.27
C LYS A 60 1.38 -3.12 7.50
N GLU A 61 0.24 -3.00 6.78
CA GLU A 61 -0.31 -4.12 5.99
C GLU A 61 0.64 -4.52 4.86
N ALA A 62 1.19 -3.51 4.20
CA ALA A 62 2.17 -3.67 3.12
C ALA A 62 3.41 -4.48 3.57
N GLU A 63 4.03 -4.02 4.67
CA GLU A 63 5.28 -4.61 5.18
C GLU A 63 5.06 -6.01 5.78
N ARG A 64 3.91 -6.23 6.47
CA ARG A 64 3.62 -7.53 7.12
C ARG A 64 3.35 -8.62 6.07
N LEU A 65 2.74 -8.23 4.94
CA LEU A 65 2.49 -9.14 3.81
C LEU A 65 3.75 -9.36 2.98
N ALA A 66 4.64 -8.36 2.98
CA ALA A 66 5.95 -8.45 2.30
C ALA A 66 6.85 -9.49 2.98
N LYS A 67 6.90 -9.45 4.32
CA LYS A 67 7.72 -10.40 5.09
C LYS A 67 7.03 -11.78 5.16
N GLU A 68 5.68 -11.78 5.07
CA GLU A 68 4.86 -13.01 5.11
C GLU A 68 5.11 -13.87 3.86
N PHE A 69 4.94 -13.26 2.68
CA PHE A 69 5.03 -13.95 1.38
C PHE A 69 6.45 -13.88 0.80
N ASN A 70 7.39 -13.27 1.57
CA ASN A 70 8.83 -13.17 1.23
C ASN A 70 9.02 -12.45 -0.13
N ILE A 71 8.38 -11.28 -0.23
CA ILE A 71 8.46 -10.37 -1.38
C ILE A 71 8.89 -8.97 -0.90
N THR A 72 9.37 -8.14 -1.83
CA THR A 72 9.75 -6.75 -1.54
C THR A 72 8.51 -5.85 -1.60
N VAL A 73 8.50 -4.79 -0.79
CA VAL A 73 7.44 -3.75 -0.85
C VAL A 73 8.07 -2.35 -0.80
N THR A 74 7.42 -1.41 -1.48
CA THR A 74 7.70 0.01 -1.40
C THR A 74 6.32 0.70 -1.48
N TYR A 75 6.07 1.62 -0.54
CA TYR A 75 4.76 2.30 -0.44
C TYR A 75 4.99 3.80 -0.29
N THR A 76 4.03 4.60 -0.77
CA THR A 76 4.12 6.06 -0.76
C THR A 76 2.99 6.67 0.10
N ILE A 77 3.38 7.41 1.15
CA ILE A 77 2.46 8.19 2.00
C ILE A 77 3.17 9.45 2.49
N ARG A 78 2.71 10.62 2.05
CA ARG A 78 3.19 11.91 2.53
C ARG A 78 2.19 12.47 3.54
N GLY A 79 2.38 12.06 4.79
CA GLY A 79 1.43 12.34 5.86
C GLY A 79 1.60 13.73 6.46
N SER A 80 2.74 13.91 7.14
CA SER A 80 3.08 15.14 7.83
C SER A 80 4.56 15.48 7.55
N LEU A 81 4.78 16.06 6.35
CA LEU A 81 6.08 16.57 5.91
C LEU A 81 6.21 18.06 6.25
N GLU A 82 5.39 18.52 7.20
CA GLU A 82 5.41 19.89 7.68
C GLU A 82 6.39 20.04 8.86
N HIS A 83 7.38 20.91 8.67
CA HIS A 83 8.07 21.56 9.78
C HIS A 83 7.31 22.87 9.99
N HIS A 84 6.11 22.70 10.57
CA HIS A 84 5.11 23.77 10.72
C HIS A 84 5.69 24.90 11.57
N HIS A 85 6.16 24.52 12.75
CA HIS A 85 7.01 25.34 13.62
C HIS A 85 8.01 24.39 14.32
N HIS A 86 8.89 24.93 15.18
CA HIS A 86 9.71 24.10 16.07
C HIS A 86 8.78 23.40 17.07
N HIS A 87 8.99 22.09 17.28
CA HIS A 87 8.08 21.27 18.12
C HIS A 87 8.15 21.75 19.58
N HIS A 88 6.98 21.77 20.25
CA HIS A 88 6.87 22.12 21.68
C HIS A 88 7.44 20.97 22.57
N MET A 1 -3.26 12.52 -6.08
CA MET A 1 -2.88 13.37 -4.92
C MET A 1 -3.71 13.01 -3.67
N GLY A 2 -4.53 11.92 -3.74
CA GLY A 2 -5.41 11.50 -2.64
C GLY A 2 -5.45 9.98 -2.49
N GLU A 3 -4.29 9.34 -2.66
CA GLU A 3 -4.14 7.88 -2.68
C GLU A 3 -2.82 7.44 -2.03
N MET A 4 -2.69 6.13 -1.85
CA MET A 4 -1.45 5.48 -1.40
C MET A 4 -1.08 4.39 -2.40
N ASP A 5 0.04 4.56 -3.12
CA ASP A 5 0.56 3.53 -4.02
C ASP A 5 1.32 2.51 -3.19
N ILE A 6 0.80 1.28 -3.12
CA ILE A 6 1.44 0.17 -2.38
C ILE A 6 1.88 -0.85 -3.41
N ARG A 7 3.18 -0.96 -3.59
CA ARG A 7 3.78 -1.62 -4.74
C ARG A 7 4.65 -2.79 -4.27
N PHE A 8 4.25 -4.00 -4.67
CA PHE A 8 4.94 -5.25 -4.32
C PHE A 8 5.76 -5.73 -5.53
N ARG A 9 6.77 -6.56 -5.29
CA ARG A 9 7.57 -7.19 -6.35
C ARG A 9 8.14 -8.50 -5.81
N GLY A 10 8.07 -9.56 -6.62
CA GLY A 10 8.56 -10.88 -6.22
C GLY A 10 8.64 -11.82 -7.41
N ASP A 11 9.55 -12.81 -7.31
CA ASP A 11 9.81 -13.80 -8.38
C ASP A 11 8.56 -14.67 -8.67
N ASP A 12 7.64 -14.73 -7.71
CA ASP A 12 6.35 -15.41 -7.88
C ASP A 12 5.23 -14.37 -7.93
N LEU A 13 4.58 -14.28 -9.10
CA LEU A 13 3.46 -13.36 -9.38
C LEU A 13 2.28 -13.63 -8.42
N GLU A 14 2.15 -14.89 -7.97
CA GLU A 14 1.00 -15.30 -7.12
C GLU A 14 1.19 -14.85 -5.67
N ALA A 15 2.44 -14.79 -5.20
CA ALA A 15 2.75 -14.29 -3.84
C ALA A 15 2.31 -12.82 -3.70
N LEU A 16 2.40 -12.10 -4.85
CA LEU A 16 1.92 -10.72 -4.98
C LEU A 16 0.39 -10.68 -4.92
N GLU A 17 -0.26 -11.70 -5.53
CA GLU A 17 -1.73 -11.84 -5.59
C GLU A 17 -2.33 -12.17 -4.19
N LYS A 18 -1.58 -12.90 -3.35
CA LYS A 18 -1.99 -13.22 -1.97
C LYS A 18 -1.89 -11.97 -1.08
N ALA A 19 -0.78 -11.21 -1.26
CA ALA A 19 -0.62 -9.88 -0.63
C ALA A 19 -1.76 -8.94 -1.07
N LEU A 20 -2.01 -8.94 -2.39
CA LEU A 20 -3.08 -8.15 -3.07
C LEU A 20 -4.47 -8.47 -2.50
N LYS A 21 -4.71 -9.77 -2.24
CA LYS A 21 -5.99 -10.28 -1.66
C LYS A 21 -6.32 -9.54 -0.36
N GLU A 22 -5.29 -9.42 0.50
CA GLU A 22 -5.39 -8.77 1.79
C GLU A 22 -5.47 -7.24 1.64
N MET A 23 -4.68 -6.64 0.71
CA MET A 23 -4.69 -5.16 0.52
C MET A 23 -6.03 -4.66 -0.08
N ILE A 24 -6.69 -5.51 -0.89
CA ILE A 24 -8.06 -5.26 -1.39
C ILE A 24 -9.03 -5.37 -0.21
N ARG A 25 -8.87 -6.45 0.60
CA ARG A 25 -9.67 -6.74 1.82
C ARG A 25 -9.66 -5.54 2.78
N GLN A 26 -8.45 -4.93 2.93
CA GLN A 26 -8.25 -3.77 3.78
C GLN A 26 -8.97 -2.55 3.19
N ALA A 27 -8.76 -2.32 1.88
CA ALA A 27 -9.37 -1.19 1.17
C ALA A 27 -10.92 -1.26 1.14
N ARG A 28 -11.47 -2.49 1.31
CA ARG A 28 -12.94 -2.70 1.37
C ARG A 28 -13.47 -2.37 2.78
N LYS A 29 -12.79 -2.88 3.84
CA LYS A 29 -13.22 -2.69 5.24
C LYS A 29 -13.00 -1.22 5.71
N PHE A 30 -11.97 -0.56 5.15
CA PHE A 30 -11.67 0.86 5.41
C PHE A 30 -12.50 1.79 4.52
N ALA A 31 -13.32 1.20 3.63
CA ALA A 31 -14.25 1.90 2.75
C ALA A 31 -13.53 2.92 1.85
N GLY A 32 -12.77 2.37 0.90
CA GLY A 32 -12.04 3.14 -0.10
C GLY A 32 -12.04 2.43 -1.44
N THR A 33 -11.30 2.98 -2.40
CA THR A 33 -11.14 2.41 -3.75
C THR A 33 -9.81 1.64 -3.79
N VAL A 34 -9.78 0.52 -4.52
CA VAL A 34 -8.57 -0.28 -4.72
C VAL A 34 -8.46 -0.69 -6.20
N THR A 35 -7.35 -0.30 -6.81
CA THR A 35 -7.01 -0.63 -8.20
C THR A 35 -5.60 -1.24 -8.19
N TYR A 36 -5.23 -2.00 -9.23
CA TYR A 36 -3.92 -2.64 -9.31
C TYR A 36 -3.46 -2.84 -10.76
N THR A 37 -2.15 -3.10 -10.91
CA THR A 37 -1.51 -3.44 -12.17
C THR A 37 -0.54 -4.63 -11.96
N LEU A 38 -0.90 -5.81 -12.49
CA LEU A 38 -0.03 -6.99 -12.50
C LEU A 38 0.75 -7.03 -13.81
N ASP A 39 2.08 -6.88 -13.75
CA ASP A 39 2.97 -6.91 -14.93
C ASP A 39 4.20 -7.77 -14.62
N GLY A 40 4.24 -8.99 -15.19
CA GLY A 40 5.41 -9.89 -15.11
C GLY A 40 5.68 -10.42 -13.70
N ASN A 41 6.38 -9.62 -12.88
CA ASN A 41 6.70 -9.98 -11.47
C ASN A 41 6.62 -8.76 -10.56
N ASP A 42 5.86 -7.73 -10.97
CA ASP A 42 5.64 -6.52 -10.15
C ASP A 42 4.15 -6.12 -10.15
N LEU A 43 3.71 -5.63 -8.99
CA LEU A 43 2.33 -5.24 -8.68
C LEU A 43 2.29 -3.79 -8.18
N GLU A 44 1.49 -2.94 -8.83
CA GLU A 44 1.26 -1.53 -8.43
C GLU A 44 -0.20 -1.38 -7.94
N ILE A 45 -0.42 -1.34 -6.62
CA ILE A 45 -1.75 -1.10 -6.03
C ILE A 45 -1.92 0.41 -5.76
N ARG A 46 -3.11 0.96 -6.03
CA ARG A 46 -3.48 2.35 -5.69
C ARG A 46 -4.76 2.32 -4.84
N ILE A 47 -4.62 2.60 -3.53
CA ILE A 47 -5.75 2.65 -2.59
C ILE A 47 -6.10 4.12 -2.31
N THR A 48 -7.26 4.54 -2.83
CA THR A 48 -7.67 5.96 -2.91
C THR A 48 -8.88 6.21 -1.99
N GLY A 49 -9.11 7.50 -1.62
CA GLY A 49 -10.29 7.90 -0.83
C GLY A 49 -10.07 7.80 0.67
N VAL A 50 -9.34 6.74 1.09
CA VAL A 50 -8.93 6.58 2.49
C VAL A 50 -7.97 7.74 2.91
N PRO A 51 -8.18 8.36 4.11
CA PRO A 51 -7.26 9.41 4.63
C PRO A 51 -5.89 8.83 5.01
N GLU A 52 -4.88 9.69 5.17
CA GLU A 52 -3.49 9.25 5.36
C GLU A 52 -3.30 8.51 6.70
N GLN A 53 -4.15 8.82 7.70
CA GLN A 53 -4.19 8.09 9.00
C GLN A 53 -4.47 6.59 8.77
N VAL A 54 -5.36 6.30 7.80
CA VAL A 54 -5.74 4.94 7.41
C VAL A 54 -4.64 4.33 6.53
N ARG A 55 -4.02 5.16 5.68
CA ARG A 55 -2.90 4.74 4.82
C ARG A 55 -1.69 4.29 5.67
N LYS A 56 -1.55 4.85 6.89
CA LYS A 56 -0.54 4.40 7.86
C LYS A 56 -0.79 2.93 8.25
N GLU A 57 -2.08 2.55 8.39
CA GLU A 57 -2.48 1.16 8.69
C GLU A 57 -2.11 0.24 7.50
N LEU A 58 -2.39 0.75 6.29
CA LEU A 58 -2.07 0.06 5.02
C LEU A 58 -0.55 -0.15 4.83
N ALA A 59 0.25 0.73 5.45
CA ALA A 59 1.72 0.58 5.48
C ALA A 59 2.12 -0.67 6.26
N LYS A 60 1.51 -0.85 7.44
CA LYS A 60 1.84 -1.97 8.35
C LYS A 60 1.30 -3.30 7.80
N GLU A 61 0.19 -3.22 7.03
CA GLU A 61 -0.37 -4.39 6.33
C GLU A 61 0.58 -4.80 5.19
N ALA A 62 1.11 -3.79 4.47
CA ALA A 62 2.09 -3.99 3.39
C ALA A 62 3.39 -4.67 3.92
N GLU A 63 3.83 -4.24 5.12
CA GLU A 63 5.04 -4.76 5.79
C GLU A 63 4.88 -6.24 6.20
N ARG A 64 3.72 -6.58 6.83
CA ARG A 64 3.47 -7.94 7.36
C ARG A 64 3.30 -8.96 6.23
N LEU A 65 2.76 -8.51 5.08
CA LEU A 65 2.60 -9.36 3.88
C LEU A 65 3.95 -9.52 3.16
N ALA A 66 4.78 -8.45 3.18
CA ALA A 66 6.11 -8.44 2.55
C ALA A 66 7.04 -9.47 3.18
N LYS A 67 7.05 -9.51 4.52
CA LYS A 67 7.91 -10.45 5.29
C LYS A 67 7.35 -11.90 5.22
N GLU A 68 6.02 -12.02 5.05
CA GLU A 68 5.31 -13.32 5.01
C GLU A 68 5.59 -14.07 3.70
N PHE A 69 5.39 -13.39 2.56
CA PHE A 69 5.60 -13.98 1.22
C PHE A 69 7.05 -13.76 0.73
N ASN A 70 7.88 -13.12 1.60
CA ASN A 70 9.31 -12.76 1.35
C ASN A 70 9.47 -11.99 0.01
N ILE A 71 8.54 -11.05 -0.19
CA ILE A 71 8.51 -10.16 -1.37
C ILE A 71 8.85 -8.73 -0.93
N THR A 72 9.30 -7.92 -1.90
CA THR A 72 9.65 -6.52 -1.67
C THR A 72 8.38 -5.66 -1.71
N VAL A 73 8.31 -4.64 -0.84
CA VAL A 73 7.24 -3.64 -0.89
C VAL A 73 7.83 -2.24 -0.72
N THR A 74 7.20 -1.29 -1.39
CA THR A 74 7.45 0.13 -1.26
C THR A 74 6.07 0.78 -1.32
N TYR A 75 5.82 1.74 -0.43
CA TYR A 75 4.50 2.37 -0.30
C TYR A 75 4.66 3.88 -0.14
N THR A 76 3.81 4.66 -0.83
CA THR A 76 3.91 6.12 -0.88
C THR A 76 2.96 6.73 0.17
N ILE A 77 3.56 7.38 1.17
CA ILE A 77 2.88 8.18 2.21
C ILE A 77 3.86 9.22 2.74
N ARG A 78 3.32 10.39 3.10
CA ARG A 78 4.12 11.54 3.53
C ARG A 78 4.20 11.55 5.06
N GLY A 79 5.31 12.08 5.59
CA GLY A 79 5.57 12.08 7.04
C GLY A 79 5.24 13.43 7.67
N SER A 80 6.27 14.29 7.83
CA SER A 80 6.16 15.59 8.49
C SER A 80 6.39 16.70 7.44
N LEU A 81 5.42 16.81 6.52
CA LEU A 81 5.41 17.88 5.51
C LEU A 81 4.92 19.20 6.10
N GLU A 82 4.26 19.15 7.27
CA GLU A 82 3.86 20.37 8.05
C GLU A 82 5.10 21.27 8.34
N HIS A 83 6.26 20.60 8.45
CA HIS A 83 7.57 21.25 8.60
C HIS A 83 7.95 22.00 7.29
N HIS A 84 7.74 21.31 6.14
CA HIS A 84 8.09 21.85 4.81
C HIS A 84 7.08 22.95 4.39
N HIS A 85 5.78 22.60 4.21
CA HIS A 85 4.71 23.60 4.06
C HIS A 85 4.50 24.30 5.41
N HIS A 86 5.32 25.33 5.64
CA HIS A 86 5.42 26.00 6.94
C HIS A 86 4.26 27.00 7.09
N HIS A 87 3.12 26.47 7.54
CA HIS A 87 1.87 27.24 7.75
C HIS A 87 1.90 28.00 9.09
N HIS A 88 2.64 27.44 10.07
CA HIS A 88 2.80 28.03 11.41
C HIS A 88 4.31 28.20 11.71
N MET A 1 -2.59 13.86 2.10
CA MET A 1 -1.84 14.43 0.95
C MET A 1 -1.89 13.47 -0.22
N GLY A 2 -2.69 13.83 -1.26
CA GLY A 2 -2.88 13.02 -2.46
C GLY A 2 -3.53 11.66 -2.17
N GLU A 3 -2.86 10.59 -2.60
CA GLU A 3 -3.28 9.20 -2.38
C GLU A 3 -2.04 8.34 -2.06
N MET A 4 -2.28 7.07 -1.71
CA MET A 4 -1.21 6.12 -1.35
C MET A 4 -1.11 5.04 -2.43
N ASP A 5 0.13 4.67 -2.78
CA ASP A 5 0.42 3.53 -3.68
C ASP A 5 1.25 2.52 -2.89
N ILE A 6 0.95 1.24 -3.08
CA ILE A 6 1.71 0.14 -2.47
C ILE A 6 2.14 -0.83 -3.58
N ARG A 7 3.43 -0.85 -3.91
CA ARG A 7 3.97 -1.80 -4.88
C ARG A 7 4.63 -2.97 -4.14
N PHE A 8 4.32 -4.19 -4.61
CA PHE A 8 4.97 -5.44 -4.21
C PHE A 8 5.71 -5.99 -5.42
N ARG A 9 6.95 -6.47 -5.21
CA ARG A 9 7.73 -7.13 -6.26
C ARG A 9 8.21 -8.50 -5.74
N GLY A 10 7.90 -9.57 -6.46
CA GLY A 10 8.25 -10.92 -6.02
C GLY A 10 8.43 -11.89 -7.17
N ASP A 11 9.38 -12.82 -6.97
CA ASP A 11 9.72 -13.89 -7.94
C ASP A 11 8.50 -14.78 -8.24
N ASP A 12 7.58 -14.88 -7.28
CA ASP A 12 6.32 -15.64 -7.42
C ASP A 12 5.19 -14.61 -7.61
N LEU A 13 4.64 -14.55 -8.85
CA LEU A 13 3.54 -13.62 -9.22
C LEU A 13 2.27 -13.92 -8.39
N GLU A 14 2.12 -15.19 -7.97
CA GLU A 14 0.97 -15.62 -7.17
C GLU A 14 1.08 -15.07 -5.74
N ALA A 15 2.32 -14.99 -5.21
CA ALA A 15 2.59 -14.44 -3.86
C ALA A 15 2.17 -12.97 -3.76
N LEU A 16 2.33 -12.25 -4.89
CA LEU A 16 1.86 -10.87 -5.05
C LEU A 16 0.33 -10.82 -4.94
N GLU A 17 -0.33 -11.83 -5.53
CA GLU A 17 -1.81 -11.92 -5.57
C GLU A 17 -2.43 -12.31 -4.21
N LYS A 18 -1.68 -13.05 -3.37
CA LYS A 18 -2.12 -13.36 -1.99
C LYS A 18 -2.00 -12.11 -1.09
N ALA A 19 -0.92 -11.32 -1.31
CA ALA A 19 -0.75 -10.00 -0.67
C ALA A 19 -1.84 -9.02 -1.15
N LEU A 20 -2.11 -9.06 -2.46
CA LEU A 20 -3.15 -8.26 -3.15
C LEU A 20 -4.53 -8.55 -2.55
N LYS A 21 -4.79 -9.84 -2.29
CA LYS A 21 -6.04 -10.34 -1.71
C LYS A 21 -6.33 -9.63 -0.38
N GLU A 22 -5.26 -9.49 0.43
CA GLU A 22 -5.32 -8.82 1.72
C GLU A 22 -5.42 -7.28 1.58
N MET A 23 -4.64 -6.67 0.66
CA MET A 23 -4.64 -5.20 0.44
C MET A 23 -6.03 -4.67 0.01
N ILE A 24 -6.67 -5.43 -0.89
CA ILE A 24 -8.04 -5.14 -1.36
C ILE A 24 -9.04 -5.31 -0.20
N ARG A 25 -8.87 -6.41 0.56
CA ARG A 25 -9.65 -6.73 1.78
C ARG A 25 -9.62 -5.55 2.79
N GLN A 26 -8.43 -4.93 2.94
CA GLN A 26 -8.25 -3.76 3.82
C GLN A 26 -9.01 -2.56 3.24
N ALA A 27 -8.77 -2.28 1.95
CA ALA A 27 -9.37 -1.13 1.25
C ALA A 27 -10.91 -1.19 1.23
N ARG A 28 -11.47 -2.42 1.24
CA ARG A 28 -12.92 -2.64 1.30
C ARG A 28 -13.46 -2.37 2.71
N LYS A 29 -12.78 -2.91 3.74
CA LYS A 29 -13.23 -2.81 5.15
C LYS A 29 -13.09 -1.36 5.70
N PHE A 30 -12.12 -0.61 5.15
CA PHE A 30 -11.91 0.82 5.49
C PHE A 30 -12.78 1.74 4.60
N ALA A 31 -13.41 1.13 3.57
CA ALA A 31 -14.33 1.79 2.62
C ALA A 31 -13.60 2.83 1.76
N GLY A 32 -12.90 2.33 0.73
CA GLY A 32 -12.20 3.15 -0.25
C GLY A 32 -12.15 2.47 -1.62
N THR A 33 -11.41 3.07 -2.55
CA THR A 33 -11.25 2.59 -3.92
C THR A 33 -9.86 1.92 -4.04
N VAL A 34 -9.78 0.77 -4.70
CA VAL A 34 -8.55 -0.03 -4.83
C VAL A 34 -8.37 -0.50 -6.29
N THR A 35 -7.18 -0.26 -6.84
CA THR A 35 -6.78 -0.69 -8.18
C THR A 35 -5.40 -1.36 -8.10
N TYR A 36 -5.03 -2.14 -9.13
CA TYR A 36 -3.75 -2.89 -9.13
C TYR A 36 -3.26 -3.12 -10.56
N THR A 37 -1.93 -3.38 -10.69
CA THR A 37 -1.31 -3.73 -11.97
C THR A 37 -0.37 -4.95 -11.80
N LEU A 38 -0.90 -6.15 -12.08
CA LEU A 38 -0.10 -7.39 -12.17
C LEU A 38 0.58 -7.44 -13.55
N ASP A 39 1.93 -7.37 -13.56
CA ASP A 39 2.71 -7.39 -14.81
C ASP A 39 4.12 -7.93 -14.51
N GLY A 40 4.39 -9.16 -15.00
CA GLY A 40 5.68 -9.84 -14.79
C GLY A 40 5.88 -10.29 -13.35
N ASN A 41 6.66 -9.50 -12.60
CA ASN A 41 6.93 -9.76 -11.16
C ASN A 41 6.65 -8.49 -10.34
N ASP A 42 6.02 -7.49 -10.96
CA ASP A 42 5.64 -6.24 -10.30
C ASP A 42 4.12 -6.13 -10.22
N LEU A 43 3.65 -5.80 -9.01
CA LEU A 43 2.27 -5.48 -8.69
C LEU A 43 2.26 -4.08 -8.07
N GLU A 44 1.73 -3.07 -8.77
CA GLU A 44 1.58 -1.73 -8.19
C GLU A 44 0.10 -1.44 -7.94
N ILE A 45 -0.23 -1.29 -6.65
CA ILE A 45 -1.59 -1.01 -6.15
C ILE A 45 -1.75 0.49 -5.91
N ARG A 46 -2.89 1.07 -6.30
CA ARG A 46 -3.24 2.49 -6.00
C ARG A 46 -4.52 2.50 -5.15
N ILE A 47 -4.40 2.90 -3.88
CA ILE A 47 -5.53 3.00 -2.94
C ILE A 47 -5.83 4.50 -2.64
N THR A 48 -7.10 4.87 -2.81
CA THR A 48 -7.63 6.22 -2.51
C THR A 48 -8.94 6.02 -1.70
N GLY A 49 -9.53 7.10 -1.17
CA GLY A 49 -10.80 7.01 -0.44
C GLY A 49 -10.61 6.77 1.06
N VAL A 50 -9.44 6.26 1.44
CA VAL A 50 -9.07 6.01 2.84
C VAL A 50 -8.26 7.23 3.40
N PRO A 51 -8.56 7.71 4.65
CA PRO A 51 -7.82 8.84 5.29
C PRO A 51 -6.32 8.56 5.46
N GLU A 52 -5.52 9.62 5.62
CA GLU A 52 -4.06 9.51 5.69
C GLU A 52 -3.60 8.76 6.96
N GLN A 53 -4.42 8.82 8.03
CA GLN A 53 -4.18 8.04 9.26
C GLN A 53 -4.33 6.53 9.00
N VAL A 54 -5.30 6.19 8.12
CA VAL A 54 -5.61 4.81 7.75
C VAL A 54 -4.58 4.27 6.74
N ARG A 55 -4.02 5.17 5.89
CA ARG A 55 -2.94 4.83 4.92
C ARG A 55 -1.70 4.33 5.67
N LYS A 56 -1.47 4.89 6.86
CA LYS A 56 -0.41 4.45 7.77
C LYS A 56 -0.62 2.97 8.16
N GLU A 57 -1.90 2.58 8.37
CA GLU A 57 -2.26 1.19 8.71
C GLU A 57 -2.14 0.26 7.50
N LEU A 58 -2.40 0.81 6.29
CA LEU A 58 -2.14 0.12 5.00
C LEU A 58 -0.63 -0.18 4.84
N ALA A 59 0.22 0.67 5.46
CA ALA A 59 1.68 0.48 5.49
C ALA A 59 2.09 -0.68 6.41
N LYS A 60 1.41 -0.84 7.58
CA LYS A 60 1.63 -1.99 8.50
C LYS A 60 1.28 -3.30 7.78
N GLU A 61 0.14 -3.26 7.04
CA GLU A 61 -0.34 -4.40 6.25
C GLU A 61 0.61 -4.72 5.10
N ALA A 62 1.09 -3.67 4.43
CA ALA A 62 2.02 -3.78 3.30
C ALA A 62 3.31 -4.54 3.68
N GLU A 63 3.94 -4.08 4.77
CA GLU A 63 5.22 -4.62 5.26
C GLU A 63 5.09 -6.06 5.83
N ARG A 64 3.96 -6.35 6.51
CA ARG A 64 3.72 -7.70 7.09
C ARG A 64 3.49 -8.74 5.96
N LEU A 65 2.83 -8.31 4.87
CA LEU A 65 2.59 -9.15 3.67
C LEU A 65 3.87 -9.34 2.86
N ALA A 66 4.72 -8.31 2.90
CA ALA A 66 6.02 -8.31 2.25
C ALA A 66 6.92 -9.43 2.81
N LYS A 67 7.11 -9.42 4.12
CA LYS A 67 7.96 -10.39 4.84
C LYS A 67 7.30 -11.79 4.87
N GLU A 68 5.96 -11.82 4.77
CA GLU A 68 5.16 -13.06 4.75
C GLU A 68 5.46 -13.89 3.49
N PHE A 69 5.33 -13.23 2.33
CA PHE A 69 5.45 -13.88 1.01
C PHE A 69 6.87 -13.69 0.40
N ASN A 70 7.81 -13.15 1.23
CA ASN A 70 9.23 -12.91 0.86
C ASN A 70 9.36 -11.77 -0.19
N ILE A 71 8.23 -11.11 -0.51
CA ILE A 71 8.15 -10.10 -1.57
C ILE A 71 8.59 -8.73 -1.02
N THR A 72 9.18 -7.91 -1.88
CA THR A 72 9.64 -6.56 -1.51
C THR A 72 8.46 -5.58 -1.60
N VAL A 73 8.41 -4.58 -0.70
CA VAL A 73 7.36 -3.55 -0.70
C VAL A 73 7.97 -2.16 -0.72
N THR A 74 7.30 -1.25 -1.41
CA THR A 74 7.59 0.18 -1.39
C THR A 74 6.25 0.91 -1.44
N TYR A 75 6.11 1.97 -0.63
CA TYR A 75 4.86 2.74 -0.54
C TYR A 75 5.18 4.22 -0.33
N THR A 76 4.30 5.10 -0.83
CA THR A 76 4.46 6.55 -0.68
C THR A 76 3.27 7.14 0.10
N ILE A 77 3.60 7.79 1.22
CA ILE A 77 2.65 8.53 2.09
C ILE A 77 3.34 9.82 2.55
N ARG A 78 2.58 10.90 2.71
CA ARG A 78 3.09 12.21 3.12
C ARG A 78 2.41 12.64 4.42
N GLY A 79 2.57 13.91 4.81
CA GLY A 79 1.92 14.46 6.00
C GLY A 79 2.73 15.59 6.61
N SER A 80 3.89 15.23 7.17
CA SER A 80 4.84 16.19 7.74
C SER A 80 6.09 16.22 6.85
N LEU A 81 5.94 16.91 5.71
CA LEU A 81 7.01 17.04 4.68
C LEU A 81 8.13 17.99 5.14
N GLU A 82 7.74 19.00 5.92
CA GLU A 82 8.65 19.98 6.55
C GLU A 82 8.42 19.96 8.07
N HIS A 83 9.12 20.87 8.79
CA HIS A 83 8.89 21.09 10.23
C HIS A 83 8.57 22.57 10.45
N HIS A 84 7.27 22.90 10.39
CA HIS A 84 6.78 24.25 10.68
C HIS A 84 6.93 24.54 12.19
N HIS A 85 7.62 25.63 12.52
CA HIS A 85 7.82 26.07 13.92
C HIS A 85 6.47 26.58 14.48
N HIS A 86 5.77 25.72 15.23
CA HIS A 86 4.58 26.12 16.05
C HIS A 86 5.04 26.58 17.45
N HIS A 87 6.35 26.46 17.70
CA HIS A 87 7.08 27.19 18.76
C HIS A 87 8.59 27.10 18.47
N HIS A 88 9.35 28.08 18.95
CA HIS A 88 10.82 28.05 18.89
C HIS A 88 11.33 27.02 19.94
N MET A 1 -5.81 15.37 -1.74
CA MET A 1 -6.26 14.38 -0.72
C MET A 1 -5.05 13.62 -0.15
N GLY A 2 -4.13 13.24 -1.04
CA GLY A 2 -3.00 12.39 -0.70
C GLY A 2 -3.43 10.93 -0.68
N GLU A 3 -3.44 10.31 -1.86
CA GLU A 3 -3.66 8.87 -2.01
C GLU A 3 -2.33 8.11 -1.77
N MET A 4 -2.43 6.78 -1.67
CA MET A 4 -1.28 5.93 -1.34
C MET A 4 -1.03 4.93 -2.48
N ASP A 5 0.24 4.78 -2.90
CA ASP A 5 0.65 3.79 -3.90
C ASP A 5 1.51 2.75 -3.19
N ILE A 6 1.07 1.49 -3.21
CA ILE A 6 1.76 0.38 -2.55
C ILE A 6 2.10 -0.65 -3.62
N ARG A 7 3.38 -0.76 -3.96
CA ARG A 7 3.86 -1.66 -5.00
C ARG A 7 4.68 -2.80 -4.37
N PHE A 8 4.30 -4.04 -4.69
CA PHE A 8 5.00 -5.25 -4.25
C PHE A 8 5.87 -5.74 -5.42
N ARG A 9 6.89 -6.54 -5.11
CA ARG A 9 7.82 -7.07 -6.14
C ARG A 9 8.41 -8.39 -5.65
N GLY A 10 8.72 -9.30 -6.57
CA GLY A 10 9.29 -10.60 -6.21
C GLY A 10 9.55 -11.45 -7.43
N ASP A 11 9.50 -12.78 -7.26
CA ASP A 11 9.68 -13.76 -8.33
C ASP A 11 8.35 -14.48 -8.62
N ASP A 12 7.56 -14.70 -7.55
CA ASP A 12 6.36 -15.54 -7.59
C ASP A 12 5.11 -14.65 -7.63
N LEU A 13 4.35 -14.74 -8.75
CA LEU A 13 3.13 -13.95 -8.97
C LEU A 13 2.04 -14.30 -7.94
N GLU A 14 2.05 -15.54 -7.40
CA GLU A 14 1.04 -15.95 -6.41
C GLU A 14 1.28 -15.25 -5.06
N ALA A 15 2.56 -15.04 -4.71
CA ALA A 15 2.91 -14.31 -3.48
C ALA A 15 2.35 -12.87 -3.53
N LEU A 16 2.43 -12.28 -4.74
CA LEU A 16 1.88 -10.95 -5.04
C LEU A 16 0.34 -10.99 -5.05
N GLU A 17 -0.24 -12.10 -5.54
CA GLU A 17 -1.69 -12.29 -5.73
C GLU A 17 -2.42 -12.45 -4.38
N LYS A 18 -1.77 -13.12 -3.41
CA LYS A 18 -2.32 -13.33 -2.07
C LYS A 18 -2.06 -12.08 -1.19
N ALA A 19 -0.95 -11.36 -1.46
CA ALA A 19 -0.70 -10.02 -0.88
C ALA A 19 -1.75 -9.02 -1.37
N LEU A 20 -2.04 -9.08 -2.69
CA LEU A 20 -3.07 -8.30 -3.38
C LEU A 20 -4.44 -8.51 -2.74
N LYS A 21 -4.79 -9.79 -2.54
CA LYS A 21 -6.04 -10.22 -1.88
C LYS A 21 -6.21 -9.50 -0.53
N GLU A 22 -5.13 -9.47 0.25
CA GLU A 22 -5.11 -8.86 1.57
C GLU A 22 -5.23 -7.32 1.51
N MET A 23 -4.51 -6.66 0.57
CA MET A 23 -4.52 -5.18 0.47
C MET A 23 -5.87 -4.64 -0.08
N ILE A 24 -6.52 -5.43 -0.96
CA ILE A 24 -7.88 -5.15 -1.44
C ILE A 24 -8.86 -5.31 -0.25
N ARG A 25 -8.68 -6.42 0.50
CA ARG A 25 -9.46 -6.76 1.72
C ARG A 25 -9.40 -5.60 2.74
N GLN A 26 -8.20 -5.01 2.89
CA GLN A 26 -7.98 -3.86 3.79
C GLN A 26 -8.75 -2.63 3.27
N ALA A 27 -8.48 -2.27 2.01
CA ALA A 27 -9.09 -1.09 1.36
C ALA A 27 -10.64 -1.15 1.42
N ARG A 28 -11.21 -2.37 1.27
CA ARG A 28 -12.66 -2.61 1.28
C ARG A 28 -13.23 -2.51 2.71
N LYS A 29 -12.52 -3.09 3.72
CA LYS A 29 -13.00 -3.07 5.13
C LYS A 29 -12.90 -1.66 5.75
N PHE A 30 -12.04 -0.81 5.13
CA PHE A 30 -11.88 0.61 5.53
C PHE A 30 -12.80 1.53 4.69
N ALA A 31 -13.64 0.93 3.81
CA ALA A 31 -14.61 1.66 2.94
C ALA A 31 -13.90 2.63 1.98
N GLY A 32 -12.89 2.10 1.28
CA GLY A 32 -12.02 2.87 0.40
C GLY A 32 -12.05 2.38 -1.04
N THR A 33 -11.19 2.96 -1.88
CA THR A 33 -11.08 2.62 -3.32
C THR A 33 -9.75 1.87 -3.54
N VAL A 34 -9.76 0.83 -4.40
CA VAL A 34 -8.54 0.06 -4.74
C VAL A 34 -8.55 -0.33 -6.24
N THR A 35 -7.42 -0.09 -6.92
CA THR A 35 -7.19 -0.48 -8.32
C THR A 35 -5.71 -0.85 -8.49
N TYR A 36 -5.44 -1.98 -9.14
CA TYR A 36 -4.08 -2.54 -9.23
C TYR A 36 -3.66 -2.80 -10.68
N THR A 37 -2.35 -3.04 -10.88
CA THR A 37 -1.78 -3.42 -12.17
C THR A 37 -0.71 -4.52 -11.96
N LEU A 38 -1.01 -5.75 -12.41
CA LEU A 38 -0.01 -6.84 -12.47
C LEU A 38 0.91 -6.63 -13.69
N ASP A 39 2.23 -6.69 -13.48
CA ASP A 39 3.23 -6.45 -14.54
C ASP A 39 4.46 -7.32 -14.28
N GLY A 40 4.52 -8.46 -14.98
CA GLY A 40 5.66 -9.36 -14.94
C GLY A 40 5.77 -10.15 -13.64
N ASN A 41 6.67 -9.71 -12.74
CA ASN A 41 6.89 -10.34 -11.43
C ASN A 41 6.76 -9.28 -10.31
N ASP A 42 5.95 -8.23 -10.59
CA ASP A 42 5.62 -7.19 -9.61
C ASP A 42 4.16 -6.71 -9.79
N LEU A 43 3.66 -6.08 -8.73
CA LEU A 43 2.26 -5.64 -8.61
C LEU A 43 2.21 -4.19 -8.09
N GLU A 44 1.48 -3.30 -8.79
CA GLU A 44 1.30 -1.88 -8.39
C GLU A 44 -0.15 -1.64 -7.91
N ILE A 45 -0.33 -1.51 -6.59
CA ILE A 45 -1.66 -1.25 -5.99
C ILE A 45 -1.81 0.27 -5.73
N ARG A 46 -2.96 0.82 -6.09
CA ARG A 46 -3.30 2.24 -5.88
C ARG A 46 -4.58 2.32 -5.02
N ILE A 47 -4.43 2.77 -3.77
CA ILE A 47 -5.55 2.89 -2.81
C ILE A 47 -5.89 4.38 -2.61
N THR A 48 -7.13 4.76 -2.97
CA THR A 48 -7.61 6.15 -2.99
C THR A 48 -8.79 6.30 -2.01
N GLY A 49 -9.11 7.55 -1.62
CA GLY A 49 -10.30 7.85 -0.81
C GLY A 49 -10.04 7.77 0.68
N VAL A 50 -9.29 6.73 1.10
CA VAL A 50 -8.93 6.51 2.50
C VAL A 50 -8.14 7.72 3.10
N PRO A 51 -8.48 8.17 4.36
CA PRO A 51 -7.75 9.27 5.04
C PRO A 51 -6.32 8.88 5.46
N GLU A 52 -5.52 9.88 5.92
CA GLU A 52 -4.10 9.70 6.32
C GLU A 52 -3.94 8.58 7.35
N GLN A 53 -4.75 8.64 8.43
CA GLN A 53 -4.75 7.66 9.53
C GLN A 53 -4.84 6.20 9.02
N VAL A 54 -5.71 5.99 8.02
CA VAL A 54 -5.96 4.67 7.45
C VAL A 54 -4.81 4.26 6.50
N ARG A 55 -4.30 5.23 5.71
CA ARG A 55 -3.12 5.03 4.82
C ARG A 55 -1.91 4.49 5.61
N LYS A 56 -1.72 5.03 6.83
CA LYS A 56 -0.68 4.57 7.77
C LYS A 56 -0.85 3.07 8.09
N GLU A 57 -2.11 2.64 8.28
CA GLU A 57 -2.43 1.23 8.56
C GLU A 57 -2.11 0.35 7.35
N LEU A 58 -2.38 0.88 6.13
CA LEU A 58 -2.03 0.20 4.87
C LEU A 58 -0.50 0.04 4.71
N ALA A 59 0.29 0.91 5.37
CA ALA A 59 1.76 0.78 5.43
C ALA A 59 2.18 -0.42 6.27
N LYS A 60 1.58 -0.60 7.46
CA LYS A 60 1.87 -1.78 8.32
C LYS A 60 1.40 -3.08 7.64
N GLU A 61 0.29 -3.01 6.89
CA GLU A 61 -0.24 -4.17 6.14
C GLU A 61 0.70 -4.51 4.97
N ALA A 62 1.17 -3.48 4.25
CA ALA A 62 2.14 -3.64 3.15
C ALA A 62 3.41 -4.41 3.60
N GLU A 63 3.96 -3.97 4.74
CA GLU A 63 5.17 -4.54 5.34
C GLU A 63 4.97 -5.99 5.82
N ARG A 64 3.83 -6.27 6.50
CA ARG A 64 3.59 -7.62 7.09
C ARG A 64 3.41 -8.66 5.96
N LEU A 65 2.83 -8.23 4.82
CA LEU A 65 2.61 -9.11 3.65
C LEU A 65 3.89 -9.32 2.85
N ALA A 66 4.77 -8.30 2.85
CA ALA A 66 6.10 -8.39 2.21
C ALA A 66 6.91 -9.56 2.80
N LYS A 67 7.06 -9.56 4.13
CA LYS A 67 7.85 -10.58 4.83
C LYS A 67 7.12 -11.93 4.85
N GLU A 68 5.76 -11.89 4.87
CA GLU A 68 4.90 -13.09 4.90
C GLU A 68 5.09 -13.94 3.64
N PHE A 69 4.93 -13.28 2.48
CA PHE A 69 4.96 -13.95 1.16
C PHE A 69 6.36 -13.92 0.53
N ASN A 70 7.37 -13.48 1.33
CA ASN A 70 8.81 -13.52 0.97
C ASN A 70 9.10 -12.60 -0.25
N ILE A 71 8.27 -11.55 -0.38
CA ILE A 71 8.38 -10.52 -1.44
C ILE A 71 8.83 -9.18 -0.84
N THR A 72 9.20 -8.24 -1.71
CA THR A 72 9.53 -6.85 -1.33
C THR A 72 8.29 -5.95 -1.49
N VAL A 73 8.30 -4.79 -0.81
CA VAL A 73 7.26 -3.76 -0.96
C VAL A 73 7.89 -2.36 -0.89
N THR A 74 7.21 -1.41 -1.51
CA THR A 74 7.50 0.03 -1.42
C THR A 74 6.15 0.77 -1.39
N TYR A 75 6.11 1.90 -0.69
CA TYR A 75 4.89 2.72 -0.56
C TYR A 75 5.26 4.20 -0.46
N THR A 76 4.37 5.07 -0.97
CA THR A 76 4.54 6.54 -0.88
C THR A 76 3.36 7.15 -0.09
N ILE A 77 3.70 7.85 1.00
CA ILE A 77 2.74 8.57 1.87
C ILE A 77 3.46 9.79 2.46
N ARG A 78 2.73 10.91 2.55
CA ARG A 78 3.19 12.12 3.24
C ARG A 78 2.32 12.38 4.48
N GLY A 79 2.46 13.58 5.07
CA GLY A 79 1.61 14.02 6.17
C GLY A 79 2.18 13.70 7.54
N SER A 80 2.52 12.42 7.75
CA SER A 80 3.08 11.93 9.02
C SER A 80 4.63 12.09 9.05
N LEU A 81 5.22 12.53 7.93
CA LEU A 81 6.68 12.72 7.78
C LEU A 81 7.09 14.17 8.16
N GLU A 82 6.25 14.84 8.96
CA GLU A 82 6.50 16.22 9.43
C GLU A 82 6.00 16.35 10.88
N HIS A 83 6.65 17.23 11.67
CA HIS A 83 6.28 17.52 13.07
C HIS A 83 7.17 18.64 13.66
N HIS A 84 6.75 19.19 14.81
CA HIS A 84 7.52 20.18 15.59
C HIS A 84 7.34 19.88 17.07
N HIS A 85 8.42 19.98 17.85
CA HIS A 85 8.40 19.71 19.30
C HIS A 85 7.50 20.74 20.02
N HIS A 86 6.50 20.24 20.77
CA HIS A 86 5.58 21.10 21.55
C HIS A 86 5.52 20.61 23.00
N HIS A 87 6.11 21.40 23.90
CA HIS A 87 6.06 21.13 25.35
C HIS A 87 6.25 22.45 26.12
N HIS A 88 5.83 22.45 27.39
CA HIS A 88 5.93 23.62 28.28
C HIS A 88 6.43 23.17 29.67
N MET A 1 -9.29 13.05 3.36
CA MET A 1 -8.55 13.27 2.10
C MET A 1 -7.27 12.44 2.11
N GLY A 2 -6.89 11.92 0.94
CA GLY A 2 -5.60 11.31 0.74
C GLY A 2 -5.63 10.06 -0.11
N GLU A 3 -4.46 9.75 -0.66
CA GLU A 3 -4.23 8.57 -1.49
C GLU A 3 -2.84 7.98 -1.14
N MET A 4 -2.66 6.71 -1.48
CA MET A 4 -1.44 5.95 -1.17
C MET A 4 -1.12 5.04 -2.35
N ASP A 5 0.16 4.91 -2.71
CA ASP A 5 0.60 4.09 -3.83
C ASP A 5 1.49 2.98 -3.26
N ILE A 6 0.94 1.77 -3.20
CA ILE A 6 1.60 0.58 -2.62
C ILE A 6 2.10 -0.29 -3.78
N ARG A 7 3.26 -0.90 -3.64
CA ARG A 7 3.86 -1.69 -4.70
C ARG A 7 4.60 -2.89 -4.13
N PHE A 8 4.25 -4.08 -4.61
CA PHE A 8 4.94 -5.32 -4.29
C PHE A 8 5.77 -5.76 -5.49
N ARG A 9 6.79 -6.57 -5.24
CA ARG A 9 7.57 -7.21 -6.28
C ARG A 9 8.01 -8.56 -5.74
N GLY A 10 7.88 -9.61 -6.55
CA GLY A 10 8.16 -10.96 -6.08
C GLY A 10 8.40 -11.93 -7.21
N ASP A 11 9.43 -12.77 -7.03
CA ASP A 11 9.81 -13.84 -7.97
C ASP A 11 8.62 -14.79 -8.26
N ASP A 12 7.77 -14.98 -7.25
CA ASP A 12 6.54 -15.78 -7.36
C ASP A 12 5.33 -14.83 -7.47
N LEU A 13 4.68 -14.85 -8.65
CA LEU A 13 3.51 -14.00 -8.96
C LEU A 13 2.29 -14.34 -8.06
N GLU A 14 2.23 -15.60 -7.57
CA GLU A 14 1.10 -16.05 -6.72
C GLU A 14 1.16 -15.32 -5.36
N ALA A 15 2.37 -15.19 -4.81
CA ALA A 15 2.61 -14.55 -3.49
C ALA A 15 2.21 -13.06 -3.51
N LEU A 16 2.34 -12.46 -4.71
CA LEU A 16 1.90 -11.08 -4.98
C LEU A 16 0.36 -10.99 -4.89
N GLU A 17 -0.32 -12.01 -5.41
CA GLU A 17 -1.79 -12.09 -5.46
C GLU A 17 -2.41 -12.44 -4.08
N LYS A 18 -1.64 -13.13 -3.22
CA LYS A 18 -2.05 -13.40 -1.81
C LYS A 18 -1.98 -12.08 -1.01
N ALA A 19 -0.86 -11.34 -1.19
CA ALA A 19 -0.67 -10.00 -0.60
C ALA A 19 -1.72 -9.00 -1.11
N LEU A 20 -1.95 -9.05 -2.44
CA LEU A 20 -2.93 -8.22 -3.16
C LEU A 20 -4.34 -8.43 -2.60
N LYS A 21 -4.72 -9.70 -2.38
CA LYS A 21 -6.03 -10.08 -1.85
C LYS A 21 -6.28 -9.44 -0.47
N GLU A 22 -5.19 -9.33 0.32
CA GLU A 22 -5.22 -8.68 1.63
C GLU A 22 -5.28 -7.14 1.50
N MET A 23 -4.54 -6.56 0.54
CA MET A 23 -4.60 -5.10 0.25
C MET A 23 -6.02 -4.66 -0.18
N ILE A 24 -6.69 -5.55 -0.96
CA ILE A 24 -8.08 -5.36 -1.38
C ILE A 24 -9.01 -5.49 -0.15
N ARG A 25 -8.73 -6.52 0.69
CA ARG A 25 -9.46 -6.79 1.97
C ARG A 25 -9.53 -5.52 2.83
N GLN A 26 -8.38 -4.83 2.96
CA GLN A 26 -8.29 -3.62 3.79
C GLN A 26 -9.06 -2.47 3.12
N ALA A 27 -8.86 -2.33 1.80
CA ALA A 27 -9.53 -1.29 1.00
C ALA A 27 -11.07 -1.47 0.98
N ARG A 28 -11.56 -2.69 1.27
CA ARG A 28 -13.00 -3.00 1.31
C ARG A 28 -13.57 -2.72 2.72
N LYS A 29 -12.89 -3.21 3.78
CA LYS A 29 -13.35 -3.09 5.18
C LYS A 29 -13.26 -1.62 5.67
N PHE A 30 -12.31 -0.85 5.10
CA PHE A 30 -12.16 0.58 5.36
C PHE A 30 -13.02 1.39 4.38
N ALA A 31 -13.38 0.74 3.25
CA ALA A 31 -14.34 1.26 2.26
C ALA A 31 -13.78 2.49 1.49
N GLY A 32 -12.85 2.20 0.59
CA GLY A 32 -12.26 3.18 -0.32
C GLY A 32 -12.17 2.64 -1.74
N THR A 33 -11.21 3.16 -2.51
CA THR A 33 -10.96 2.75 -3.90
C THR A 33 -9.68 1.89 -3.92
N VAL A 34 -9.72 0.76 -4.64
CA VAL A 34 -8.58 -0.14 -4.84
C VAL A 34 -8.41 -0.39 -6.36
N THR A 35 -7.19 -0.17 -6.87
CA THR A 35 -6.85 -0.35 -8.29
C THR A 35 -5.41 -0.88 -8.36
N TYR A 36 -5.15 -1.84 -9.26
CA TYR A 36 -3.83 -2.50 -9.34
C TYR A 36 -3.43 -2.83 -10.79
N THR A 37 -2.11 -2.97 -10.99
CA THR A 37 -1.51 -3.41 -12.26
C THR A 37 -0.58 -4.62 -12.00
N LEU A 38 -0.96 -5.79 -12.53
CA LEU A 38 -0.08 -6.99 -12.56
C LEU A 38 0.71 -6.94 -13.89
N ASP A 39 2.03 -6.72 -13.77
CA ASP A 39 2.93 -6.53 -14.92
C ASP A 39 4.29 -7.19 -14.61
N GLY A 40 4.46 -8.44 -15.09
CA GLY A 40 5.63 -9.25 -14.81
C GLY A 40 5.65 -9.75 -13.37
N ASN A 41 6.76 -9.48 -12.66
CA ASN A 41 6.89 -9.79 -11.22
C ASN A 41 6.59 -8.55 -10.36
N ASP A 42 6.08 -7.49 -11.02
CA ASP A 42 5.76 -6.21 -10.39
C ASP A 42 4.23 -6.09 -10.21
N LEU A 43 3.81 -5.68 -9.02
CA LEU A 43 2.42 -5.38 -8.67
C LEU A 43 2.32 -3.93 -8.17
N GLU A 44 1.74 -3.04 -8.99
CA GLU A 44 1.39 -1.67 -8.56
C GLU A 44 -0.03 -1.69 -7.94
N ILE A 45 -0.22 -0.88 -6.90
CA ILE A 45 -1.53 -0.68 -6.24
C ILE A 45 -1.66 0.82 -5.89
N ARG A 46 -2.86 1.38 -6.08
CA ARG A 46 -3.21 2.72 -5.59
C ARG A 46 -4.54 2.64 -4.82
N ILE A 47 -4.50 3.01 -3.53
CA ILE A 47 -5.68 3.09 -2.65
C ILE A 47 -5.99 4.57 -2.35
N THR A 48 -7.22 4.99 -2.66
CA THR A 48 -7.69 6.39 -2.49
C THR A 48 -9.00 6.38 -1.67
N GLY A 49 -9.40 7.56 -1.14
CA GLY A 49 -10.71 7.71 -0.47
C GLY A 49 -10.74 7.14 0.94
N VAL A 50 -9.55 6.86 1.48
CA VAL A 50 -9.37 6.35 2.85
C VAL A 50 -8.67 7.44 3.70
N PRO A 51 -9.02 7.57 5.04
CA PRO A 51 -8.39 8.55 5.94
C PRO A 51 -6.85 8.47 5.96
N GLU A 52 -6.25 9.61 6.27
CA GLU A 52 -4.80 9.77 6.36
C GLU A 52 -4.17 8.86 7.43
N GLN A 53 -4.92 8.62 8.53
CA GLN A 53 -4.49 7.69 9.60
C GLN A 53 -4.44 6.24 9.07
N VAL A 54 -5.43 5.90 8.22
CA VAL A 54 -5.60 4.57 7.64
C VAL A 54 -4.50 4.27 6.60
N ARG A 55 -4.09 5.31 5.84
CA ARG A 55 -2.99 5.20 4.85
C ARG A 55 -1.67 4.79 5.53
N LYS A 56 -1.40 5.42 6.69
CA LYS A 56 -0.24 5.08 7.54
C LYS A 56 -0.27 3.60 7.97
N GLU A 57 -1.49 3.06 8.21
CA GLU A 57 -1.69 1.67 8.65
C GLU A 57 -1.49 0.68 7.50
N LEU A 58 -1.85 1.11 6.27
CA LEU A 58 -1.63 0.31 5.04
C LEU A 58 -0.13 0.14 4.75
N ALA A 59 0.72 1.01 5.35
CA ALA A 59 2.19 0.86 5.34
C ALA A 59 2.64 -0.37 6.13
N LYS A 60 2.07 -0.52 7.34
CA LYS A 60 2.34 -1.67 8.24
C LYS A 60 1.80 -2.96 7.59
N GLU A 61 0.65 -2.82 6.88
CA GLU A 61 0.01 -3.93 6.17
C GLU A 61 0.88 -4.39 4.99
N ALA A 62 1.40 -3.42 4.24
CA ALA A 62 2.28 -3.67 3.09
C ALA A 62 3.52 -4.49 3.48
N GLU A 63 4.16 -4.09 4.60
CA GLU A 63 5.42 -4.71 5.08
C GLU A 63 5.21 -6.09 5.75
N ARG A 64 4.05 -6.30 6.43
CA ARG A 64 3.76 -7.62 7.05
C ARG A 64 3.48 -8.67 5.96
N LEU A 65 2.85 -8.24 4.85
CA LEU A 65 2.58 -9.13 3.70
C LEU A 65 3.87 -9.41 2.93
N ALA A 66 4.79 -8.42 2.91
CA ALA A 66 6.12 -8.57 2.31
C ALA A 66 6.92 -9.71 2.98
N LYS A 67 7.04 -9.64 4.31
CA LYS A 67 7.85 -10.61 5.09
C LYS A 67 7.16 -11.99 5.17
N GLU A 68 5.82 -11.99 5.07
CA GLU A 68 5.01 -13.23 5.14
C GLU A 68 5.25 -14.08 3.86
N PHE A 69 4.98 -13.47 2.70
CA PHE A 69 4.93 -14.19 1.41
C PHE A 69 6.29 -14.21 0.69
N ASN A 70 7.36 -13.72 1.38
CA ASN A 70 8.75 -13.71 0.87
C ASN A 70 8.83 -12.88 -0.44
N ILE A 71 8.31 -11.65 -0.36
CA ILE A 71 8.30 -10.67 -1.46
C ILE A 71 8.77 -9.30 -0.93
N THR A 72 9.26 -8.44 -1.84
CA THR A 72 9.67 -7.06 -1.52
C THR A 72 8.47 -6.11 -1.63
N VAL A 73 8.50 -5.01 -0.86
CA VAL A 73 7.47 -3.96 -0.91
C VAL A 73 8.11 -2.54 -0.87
N THR A 74 7.39 -1.59 -1.45
CA THR A 74 7.62 -0.15 -1.31
C THR A 74 6.26 0.55 -1.41
N TYR A 75 6.12 1.69 -0.74
CA TYR A 75 4.87 2.46 -0.70
C TYR A 75 5.19 3.95 -0.56
N THR A 76 4.21 4.80 -0.91
CA THR A 76 4.31 6.26 -0.79
C THR A 76 3.03 6.83 -0.16
N ILE A 77 3.21 7.59 0.93
CA ILE A 77 2.15 8.34 1.62
C ILE A 77 2.60 9.80 1.77
N ARG A 78 1.87 10.72 1.14
CA ARG A 78 2.04 12.17 1.33
C ARG A 78 0.73 12.76 1.85
N GLY A 79 0.74 13.15 3.12
CA GLY A 79 -0.43 13.68 3.79
C GLY A 79 -0.05 14.70 4.84
N SER A 80 -0.46 15.97 4.61
CA SER A 80 -0.23 17.12 5.53
C SER A 80 1.29 17.41 5.71
N LEU A 81 2.13 16.85 4.82
CA LEU A 81 3.58 17.04 4.85
C LEU A 81 3.94 18.49 4.46
N GLU A 82 3.10 19.06 3.57
CA GLU A 82 3.23 20.44 3.10
C GLU A 82 2.51 21.44 4.03
N HIS A 83 2.37 21.06 5.32
CA HIS A 83 1.92 21.97 6.39
C HIS A 83 2.96 23.09 6.56
N HIS A 84 2.72 24.20 5.86
CA HIS A 84 3.62 25.36 5.85
C HIS A 84 3.64 26.02 7.23
N HIS A 85 4.83 26.46 7.64
CA HIS A 85 5.07 27.07 8.96
C HIS A 85 5.16 28.61 8.83
N HIS A 86 5.07 29.28 9.99
CA HIS A 86 5.15 30.76 10.10
C HIS A 86 6.57 31.29 9.81
N HIS A 87 6.69 32.63 9.79
CA HIS A 87 7.98 33.31 9.62
C HIS A 87 8.87 33.09 10.86
N HIS A 88 10.15 32.85 10.61
CA HIS A 88 11.17 32.69 11.66
C HIS A 88 11.43 34.06 12.35
N MET A 1 -2.33 14.81 3.30
CA MET A 1 -3.37 14.54 2.26
C MET A 1 -2.78 13.76 1.08
N GLY A 2 -3.60 13.54 0.02
CA GLY A 2 -3.14 12.89 -1.21
C GLY A 2 -3.40 11.40 -1.22
N GLU A 3 -3.02 10.75 -2.34
CA GLU A 3 -3.22 9.30 -2.57
C GLU A 3 -2.02 8.48 -2.08
N MET A 4 -2.19 7.16 -2.00
CA MET A 4 -1.12 6.22 -1.64
C MET A 4 -0.93 5.19 -2.75
N ASP A 5 0.34 4.88 -3.07
CA ASP A 5 0.70 3.86 -4.06
C ASP A 5 1.50 2.77 -3.34
N ILE A 6 0.97 1.56 -3.32
CA ILE A 6 1.57 0.41 -2.63
C ILE A 6 2.00 -0.60 -3.68
N ARG A 7 3.30 -0.73 -3.92
CA ARG A 7 3.83 -1.57 -4.99
C ARG A 7 4.69 -2.69 -4.39
N PHE A 8 4.37 -3.92 -4.77
CA PHE A 8 5.09 -5.13 -4.36
C PHE A 8 5.96 -5.58 -5.54
N ARG A 9 7.02 -6.32 -5.24
CA ARG A 9 7.87 -6.99 -6.23
C ARG A 9 8.17 -8.38 -5.71
N GLY A 10 8.01 -9.38 -6.58
CA GLY A 10 8.19 -10.77 -6.22
C GLY A 10 8.55 -11.63 -7.40
N ASP A 11 9.63 -12.43 -7.25
CA ASP A 11 10.05 -13.45 -8.23
C ASP A 11 8.91 -14.45 -8.52
N ASP A 12 8.05 -14.63 -7.51
CA ASP A 12 6.88 -15.49 -7.57
C ASP A 12 5.61 -14.62 -7.64
N LEU A 13 4.88 -14.73 -8.77
CA LEU A 13 3.64 -13.99 -9.01
C LEU A 13 2.51 -14.45 -8.06
N GLU A 14 2.60 -15.71 -7.56
CA GLU A 14 1.62 -16.25 -6.61
C GLU A 14 1.71 -15.50 -5.27
N ALA A 15 2.93 -15.22 -4.81
CA ALA A 15 3.17 -14.47 -3.56
C ALA A 15 2.53 -13.05 -3.63
N LEU A 16 2.58 -12.47 -4.85
CA LEU A 16 1.93 -11.19 -5.16
C LEU A 16 0.39 -11.34 -5.16
N GLU A 17 -0.10 -12.53 -5.57
CA GLU A 17 -1.56 -12.85 -5.58
C GLU A 17 -2.15 -12.93 -4.16
N LYS A 18 -1.44 -13.63 -3.24
CA LYS A 18 -1.86 -13.77 -1.83
C LYS A 18 -1.85 -12.39 -1.13
N ALA A 19 -0.79 -11.58 -1.43
CA ALA A 19 -0.69 -10.19 -0.96
C ALA A 19 -1.86 -9.32 -1.50
N LEU A 20 -2.12 -9.47 -2.82
CA LEU A 20 -3.19 -8.74 -3.56
C LEU A 20 -4.55 -8.92 -2.89
N LYS A 21 -4.90 -10.19 -2.68
CA LYS A 21 -6.19 -10.61 -2.16
C LYS A 21 -6.49 -9.91 -0.82
N GLU A 22 -5.46 -9.90 0.04
CA GLU A 22 -5.53 -9.31 1.38
C GLU A 22 -5.54 -7.77 1.33
N MET A 23 -4.74 -7.14 0.45
CA MET A 23 -4.66 -5.65 0.37
C MET A 23 -5.97 -5.01 -0.14
N ILE A 24 -6.68 -5.70 -1.06
CA ILE A 24 -8.01 -5.28 -1.53
C ILE A 24 -9.01 -5.37 -0.35
N ARG A 25 -8.96 -6.51 0.36
CA ARG A 25 -9.76 -6.79 1.57
C ARG A 25 -9.64 -5.64 2.61
N GLN A 26 -8.41 -5.11 2.75
CA GLN A 26 -8.11 -4.02 3.69
C GLN A 26 -8.67 -2.68 3.19
N ALA A 27 -8.43 -2.37 1.92
CA ALA A 27 -8.91 -1.12 1.29
C ALA A 27 -10.45 -1.05 1.25
N ARG A 28 -11.09 -2.24 1.23
CA ARG A 28 -12.56 -2.37 1.23
C ARG A 28 -13.14 -2.25 2.65
N LYS A 29 -12.45 -2.79 3.68
CA LYS A 29 -12.91 -2.69 5.09
C LYS A 29 -12.80 -1.24 5.59
N PHE A 30 -11.78 -0.52 5.08
CA PHE A 30 -11.55 0.91 5.39
C PHE A 30 -12.39 1.83 4.48
N ALA A 31 -13.25 1.20 3.64
CA ALA A 31 -14.30 1.88 2.84
C ALA A 31 -13.72 2.93 1.86
N GLY A 32 -12.49 2.66 1.41
CA GLY A 32 -11.83 3.46 0.37
C GLY A 32 -11.96 2.83 -1.00
N THR A 33 -11.17 3.31 -1.95
CA THR A 33 -11.09 2.80 -3.32
C THR A 33 -9.74 2.06 -3.49
N VAL A 34 -9.74 0.95 -4.26
CA VAL A 34 -8.54 0.13 -4.50
C VAL A 34 -8.40 -0.19 -6.01
N THR A 35 -7.22 0.11 -6.54
CA THR A 35 -6.79 -0.27 -7.89
C THR A 35 -5.60 -1.22 -7.73
N TYR A 36 -5.33 -2.06 -8.73
CA TYR A 36 -4.14 -2.93 -8.76
C TYR A 36 -3.74 -3.26 -10.21
N THR A 37 -2.43 -3.51 -10.41
CA THR A 37 -1.90 -3.98 -11.71
C THR A 37 -0.79 -5.01 -11.51
N LEU A 38 -1.00 -6.23 -12.05
CA LEU A 38 0.07 -7.24 -12.17
C LEU A 38 0.84 -6.97 -13.47
N ASP A 39 2.09 -6.53 -13.37
CA ASP A 39 2.93 -6.21 -14.53
C ASP A 39 4.26 -6.98 -14.42
N GLY A 40 4.25 -8.21 -14.97
CA GLY A 40 5.41 -9.11 -14.96
C GLY A 40 5.67 -9.72 -13.58
N ASN A 41 6.52 -9.05 -12.78
CA ASN A 41 6.92 -9.51 -11.43
C ASN A 41 6.81 -8.36 -10.42
N ASP A 42 5.84 -7.45 -10.65
CA ASP A 42 5.47 -6.40 -9.68
C ASP A 42 3.94 -6.17 -9.68
N LEU A 43 3.45 -5.62 -8.56
CA LEU A 43 2.01 -5.38 -8.33
C LEU A 43 1.81 -3.96 -7.73
N GLU A 44 1.33 -3.02 -8.56
CA GLU A 44 1.04 -1.63 -8.13
C GLU A 44 -0.44 -1.50 -7.72
N ILE A 45 -0.68 -1.48 -6.40
CA ILE A 45 -2.00 -1.30 -5.77
C ILE A 45 -2.16 0.18 -5.33
N ARG A 46 -3.05 0.94 -5.98
CA ARG A 46 -3.27 2.37 -5.69
C ARG A 46 -4.54 2.53 -4.84
N ILE A 47 -4.34 2.90 -3.57
CA ILE A 47 -5.44 3.04 -2.59
C ILE A 47 -5.61 4.53 -2.22
N THR A 48 -6.83 5.05 -2.49
CA THR A 48 -7.21 6.45 -2.27
C THR A 48 -8.62 6.49 -1.64
N GLY A 49 -8.97 7.59 -0.95
CA GLY A 49 -10.30 7.74 -0.32
C GLY A 49 -10.25 7.44 1.17
N VAL A 50 -9.27 6.61 1.57
CA VAL A 50 -8.95 6.35 2.98
C VAL A 50 -8.17 7.58 3.58
N PRO A 51 -8.45 7.98 4.87
CA PRO A 51 -7.65 9.04 5.59
C PRO A 51 -6.15 8.71 5.66
N GLU A 52 -5.33 9.71 6.02
CA GLU A 52 -3.86 9.59 6.10
C GLU A 52 -3.43 8.70 7.28
N GLN A 53 -4.23 8.71 8.36
CA GLN A 53 -4.03 7.79 9.51
C GLN A 53 -4.25 6.33 9.07
N VAL A 54 -5.20 6.16 8.14
CA VAL A 54 -5.59 4.86 7.60
C VAL A 54 -4.60 4.41 6.50
N ARG A 55 -3.98 5.39 5.78
CA ARG A 55 -2.93 5.10 4.76
C ARG A 55 -1.69 4.46 5.44
N LYS A 56 -1.42 4.90 6.68
CA LYS A 56 -0.38 4.30 7.55
C LYS A 56 -0.71 2.84 7.87
N GLU A 57 -2.02 2.52 7.96
CA GLU A 57 -2.51 1.16 8.25
C GLU A 57 -2.43 0.28 7.00
N LEU A 58 -2.68 0.87 5.80
CA LEU A 58 -2.45 0.18 4.51
C LEU A 58 -0.93 -0.07 4.30
N ALA A 59 -0.09 0.81 4.89
CA ALA A 59 1.36 0.61 4.94
C ALA A 59 1.72 -0.59 5.84
N LYS A 60 0.98 -0.76 6.96
CA LYS A 60 1.19 -1.89 7.90
C LYS A 60 0.84 -3.23 7.22
N GLU A 61 -0.22 -3.19 6.39
CA GLU A 61 -0.70 -4.36 5.65
C GLU A 61 0.29 -4.73 4.54
N ALA A 62 0.79 -3.69 3.86
CA ALA A 62 1.87 -3.81 2.86
C ALA A 62 3.10 -4.53 3.45
N GLU A 63 3.50 -4.07 4.64
CA GLU A 63 4.66 -4.60 5.38
C GLU A 63 4.46 -6.06 5.85
N ARG A 64 3.31 -6.35 6.50
CA ARG A 64 3.07 -7.68 7.11
C ARG A 64 2.97 -8.77 6.03
N LEU A 65 2.45 -8.39 4.85
CA LEU A 65 2.30 -9.31 3.70
C LEU A 65 3.62 -9.47 2.92
N ALA A 66 4.43 -8.41 2.91
CA ALA A 66 5.75 -8.41 2.27
C ALA A 66 6.69 -9.44 2.92
N LYS A 67 6.85 -9.31 4.25
CA LYS A 67 7.76 -10.17 5.03
C LYS A 67 7.18 -11.59 5.19
N GLU A 68 5.85 -11.72 5.01
CA GLU A 68 5.13 -13.00 5.08
C GLU A 68 5.46 -13.87 3.84
N PHE A 69 5.24 -13.27 2.65
CA PHE A 69 5.33 -13.98 1.36
C PHE A 69 6.72 -13.82 0.70
N ASN A 70 7.70 -13.29 1.49
CA ASN A 70 9.13 -13.15 1.09
C ASN A 70 9.28 -12.22 -0.16
N ILE A 71 8.31 -11.30 -0.30
CA ILE A 71 8.29 -10.29 -1.38
C ILE A 71 8.67 -8.90 -0.82
N THR A 72 9.23 -8.08 -1.69
CA THR A 72 9.64 -6.70 -1.36
C THR A 72 8.45 -5.74 -1.55
N VAL A 73 8.38 -4.66 -0.74
CA VAL A 73 7.32 -3.62 -0.86
C VAL A 73 7.94 -2.22 -0.76
N THR A 74 7.31 -1.28 -1.48
CA THR A 74 7.61 0.15 -1.46
C THR A 74 6.26 0.88 -1.51
N TYR A 75 6.10 1.95 -0.72
CA TYR A 75 4.84 2.71 -0.65
C TYR A 75 5.11 4.21 -0.46
N THR A 76 4.28 5.04 -1.11
CA THR A 76 4.40 6.51 -1.08
C THR A 76 3.26 7.11 -0.23
N ILE A 77 3.65 7.84 0.82
CA ILE A 77 2.73 8.60 1.70
C ILE A 77 3.40 9.93 2.08
N ARG A 78 2.72 11.03 1.74
CA ARG A 78 3.18 12.42 2.00
C ARG A 78 2.00 13.23 2.56
N GLY A 79 2.32 14.21 3.43
CA GLY A 79 1.30 15.06 4.07
C GLY A 79 1.69 15.36 5.51
N SER A 80 2.09 14.30 6.21
CA SER A 80 2.74 14.39 7.53
C SER A 80 4.17 14.97 7.38
N LEU A 81 4.75 14.74 6.19
CA LEU A 81 6.13 15.13 5.85
C LEU A 81 6.18 16.58 5.32
N GLU A 82 5.64 17.51 6.11
CA GLU A 82 5.74 18.95 5.84
C GLU A 82 7.14 19.47 6.24
N HIS A 83 7.38 20.79 6.11
CA HIS A 83 8.70 21.39 6.40
C HIS A 83 9.01 21.35 7.91
N HIS A 84 8.56 22.38 8.65
CA HIS A 84 8.75 22.50 10.11
C HIS A 84 7.60 23.37 10.63
N HIS A 85 6.67 22.74 11.38
CA HIS A 85 5.47 23.41 11.93
C HIS A 85 5.87 24.54 12.91
N HIS A 86 7.00 24.35 13.61
CA HIS A 86 7.63 25.38 14.48
C HIS A 86 9.16 25.38 14.29
N HIS A 87 9.82 26.31 14.97
CA HIS A 87 11.27 26.48 14.96
C HIS A 87 11.68 27.35 16.17
N HIS A 88 12.95 27.76 16.22
CA HIS A 88 13.40 28.78 17.18
C HIS A 88 12.98 30.18 16.67
N MET A 1 -7.44 14.33 -1.32
CA MET A 1 -7.52 14.02 0.13
C MET A 1 -6.23 13.33 0.62
N GLY A 2 -5.56 12.62 -0.30
CA GLY A 2 -4.38 11.81 0.02
C GLY A 2 -4.48 10.43 -0.62
N GLU A 3 -3.68 10.21 -1.66
CA GLU A 3 -3.55 8.92 -2.34
C GLU A 3 -2.34 8.15 -1.74
N MET A 4 -2.43 6.82 -1.75
CA MET A 4 -1.31 5.93 -1.43
C MET A 4 -1.25 4.87 -2.54
N ASP A 5 -0.04 4.48 -2.96
CA ASP A 5 0.16 3.40 -3.93
C ASP A 5 1.10 2.37 -3.30
N ILE A 6 0.58 1.14 -3.12
CA ILE A 6 1.25 0.05 -2.42
C ILE A 6 1.74 -0.96 -3.46
N ARG A 7 3.06 -1.04 -3.63
CA ARG A 7 3.68 -1.74 -4.75
C ARG A 7 4.48 -2.95 -4.24
N PHE A 8 4.01 -4.16 -4.57
CA PHE A 8 4.63 -5.42 -4.18
C PHE A 8 5.41 -5.96 -5.37
N ARG A 9 6.71 -6.20 -5.17
CA ARG A 9 7.60 -6.70 -6.20
C ARG A 9 8.32 -7.93 -5.66
N GLY A 10 8.08 -9.09 -6.27
CA GLY A 10 8.62 -10.37 -5.79
C GLY A 10 8.54 -11.46 -6.84
N ASP A 11 9.48 -12.43 -6.71
CA ASP A 11 9.73 -13.50 -7.71
C ASP A 11 8.50 -14.39 -7.97
N ASP A 12 7.63 -14.54 -6.94
CA ASP A 12 6.46 -15.41 -7.00
C ASP A 12 5.19 -14.57 -7.24
N LEU A 13 4.60 -14.71 -8.45
CA LEU A 13 3.40 -13.96 -8.89
C LEU A 13 2.17 -14.24 -8.00
N GLU A 14 2.06 -15.48 -7.50
CA GLU A 14 0.89 -15.91 -6.70
C GLU A 14 1.00 -15.36 -5.27
N ALA A 15 2.25 -15.15 -4.79
CA ALA A 15 2.53 -14.49 -3.51
C ALA A 15 2.08 -13.02 -3.56
N LEU A 16 2.27 -12.40 -4.75
CA LEU A 16 1.79 -11.04 -5.04
C LEU A 16 0.25 -11.01 -5.07
N GLU A 17 -0.36 -12.08 -5.62
CA GLU A 17 -1.83 -12.27 -5.71
C GLU A 17 -2.50 -12.44 -4.33
N LYS A 18 -1.82 -13.13 -3.39
CA LYS A 18 -2.31 -13.31 -2.00
C LYS A 18 -2.18 -11.98 -1.22
N ALA A 19 -1.08 -11.25 -1.47
CA ALA A 19 -0.86 -9.91 -0.88
C ALA A 19 -1.91 -8.91 -1.41
N LEU A 20 -2.16 -9.00 -2.74
CA LEU A 20 -3.19 -8.20 -3.45
C LEU A 20 -4.60 -8.49 -2.90
N LYS A 21 -4.88 -9.79 -2.65
CA LYS A 21 -6.13 -10.25 -2.01
C LYS A 21 -6.34 -9.52 -0.68
N GLU A 22 -5.25 -9.46 0.11
CA GLU A 22 -5.25 -8.80 1.41
C GLU A 22 -5.44 -7.28 1.29
N MET A 23 -4.68 -6.60 0.41
CA MET A 23 -4.71 -5.09 0.35
C MET A 23 -6.02 -4.55 -0.26
N ILE A 24 -6.67 -5.36 -1.14
CA ILE A 24 -8.05 -5.10 -1.57
C ILE A 24 -8.98 -5.24 -0.35
N ARG A 25 -8.82 -6.37 0.39
CA ARG A 25 -9.57 -6.69 1.63
C ARG A 25 -9.45 -5.58 2.70
N GLN A 26 -8.26 -4.94 2.80
CA GLN A 26 -8.02 -3.87 3.77
C GLN A 26 -8.73 -2.58 3.29
N ALA A 27 -8.62 -2.30 1.98
CA ALA A 27 -9.33 -1.18 1.32
C ALA A 27 -10.87 -1.32 1.47
N ARG A 28 -11.33 -2.59 1.49
CA ARG A 28 -12.75 -2.95 1.64
C ARG A 28 -13.23 -2.71 3.08
N LYS A 29 -12.40 -3.12 4.08
CA LYS A 29 -12.78 -3.01 5.52
C LYS A 29 -12.82 -1.53 5.96
N PHE A 30 -12.02 -0.68 5.26
CA PHE A 30 -11.97 0.77 5.47
C PHE A 30 -13.02 1.54 4.62
N ALA A 31 -13.60 0.85 3.62
CA ALA A 31 -14.53 1.44 2.63
C ALA A 31 -13.83 2.55 1.80
N GLY A 32 -12.99 2.09 0.86
CA GLY A 32 -12.31 2.97 -0.10
C GLY A 32 -12.28 2.34 -1.48
N THR A 33 -11.49 2.92 -2.38
CA THR A 33 -11.35 2.44 -3.77
C THR A 33 -9.96 1.84 -3.96
N VAL A 34 -9.87 0.71 -4.68
CA VAL A 34 -8.60 0.00 -4.93
C VAL A 34 -8.46 -0.36 -6.43
N THR A 35 -7.25 -0.16 -6.95
CA THR A 35 -6.85 -0.49 -8.34
C THR A 35 -5.51 -1.24 -8.27
N TYR A 36 -5.15 -1.99 -9.33
CA TYR A 36 -3.83 -2.63 -9.41
C TYR A 36 -3.36 -2.78 -10.87
N THR A 37 -2.04 -2.97 -11.04
CA THR A 37 -1.41 -3.28 -12.33
C THR A 37 -0.37 -4.40 -12.15
N LEU A 38 -0.63 -5.57 -12.75
CA LEU A 38 0.30 -6.72 -12.78
C LEU A 38 1.20 -6.62 -14.03
N ASP A 39 2.51 -6.83 -13.84
CA ASP A 39 3.50 -6.95 -14.94
C ASP A 39 4.70 -7.77 -14.46
N GLY A 40 4.72 -9.07 -14.82
CA GLY A 40 5.80 -9.98 -14.45
C GLY A 40 5.85 -10.25 -12.94
N ASN A 41 6.81 -9.62 -12.27
CA ASN A 41 7.05 -9.76 -10.81
C ASN A 41 6.73 -8.44 -10.08
N ASP A 42 6.04 -7.52 -10.77
CA ASP A 42 5.69 -6.20 -10.22
C ASP A 42 4.16 -6.04 -10.15
N LEU A 43 3.69 -5.54 -9.00
CA LEU A 43 2.27 -5.28 -8.71
C LEU A 43 2.16 -3.86 -8.11
N GLU A 44 1.51 -2.93 -8.84
CA GLU A 44 1.28 -1.55 -8.36
C GLU A 44 -0.19 -1.37 -7.99
N ILE A 45 -0.49 -1.39 -6.69
CA ILE A 45 -1.84 -1.15 -6.13
C ILE A 45 -1.96 0.36 -5.84
N ARG A 46 -3.14 0.96 -6.08
CA ARG A 46 -3.44 2.35 -5.69
C ARG A 46 -4.76 2.39 -4.91
N ILE A 47 -4.68 2.84 -3.65
CA ILE A 47 -5.83 2.99 -2.75
C ILE A 47 -6.07 4.49 -2.50
N THR A 48 -7.31 4.94 -2.76
CA THR A 48 -7.73 6.34 -2.64
C THR A 48 -9.14 6.37 -2.00
N GLY A 49 -9.51 7.51 -1.39
CA GLY A 49 -10.79 7.66 -0.70
C GLY A 49 -10.71 7.34 0.78
N VAL A 50 -9.47 7.20 1.28
CA VAL A 50 -9.17 6.88 2.69
C VAL A 50 -8.26 8.01 3.29
N PRO A 51 -8.47 8.41 4.58
CA PRO A 51 -7.60 9.41 5.28
C PRO A 51 -6.16 8.89 5.53
N GLU A 52 -5.26 9.80 5.97
CA GLU A 52 -3.83 9.52 6.15
C GLU A 52 -3.57 8.50 7.26
N GLN A 53 -4.35 8.60 8.36
CA GLN A 53 -4.30 7.64 9.50
C GLN A 53 -4.47 6.19 9.00
N VAL A 54 -5.32 6.04 7.99
CA VAL A 54 -5.63 4.75 7.34
C VAL A 54 -4.46 4.33 6.42
N ARG A 55 -3.95 5.30 5.62
CA ARG A 55 -2.82 5.05 4.68
C ARG A 55 -1.55 4.58 5.43
N LYS A 56 -1.39 5.05 6.68
CA LYS A 56 -0.34 4.57 7.60
C LYS A 56 -0.57 3.08 7.94
N GLU A 57 -1.82 2.69 8.26
CA GLU A 57 -2.17 1.29 8.61
C GLU A 57 -1.92 0.34 7.43
N LEU A 58 -2.26 0.82 6.20
CA LEU A 58 -2.01 0.08 4.94
C LEU A 58 -0.52 -0.20 4.73
N ALA A 59 0.35 0.71 5.21
CA ALA A 59 1.81 0.56 5.15
C ALA A 59 2.28 -0.65 5.98
N LYS A 60 1.80 -0.73 7.24
CA LYS A 60 2.22 -1.76 8.21
C LYS A 60 1.74 -3.17 7.77
N GLU A 61 0.53 -3.22 7.17
CA GLU A 61 -0.05 -4.47 6.64
C GLU A 61 0.70 -4.92 5.39
N ALA A 62 1.11 -3.94 4.57
CA ALA A 62 1.92 -4.18 3.37
C ALA A 62 3.30 -4.79 3.73
N GLU A 63 3.89 -4.27 4.82
CA GLU A 63 5.19 -4.76 5.35
C GLU A 63 5.06 -6.18 5.91
N ARG A 64 3.92 -6.47 6.60
CA ARG A 64 3.69 -7.80 7.20
C ARG A 64 3.59 -8.86 6.06
N LEU A 65 2.96 -8.47 4.93
CA LEU A 65 2.79 -9.33 3.74
C LEU A 65 4.11 -9.51 3.00
N ALA A 66 4.95 -8.46 3.03
CA ALA A 66 6.29 -8.48 2.42
C ALA A 66 7.13 -9.64 3.01
N LYS A 67 7.23 -9.66 4.35
CA LYS A 67 8.05 -10.66 5.07
C LYS A 67 7.32 -12.02 5.19
N GLU A 68 5.98 -12.00 5.01
CA GLU A 68 5.13 -13.21 5.05
C GLU A 68 5.39 -14.09 3.80
N PHE A 69 5.38 -13.43 2.63
CA PHE A 69 5.50 -14.10 1.32
C PHE A 69 6.93 -13.99 0.72
N ASN A 70 7.87 -13.40 1.49
CA ASN A 70 9.30 -13.22 1.08
C ASN A 70 9.41 -12.27 -0.15
N ILE A 71 8.37 -11.42 -0.33
CA ILE A 71 8.30 -10.42 -1.42
C ILE A 71 8.65 -9.03 -0.85
N THR A 72 8.97 -8.10 -1.73
CA THR A 72 9.33 -6.72 -1.32
C THR A 72 8.09 -5.82 -1.47
N VAL A 73 8.07 -4.71 -0.71
CA VAL A 73 7.04 -3.68 -0.80
C VAL A 73 7.70 -2.29 -0.82
N THR A 74 7.08 -1.37 -1.54
CA THR A 74 7.45 0.04 -1.59
C THR A 74 6.15 0.85 -1.80
N TYR A 75 6.02 1.98 -1.10
CA TYR A 75 4.78 2.78 -1.09
C TYR A 75 5.09 4.25 -0.85
N THR A 76 4.16 5.13 -1.25
CA THR A 76 4.29 6.58 -1.05
C THR A 76 3.29 7.06 0.02
N ILE A 77 3.84 7.62 1.10
CA ILE A 77 3.12 8.31 2.18
C ILE A 77 4.10 9.31 2.82
N ARG A 78 3.73 10.59 2.81
CA ARG A 78 4.56 11.66 3.36
C ARG A 78 4.31 11.80 4.88
N GLY A 79 5.36 11.59 5.67
CA GLY A 79 5.30 11.69 7.12
C GLY A 79 6.43 12.55 7.63
N SER A 80 6.17 13.87 7.69
CA SER A 80 7.08 14.89 8.24
C SER A 80 8.35 15.11 7.36
N LEU A 81 8.28 14.62 6.10
CA LEU A 81 9.41 14.73 5.13
C LEU A 81 9.07 15.69 3.96
N GLU A 82 8.01 16.49 4.11
CA GLU A 82 7.67 17.56 3.15
C GLU A 82 8.52 18.81 3.47
N HIS A 83 9.09 19.46 2.42
CA HIS A 83 10.01 20.59 2.62
C HIS A 83 9.97 21.57 1.43
N HIS A 84 9.22 22.67 1.60
CA HIS A 84 9.35 23.88 0.76
C HIS A 84 10.52 24.71 1.33
N HIS A 85 10.48 24.93 2.66
CA HIS A 85 11.60 25.49 3.46
C HIS A 85 11.58 24.88 4.88
N HIS A 86 12.76 24.40 5.32
CA HIS A 86 12.97 23.83 6.68
C HIS A 86 14.13 24.58 7.37
N HIS A 87 13.78 25.63 8.14
CA HIS A 87 14.75 26.35 9.00
C HIS A 87 15.17 25.45 10.17
N HIS A 88 14.21 24.69 10.69
CA HIS A 88 14.46 23.64 11.70
C HIS A 88 14.48 22.26 10.97
N MET A 1 -9.51 12.97 -0.20
CA MET A 1 -8.32 13.44 -0.92
C MET A 1 -7.15 12.45 -0.76
N GLY A 2 -7.16 11.70 0.38
CA GLY A 2 -6.07 10.82 0.74
C GLY A 2 -5.96 9.60 -0.17
N GLU A 3 -4.86 9.54 -0.93
CA GLU A 3 -4.51 8.37 -1.77
C GLU A 3 -3.12 7.87 -1.38
N MET A 4 -2.85 6.62 -1.74
CA MET A 4 -1.61 5.92 -1.40
C MET A 4 -1.30 4.94 -2.53
N ASP A 5 -0.01 4.79 -2.87
CA ASP A 5 0.45 3.89 -3.92
C ASP A 5 1.39 2.88 -3.24
N ILE A 6 1.06 1.59 -3.30
CA ILE A 6 1.78 0.51 -2.62
C ILE A 6 2.17 -0.53 -3.66
N ARG A 7 3.46 -0.63 -3.98
CA ARG A 7 3.96 -1.62 -4.92
C ARG A 7 4.66 -2.78 -4.19
N PHE A 8 4.28 -4.00 -4.55
CA PHE A 8 4.95 -5.25 -4.17
C PHE A 8 5.72 -5.77 -5.38
N ARG A 9 6.78 -6.53 -5.14
CA ARG A 9 7.58 -7.13 -6.21
C ARG A 9 8.16 -8.44 -5.70
N GLY A 10 7.99 -9.52 -6.45
CA GLY A 10 8.49 -10.83 -6.03
C GLY A 10 8.56 -11.81 -7.16
N ASP A 11 9.48 -12.77 -6.99
CA ASP A 11 9.75 -13.84 -7.96
C ASP A 11 8.53 -14.76 -8.14
N ASP A 12 7.68 -14.82 -7.11
CA ASP A 12 6.46 -15.64 -7.10
C ASP A 12 5.22 -14.75 -7.27
N LEU A 13 4.58 -14.88 -8.46
CA LEU A 13 3.34 -14.15 -8.81
C LEU A 13 2.14 -14.59 -7.93
N GLU A 14 2.22 -15.82 -7.36
CA GLU A 14 1.21 -16.30 -6.37
C GLU A 14 1.27 -15.43 -5.12
N ALA A 15 2.50 -15.18 -4.63
CA ALA A 15 2.76 -14.42 -3.40
C ALA A 15 2.29 -12.96 -3.55
N LEU A 16 2.45 -12.43 -4.79
CA LEU A 16 2.00 -11.09 -5.16
C LEU A 16 0.47 -10.99 -5.11
N GLU A 17 -0.21 -11.87 -5.87
CA GLU A 17 -1.69 -11.85 -6.00
C GLU A 17 -2.39 -12.23 -4.67
N LYS A 18 -1.68 -12.97 -3.82
CA LYS A 18 -2.13 -13.33 -2.46
C LYS A 18 -2.09 -12.08 -1.55
N ALA A 19 -0.94 -11.36 -1.58
CA ALA A 19 -0.78 -10.08 -0.84
C ALA A 19 -1.80 -9.05 -1.34
N LEU A 20 -1.99 -9.01 -2.67
CA LEU A 20 -2.97 -8.17 -3.38
C LEU A 20 -4.37 -8.34 -2.79
N LYS A 21 -4.82 -9.60 -2.74
CA LYS A 21 -6.18 -9.94 -2.27
C LYS A 21 -6.40 -9.49 -0.81
N GLU A 22 -5.31 -9.52 -0.01
CA GLU A 22 -5.35 -9.11 1.40
C GLU A 22 -5.36 -7.59 1.54
N MET A 23 -4.63 -6.88 0.66
CA MET A 23 -4.57 -5.40 0.65
C MET A 23 -5.89 -4.81 0.12
N ILE A 24 -6.57 -5.53 -0.80
CA ILE A 24 -7.92 -5.19 -1.27
C ILE A 24 -8.90 -5.41 -0.11
N ARG A 25 -8.72 -6.53 0.63
CA ARG A 25 -9.51 -6.86 1.83
C ARG A 25 -9.44 -5.70 2.85
N GLN A 26 -8.25 -5.08 2.97
CA GLN A 26 -8.04 -3.90 3.82
C GLN A 26 -8.75 -2.67 3.24
N ALA A 27 -8.53 -2.42 1.95
CA ALA A 27 -9.11 -1.26 1.24
C ALA A 27 -10.65 -1.27 1.28
N ARG A 28 -11.23 -2.49 1.38
CA ARG A 28 -12.69 -2.69 1.44
C ARG A 28 -13.22 -2.55 2.88
N LYS A 29 -12.45 -3.04 3.89
CA LYS A 29 -12.87 -2.93 5.32
C LYS A 29 -12.83 -1.47 5.80
N PHE A 30 -11.98 -0.64 5.15
CA PHE A 30 -11.90 0.81 5.39
C PHE A 30 -12.81 1.60 4.45
N ALA A 31 -13.56 0.87 3.58
CA ALA A 31 -14.51 1.42 2.59
C ALA A 31 -13.84 2.48 1.69
N GLY A 32 -12.94 1.99 0.85
CA GLY A 32 -12.16 2.81 -0.08
C GLY A 32 -12.15 2.22 -1.46
N THR A 33 -11.49 2.90 -2.38
CA THR A 33 -11.37 2.50 -3.78
C THR A 33 -9.99 1.89 -3.99
N VAL A 34 -9.90 0.78 -4.73
CA VAL A 34 -8.64 0.03 -4.90
C VAL A 34 -8.48 -0.44 -6.36
N THR A 35 -7.27 -0.30 -6.89
CA THR A 35 -6.89 -0.74 -8.24
C THR A 35 -5.52 -1.45 -8.12
N TYR A 36 -5.15 -2.23 -9.13
CA TYR A 36 -3.83 -2.87 -9.19
C TYR A 36 -3.36 -3.03 -10.65
N THR A 37 -2.03 -3.05 -10.83
CA THR A 37 -1.39 -3.34 -12.12
C THR A 37 -0.37 -4.49 -11.95
N LEU A 38 -0.66 -5.64 -12.57
CA LEU A 38 0.24 -6.80 -12.62
C LEU A 38 1.08 -6.70 -13.90
N ASP A 39 2.42 -6.63 -13.73
CA ASP A 39 3.36 -6.56 -14.86
C ASP A 39 4.58 -7.41 -14.53
N GLY A 40 4.59 -8.66 -15.02
CA GLY A 40 5.65 -9.63 -14.74
C GLY A 40 5.71 -9.98 -13.26
N ASN A 41 6.69 -9.41 -12.56
CA ASN A 41 6.89 -9.64 -11.10
C ASN A 41 6.54 -8.38 -10.29
N ASP A 42 5.88 -7.40 -10.93
CA ASP A 42 5.44 -6.14 -10.26
C ASP A 42 3.93 -6.16 -10.01
N LEU A 43 3.54 -5.62 -8.85
CA LEU A 43 2.16 -5.43 -8.43
C LEU A 43 2.02 -3.99 -7.88
N GLU A 44 1.40 -3.08 -8.63
CA GLU A 44 1.20 -1.68 -8.19
C GLU A 44 -0.26 -1.48 -7.73
N ILE A 45 -0.47 -1.48 -6.41
CA ILE A 45 -1.80 -1.30 -5.79
C ILE A 45 -2.04 0.19 -5.48
N ARG A 46 -3.07 0.78 -6.09
CA ARG A 46 -3.43 2.21 -5.94
C ARG A 46 -4.74 2.30 -5.15
N ILE A 47 -4.63 2.70 -3.87
CA ILE A 47 -5.78 2.82 -2.95
C ILE A 47 -6.06 4.31 -2.71
N THR A 48 -7.27 4.74 -3.08
CA THR A 48 -7.71 6.13 -2.99
C THR A 48 -9.00 6.22 -2.15
N GLY A 49 -9.17 7.32 -1.40
CA GLY A 49 -10.39 7.56 -0.62
C GLY A 49 -10.29 7.03 0.79
N VAL A 50 -9.09 7.19 1.39
CA VAL A 50 -8.79 6.75 2.77
C VAL A 50 -7.93 7.84 3.50
N PRO A 51 -8.25 8.18 4.80
CA PRO A 51 -7.52 9.21 5.58
C PRO A 51 -6.06 8.83 5.88
N GLU A 52 -5.32 9.82 6.45
CA GLU A 52 -3.88 9.74 6.76
C GLU A 52 -3.54 8.51 7.62
N GLN A 53 -4.24 8.39 8.77
CA GLN A 53 -4.04 7.29 9.72
C GLN A 53 -4.22 5.91 9.06
N VAL A 54 -5.26 5.81 8.21
CA VAL A 54 -5.63 4.57 7.53
C VAL A 54 -4.60 4.20 6.46
N ARG A 55 -4.06 5.19 5.74
CA ARG A 55 -2.99 4.97 4.75
C ARG A 55 -1.73 4.43 5.45
N LYS A 56 -1.47 4.95 6.66
CA LYS A 56 -0.38 4.46 7.52
C LYS A 56 -0.69 3.05 8.08
N GLU A 57 -1.98 2.71 8.24
CA GLU A 57 -2.42 1.34 8.62
C GLU A 57 -2.18 0.37 7.45
N LEU A 58 -2.40 0.86 6.20
CA LEU A 58 -2.10 0.13 4.95
C LEU A 58 -0.58 -0.08 4.79
N ALA A 59 0.21 0.86 5.35
CA ALA A 59 1.68 0.78 5.36
C ALA A 59 2.17 -0.40 6.22
N LYS A 60 1.54 -0.60 7.40
CA LYS A 60 1.85 -1.74 8.29
C LYS A 60 1.47 -3.06 7.61
N GLU A 61 0.28 -3.07 6.94
CA GLU A 61 -0.21 -4.23 6.18
C GLU A 61 0.75 -4.59 5.04
N ALA A 62 1.22 -3.55 4.35
CA ALA A 62 2.17 -3.66 3.24
C ALA A 62 3.46 -4.41 3.66
N GLU A 63 4.05 -3.96 4.78
CA GLU A 63 5.33 -4.48 5.28
C GLU A 63 5.21 -5.91 5.88
N ARG A 64 4.06 -6.21 6.54
CA ARG A 64 3.85 -7.54 7.15
C ARG A 64 3.53 -8.59 6.08
N LEU A 65 2.79 -8.20 5.03
CA LEU A 65 2.47 -9.10 3.89
C LEU A 65 3.69 -9.29 2.99
N ALA A 66 4.59 -8.29 3.00
CA ALA A 66 5.88 -8.36 2.31
C ALA A 66 6.75 -9.49 2.88
N LYS A 67 6.92 -9.50 4.20
CA LYS A 67 7.77 -10.50 4.88
C LYS A 67 7.06 -11.87 4.95
N GLU A 68 5.72 -11.84 4.94
CA GLU A 68 4.86 -13.05 4.99
C GLU A 68 5.04 -13.87 3.71
N PHE A 69 4.81 -13.21 2.56
CA PHE A 69 4.82 -13.85 1.25
C PHE A 69 6.20 -13.81 0.59
N ASN A 70 7.21 -13.28 1.34
CA ASN A 70 8.62 -13.20 0.89
C ASN A 70 8.77 -12.41 -0.44
N ILE A 71 8.18 -11.21 -0.43
CA ILE A 71 8.21 -10.27 -1.55
C ILE A 71 8.62 -8.87 -1.02
N THR A 72 9.23 -8.06 -1.88
CA THR A 72 9.66 -6.70 -1.54
C THR A 72 8.46 -5.75 -1.64
N VAL A 73 8.43 -4.74 -0.78
CA VAL A 73 7.37 -3.72 -0.78
C VAL A 73 7.99 -2.32 -0.74
N THR A 74 7.24 -1.37 -1.28
CA THR A 74 7.48 0.06 -1.14
C THR A 74 6.14 0.76 -1.25
N TYR A 75 6.01 1.94 -0.63
CA TYR A 75 4.78 2.74 -0.68
C TYR A 75 5.12 4.22 -0.58
N THR A 76 4.27 5.05 -1.22
CA THR A 76 4.40 6.50 -1.22
C THR A 76 3.27 7.13 -0.38
N ILE A 77 3.68 7.87 0.66
CA ILE A 77 2.80 8.65 1.54
C ILE A 77 3.66 9.80 2.13
N ARG A 78 3.29 11.05 1.82
CA ARG A 78 3.97 12.25 2.33
C ARG A 78 2.97 13.10 3.12
N GLY A 79 3.07 13.00 4.45
CA GLY A 79 2.18 13.69 5.39
C GLY A 79 2.98 14.46 6.41
N SER A 80 3.68 15.51 5.91
CA SER A 80 4.55 16.40 6.70
C SER A 80 5.74 15.59 7.31
N LEU A 81 6.25 14.62 6.51
CA LEU A 81 7.43 13.78 6.87
C LEU A 81 8.63 14.67 7.21
N GLU A 82 9.01 15.48 6.22
CA GLU A 82 10.09 16.44 6.35
C GLU A 82 9.67 17.53 7.36
N HIS A 83 10.48 17.70 8.41
CA HIS A 83 10.31 18.80 9.36
C HIS A 83 10.86 20.06 8.69
N HIS A 84 9.95 20.84 8.07
CA HIS A 84 10.30 22.01 7.26
C HIS A 84 10.87 23.12 8.16
N HIS A 85 10.30 23.28 9.36
CA HIS A 85 10.86 24.16 10.39
C HIS A 85 10.26 23.78 11.76
N HIS A 86 11.10 23.72 12.80
CA HIS A 86 10.65 23.57 14.20
C HIS A 86 10.28 24.97 14.73
N HIS A 87 9.17 25.07 15.47
CA HIS A 87 8.66 26.35 15.99
C HIS A 87 8.11 26.15 17.41
N HIS A 88 8.79 26.76 18.39
CA HIS A 88 8.37 26.79 19.80
C HIS A 88 7.42 27.99 19.99
N MET A 1 -4.22 15.37 -0.38
CA MET A 1 -2.97 16.03 0.12
C MET A 1 -1.73 15.18 -0.21
N GLY A 2 -1.94 13.90 -0.48
CA GLY A 2 -0.89 12.94 -0.76
C GLY A 2 -1.42 11.53 -0.64
N GLU A 3 -1.92 10.97 -1.76
CA GLU A 3 -2.56 9.64 -1.81
C GLU A 3 -1.49 8.53 -1.83
N MET A 4 -1.95 7.27 -1.68
CA MET A 4 -1.06 6.15 -1.39
C MET A 4 -1.04 5.14 -2.55
N ASP A 5 0.18 4.83 -3.04
CA ASP A 5 0.42 3.81 -4.05
C ASP A 5 1.34 2.75 -3.40
N ILE A 6 0.87 1.51 -3.32
CA ILE A 6 1.59 0.41 -2.65
C ILE A 6 2.00 -0.62 -3.71
N ARG A 7 3.29 -0.68 -4.03
CA ARG A 7 3.82 -1.57 -5.07
C ARG A 7 4.56 -2.76 -4.43
N PHE A 8 4.13 -3.99 -4.79
CA PHE A 8 4.78 -5.25 -4.38
C PHE A 8 5.58 -5.79 -5.58
N ARG A 9 6.72 -6.42 -5.29
CA ARG A 9 7.63 -6.96 -6.32
C ARG A 9 8.23 -8.26 -5.77
N GLY A 10 8.14 -9.38 -6.51
CA GLY A 10 8.51 -10.68 -5.95
C GLY A 10 8.88 -11.74 -6.96
N ASP A 11 9.64 -12.73 -6.48
CA ASP A 11 10.08 -13.93 -7.26
C ASP A 11 8.87 -14.75 -7.71
N ASP A 12 7.87 -14.85 -6.82
CA ASP A 12 6.68 -15.69 -7.01
C ASP A 12 5.44 -14.78 -7.27
N LEU A 13 4.82 -14.95 -8.46
CA LEU A 13 3.61 -14.19 -8.88
C LEU A 13 2.44 -14.43 -7.90
N GLU A 14 2.31 -15.66 -7.37
CA GLU A 14 1.18 -16.02 -6.47
C GLU A 14 1.36 -15.33 -5.11
N ALA A 15 2.61 -15.14 -4.68
CA ALA A 15 2.93 -14.42 -3.44
C ALA A 15 2.43 -12.96 -3.52
N LEU A 16 2.61 -12.38 -4.72
CA LEU A 16 2.11 -11.03 -5.06
C LEU A 16 0.56 -11.02 -5.16
N GLU A 17 -0.01 -12.13 -5.70
CA GLU A 17 -1.44 -12.29 -5.95
C GLU A 17 -2.26 -12.37 -4.65
N LYS A 18 -1.74 -13.14 -3.67
CA LYS A 18 -2.41 -13.31 -2.37
C LYS A 18 -2.18 -12.06 -1.49
N ALA A 19 -1.00 -11.41 -1.64
CA ALA A 19 -0.72 -10.09 -1.00
C ALA A 19 -1.71 -9.04 -1.50
N LEU A 20 -1.93 -9.05 -2.83
CA LEU A 20 -2.93 -8.23 -3.52
C LEU A 20 -4.33 -8.41 -2.93
N LYS A 21 -4.77 -9.68 -2.84
CA LYS A 21 -6.10 -10.06 -2.33
C LYS A 21 -6.30 -9.53 -0.91
N GLU A 22 -5.21 -9.59 -0.11
CA GLU A 22 -5.19 -9.07 1.26
C GLU A 22 -5.33 -7.54 1.28
N MET A 23 -4.59 -6.83 0.41
CA MET A 23 -4.60 -5.33 0.37
C MET A 23 -5.92 -4.77 -0.18
N ILE A 24 -6.57 -5.53 -1.08
CA ILE A 24 -7.91 -5.19 -1.59
C ILE A 24 -8.92 -5.34 -0.43
N ARG A 25 -8.85 -6.50 0.24
CA ARG A 25 -9.62 -6.84 1.46
C ARG A 25 -9.56 -5.68 2.50
N GLN A 26 -8.34 -5.15 2.73
CA GLN A 26 -8.11 -4.05 3.68
C GLN A 26 -8.75 -2.75 3.17
N ALA A 27 -8.46 -2.41 1.90
CA ALA A 27 -8.97 -1.18 1.26
C ALA A 27 -10.52 -1.11 1.26
N ARG A 28 -11.18 -2.28 1.16
CA ARG A 28 -12.64 -2.38 1.12
C ARG A 28 -13.26 -2.22 2.53
N LYS A 29 -12.67 -2.89 3.56
CA LYS A 29 -13.16 -2.78 4.97
C LYS A 29 -12.90 -1.35 5.52
N PHE A 30 -11.86 -0.69 5.00
CA PHE A 30 -11.52 0.71 5.34
C PHE A 30 -12.31 1.71 4.44
N ALA A 31 -13.28 1.18 3.66
CA ALA A 31 -14.29 1.97 2.91
C ALA A 31 -13.69 2.78 1.75
N GLY A 32 -12.43 2.47 1.37
CA GLY A 32 -11.74 3.14 0.26
C GLY A 32 -11.84 2.38 -1.05
N THR A 33 -11.19 2.93 -2.09
CA THR A 33 -11.17 2.36 -3.45
C THR A 33 -9.78 1.75 -3.70
N VAL A 34 -9.72 0.67 -4.51
CA VAL A 34 -8.47 -0.02 -4.86
C VAL A 34 -8.44 -0.31 -6.38
N THR A 35 -7.28 -0.05 -7.01
CA THR A 35 -7.01 -0.33 -8.43
C THR A 35 -5.56 -0.83 -8.56
N TYR A 36 -5.35 -1.93 -9.28
CA TYR A 36 -4.05 -2.64 -9.30
C TYR A 36 -3.61 -2.98 -10.73
N THR A 37 -2.29 -3.16 -10.89
CA THR A 37 -1.67 -3.60 -12.14
C THR A 37 -0.80 -4.85 -11.90
N LEU A 38 -1.30 -6.03 -12.28
CA LEU A 38 -0.51 -7.28 -12.30
C LEU A 38 0.22 -7.38 -13.64
N ASP A 39 1.57 -7.30 -13.61
CA ASP A 39 2.40 -7.37 -14.82
C ASP A 39 3.71 -8.14 -14.51
N GLY A 40 3.68 -9.46 -14.79
CA GLY A 40 4.82 -10.35 -14.59
C GLY A 40 5.11 -10.61 -13.12
N ASN A 41 6.27 -10.13 -12.65
CA ASN A 41 6.71 -10.23 -11.25
C ASN A 41 6.72 -8.86 -10.57
N ASP A 42 5.88 -7.93 -11.10
CA ASP A 42 5.68 -6.59 -10.51
C ASP A 42 4.17 -6.30 -10.41
N LEU A 43 3.78 -5.65 -9.32
CA LEU A 43 2.40 -5.28 -9.00
C LEU A 43 2.40 -3.89 -8.36
N GLU A 44 1.64 -2.93 -8.92
CA GLU A 44 1.39 -1.64 -8.26
C GLU A 44 -0.10 -1.49 -7.93
N ILE A 45 -0.40 -1.44 -6.63
CA ILE A 45 -1.73 -1.18 -6.08
C ILE A 45 -1.88 0.34 -5.80
N ARG A 46 -3.08 0.87 -6.00
CA ARG A 46 -3.43 2.27 -5.71
C ARG A 46 -4.66 2.29 -4.79
N ILE A 47 -4.52 2.84 -3.58
CA ILE A 47 -5.62 2.96 -2.62
C ILE A 47 -5.97 4.44 -2.39
N THR A 48 -7.25 4.77 -2.59
CA THR A 48 -7.79 6.13 -2.59
C THR A 48 -8.94 6.26 -1.57
N GLY A 49 -9.22 7.50 -1.10
CA GLY A 49 -10.39 7.78 -0.25
C GLY A 49 -10.15 7.58 1.24
N VAL A 50 -9.19 6.71 1.58
CA VAL A 50 -8.78 6.46 2.97
C VAL A 50 -7.95 7.65 3.53
N PRO A 51 -8.22 8.11 4.81
CA PRO A 51 -7.45 9.21 5.45
C PRO A 51 -5.99 8.82 5.73
N GLU A 52 -5.19 9.83 6.12
CA GLU A 52 -3.74 9.67 6.44
C GLU A 52 -3.50 8.55 7.46
N GLN A 53 -4.30 8.58 8.56
CA GLN A 53 -4.19 7.61 9.66
C GLN A 53 -4.41 6.16 9.17
N VAL A 54 -5.36 5.99 8.22
CA VAL A 54 -5.69 4.69 7.65
C VAL A 54 -4.63 4.28 6.62
N ARG A 55 -4.04 5.25 5.90
CA ARG A 55 -2.93 5.01 4.95
C ARG A 55 -1.71 4.44 5.69
N LYS A 56 -1.49 4.92 6.94
CA LYS A 56 -0.46 4.37 7.83
C LYS A 56 -0.72 2.88 8.10
N GLU A 57 -2.01 2.54 8.37
CA GLU A 57 -2.45 1.15 8.62
C GLU A 57 -2.19 0.26 7.39
N LEU A 58 -2.42 0.82 6.17
CA LEU A 58 -2.13 0.12 4.90
C LEU A 58 -0.61 -0.07 4.69
N ALA A 59 0.22 0.83 5.28
CA ALA A 59 1.69 0.69 5.26
C ALA A 59 2.13 -0.49 6.13
N LYS A 60 1.49 -0.64 7.31
CA LYS A 60 1.75 -1.78 8.23
C LYS A 60 1.28 -3.10 7.60
N GLU A 61 0.19 -3.04 6.79
CA GLU A 61 -0.29 -4.20 6.02
C GLU A 61 0.71 -4.57 4.91
N ALA A 62 1.22 -3.54 4.22
CA ALA A 62 2.23 -3.70 3.15
C ALA A 62 3.48 -4.46 3.67
N GLU A 63 3.97 -4.01 4.84
CA GLU A 63 5.17 -4.58 5.51
C GLU A 63 4.95 -6.04 5.98
N ARG A 64 3.80 -6.31 6.64
CA ARG A 64 3.52 -7.64 7.24
C ARG A 64 3.33 -8.70 6.13
N LEU A 65 2.79 -8.27 4.96
CA LEU A 65 2.59 -9.15 3.80
C LEU A 65 3.89 -9.32 3.00
N ALA A 66 4.76 -8.28 3.04
CA ALA A 66 6.08 -8.32 2.37
C ALA A 66 6.94 -9.44 2.96
N LYS A 67 7.06 -9.47 4.29
CA LYS A 67 7.86 -10.46 5.00
C LYS A 67 7.20 -11.86 4.94
N GLU A 68 5.84 -11.89 4.96
CA GLU A 68 5.05 -13.13 5.00
C GLU A 68 5.18 -13.93 3.68
N PHE A 69 5.01 -13.22 2.56
CA PHE A 69 5.07 -13.82 1.21
C PHE A 69 6.50 -13.77 0.61
N ASN A 70 7.47 -13.27 1.43
CA ASN A 70 8.91 -13.17 1.08
C ASN A 70 9.12 -12.34 -0.22
N ILE A 71 8.32 -11.26 -0.32
CA ILE A 71 8.36 -10.29 -1.44
C ILE A 71 8.77 -8.91 -0.89
N THR A 72 9.16 -8.00 -1.80
CA THR A 72 9.51 -6.61 -1.46
C THR A 72 8.26 -5.72 -1.64
N VAL A 73 8.26 -4.57 -0.94
CA VAL A 73 7.18 -3.58 -1.04
C VAL A 73 7.73 -2.15 -0.91
N THR A 74 6.98 -1.22 -1.50
CA THR A 74 7.18 0.22 -1.34
C THR A 74 5.80 0.86 -1.26
N TYR A 75 5.68 1.92 -0.45
CA TYR A 75 4.41 2.62 -0.21
C TYR A 75 4.68 4.13 -0.11
N THR A 76 3.81 4.92 -0.75
CA THR A 76 3.94 6.38 -0.83
C THR A 76 2.87 7.02 0.07
N ILE A 77 3.29 7.80 1.10
CA ILE A 77 2.36 8.44 2.07
C ILE A 77 2.96 9.75 2.60
N ARG A 78 2.08 10.71 2.88
CA ARG A 78 2.42 11.96 3.59
C ARG A 78 2.01 11.83 5.06
N GLY A 79 2.74 12.53 5.95
CA GLY A 79 2.49 12.47 7.39
C GLY A 79 2.89 13.75 8.10
N SER A 80 4.02 14.35 7.64
CA SER A 80 4.55 15.60 8.22
C SER A 80 3.59 16.77 7.95
N LEU A 81 3.35 17.04 6.63
CA LEU A 81 2.32 17.99 6.12
C LEU A 81 2.33 19.37 6.82
N GLU A 82 1.64 19.47 7.96
CA GLU A 82 1.30 20.75 8.63
C GLU A 82 2.20 21.02 9.84
N HIS A 83 2.95 20.00 10.28
CA HIS A 83 3.94 20.15 11.36
C HIS A 83 5.37 19.89 10.81
N HIS A 84 5.95 20.98 10.26
CA HIS A 84 7.36 21.02 9.83
C HIS A 84 7.77 22.49 9.70
N HIS A 85 7.88 23.13 10.87
CA HIS A 85 8.31 24.53 11.00
C HIS A 85 8.97 24.71 12.39
N HIS A 86 10.20 24.18 12.51
CA HIS A 86 10.95 24.19 13.79
C HIS A 86 11.33 25.63 14.20
N HIS A 87 11.48 26.51 13.19
CA HIS A 87 11.72 27.96 13.38
C HIS A 87 10.58 28.61 14.20
N HIS A 88 10.94 29.55 15.09
CA HIS A 88 9.97 30.37 15.85
C HIS A 88 9.67 31.65 15.05
N MET A 1 -6.06 15.36 -4.55
CA MET A 1 -5.03 14.37 -4.19
C MET A 1 -5.45 13.66 -2.88
N GLY A 2 -5.75 12.36 -2.99
CA GLY A 2 -6.21 11.54 -1.87
C GLY A 2 -6.04 10.06 -2.15
N GLU A 3 -4.79 9.67 -2.45
CA GLU A 3 -4.44 8.31 -2.88
C GLU A 3 -3.04 7.92 -2.33
N MET A 4 -2.89 6.64 -2.00
CA MET A 4 -1.63 6.01 -1.55
C MET A 4 -1.22 4.97 -2.59
N ASP A 5 0.10 4.79 -2.83
CA ASP A 5 0.63 3.74 -3.72
C ASP A 5 1.30 2.67 -2.85
N ILE A 6 0.99 1.41 -3.10
CA ILE A 6 1.65 0.26 -2.49
C ILE A 6 2.00 -0.72 -3.63
N ARG A 7 3.28 -0.84 -3.96
CA ARG A 7 3.75 -1.78 -4.99
C ARG A 7 4.50 -2.94 -4.34
N PHE A 8 4.18 -4.17 -4.78
CA PHE A 8 4.88 -5.39 -4.37
C PHE A 8 5.68 -5.89 -5.57
N ARG A 9 6.84 -6.47 -5.32
CA ARG A 9 7.72 -7.04 -6.35
C ARG A 9 8.17 -8.41 -5.81
N GLY A 10 7.97 -9.46 -6.59
CA GLY A 10 8.39 -10.80 -6.24
C GLY A 10 8.42 -11.69 -7.45
N ASP A 11 9.51 -12.46 -7.60
CA ASP A 11 9.73 -13.38 -8.74
C ASP A 11 8.66 -14.49 -8.75
N ASP A 12 8.01 -14.69 -7.61
CA ASP A 12 6.85 -15.58 -7.47
C ASP A 12 5.59 -14.68 -7.51
N LEU A 13 4.93 -14.62 -8.69
CA LEU A 13 3.73 -13.77 -8.93
C LEU A 13 2.56 -14.19 -8.01
N GLU A 14 2.58 -15.45 -7.56
CA GLU A 14 1.52 -16.03 -6.72
C GLU A 14 1.54 -15.35 -5.34
N ALA A 15 2.74 -15.18 -4.78
CA ALA A 15 2.95 -14.53 -3.46
C ALA A 15 2.41 -13.08 -3.48
N LEU A 16 2.54 -12.44 -4.67
CA LEU A 16 2.02 -11.08 -4.92
C LEU A 16 0.48 -11.08 -4.96
N GLU A 17 -0.11 -12.20 -5.46
CA GLU A 17 -1.59 -12.38 -5.55
C GLU A 17 -2.21 -12.61 -4.16
N LYS A 18 -1.47 -13.28 -3.26
CA LYS A 18 -1.91 -13.49 -1.86
C LYS A 18 -1.89 -12.14 -1.11
N ALA A 19 -0.82 -11.34 -1.35
CA ALA A 19 -0.70 -9.97 -0.83
C ALA A 19 -1.81 -9.06 -1.39
N LEU A 20 -2.03 -9.17 -2.72
CA LEU A 20 -3.08 -8.45 -3.48
C LEU A 20 -4.45 -8.64 -2.84
N LYS A 21 -4.78 -9.92 -2.59
CA LYS A 21 -6.07 -10.34 -2.04
C LYS A 21 -6.34 -9.65 -0.70
N GLU A 22 -5.27 -9.50 0.10
CA GLU A 22 -5.32 -8.88 1.43
C GLU A 22 -5.38 -7.35 1.35
N MET A 23 -4.62 -6.72 0.41
CA MET A 23 -4.62 -5.25 0.24
C MET A 23 -6.00 -4.72 -0.22
N ILE A 24 -6.66 -5.48 -1.12
CA ILE A 24 -8.03 -5.20 -1.56
C ILE A 24 -9.00 -5.37 -0.37
N ARG A 25 -8.82 -6.49 0.35
CA ARG A 25 -9.59 -6.83 1.58
C ARG A 25 -9.54 -5.69 2.62
N GLN A 26 -8.33 -5.13 2.81
CA GLN A 26 -8.08 -4.01 3.75
C GLN A 26 -8.75 -2.72 3.25
N ALA A 27 -8.52 -2.39 1.97
CA ALA A 27 -9.05 -1.17 1.33
C ALA A 27 -10.60 -1.14 1.34
N ARG A 28 -11.22 -2.34 1.32
CA ARG A 28 -12.69 -2.50 1.33
C ARG A 28 -13.25 -2.38 2.77
N LYS A 29 -12.55 -2.97 3.79
CA LYS A 29 -13.01 -2.88 5.20
C LYS A 29 -12.89 -1.43 5.75
N PHE A 30 -11.90 -0.68 5.23
CA PHE A 30 -11.73 0.77 5.52
C PHE A 30 -12.68 1.62 4.66
N ALA A 31 -13.25 0.98 3.61
CA ALA A 31 -14.24 1.57 2.71
C ALA A 31 -13.64 2.69 1.84
N GLY A 32 -12.90 2.25 0.80
CA GLY A 32 -12.35 3.13 -0.22
C GLY A 32 -12.37 2.46 -1.58
N THR A 33 -11.52 2.92 -2.50
CA THR A 33 -11.32 2.30 -3.83
C THR A 33 -9.92 1.67 -3.88
N VAL A 34 -9.75 0.58 -4.64
CA VAL A 34 -8.46 -0.12 -4.76
C VAL A 34 -8.23 -0.62 -6.21
N THR A 35 -7.34 0.09 -6.91
CA THR A 35 -6.86 -0.28 -8.25
C THR A 35 -5.59 -1.14 -8.10
N TYR A 36 -5.30 -2.00 -9.09
CA TYR A 36 -4.08 -2.82 -9.09
C TYR A 36 -3.63 -3.10 -10.54
N THR A 37 -2.30 -3.11 -10.75
CA THR A 37 -1.67 -3.38 -12.06
C THR A 37 -0.67 -4.53 -11.92
N LEU A 38 -1.00 -5.69 -12.52
CA LEU A 38 -0.06 -6.82 -12.61
C LEU A 38 0.81 -6.66 -13.88
N ASP A 39 2.08 -6.34 -13.66
CA ASP A 39 3.10 -6.24 -14.71
C ASP A 39 4.19 -7.28 -14.43
N GLY A 40 4.01 -8.48 -15.00
CA GLY A 40 4.97 -9.58 -14.89
C GLY A 40 5.12 -10.11 -13.47
N ASN A 41 6.02 -9.47 -12.70
CA ASN A 41 6.34 -9.84 -11.31
C ASN A 41 6.39 -8.61 -10.40
N ASP A 42 5.62 -7.58 -10.75
CA ASP A 42 5.34 -6.44 -9.85
C ASP A 42 3.87 -6.03 -9.96
N LEU A 43 3.38 -5.46 -8.86
CA LEU A 43 1.97 -5.20 -8.63
C LEU A 43 1.79 -3.83 -7.97
N GLU A 44 1.39 -2.82 -8.74
CA GLU A 44 1.13 -1.47 -8.22
C GLU A 44 -0.35 -1.35 -7.82
N ILE A 45 -0.60 -1.40 -6.52
CA ILE A 45 -1.92 -1.22 -5.91
C ILE A 45 -2.07 0.25 -5.48
N ARG A 46 -3.08 0.95 -5.99
CA ARG A 46 -3.35 2.37 -5.63
C ARG A 46 -4.69 2.42 -4.89
N ILE A 47 -4.65 2.81 -3.62
CA ILE A 47 -5.84 2.88 -2.74
C ILE A 47 -6.25 4.34 -2.54
N THR A 48 -7.48 4.67 -2.97
CA THR A 48 -8.01 6.04 -3.01
C THR A 48 -9.12 6.21 -1.95
N GLY A 49 -9.32 7.47 -1.49
CA GLY A 49 -10.45 7.82 -0.62
C GLY A 49 -10.26 7.40 0.83
N VAL A 50 -9.01 7.10 1.21
CA VAL A 50 -8.64 6.73 2.59
C VAL A 50 -7.80 7.87 3.22
N PRO A 51 -8.16 8.36 4.47
CA PRO A 51 -7.40 9.44 5.16
C PRO A 51 -6.01 8.99 5.62
N GLU A 52 -5.19 9.97 6.12
CA GLU A 52 -3.76 9.77 6.44
C GLU A 52 -3.56 8.67 7.50
N GLN A 53 -4.41 8.67 8.54
CA GLN A 53 -4.41 7.64 9.61
C GLN A 53 -4.52 6.21 9.05
N VAL A 54 -5.42 6.04 8.06
CA VAL A 54 -5.72 4.74 7.44
C VAL A 54 -4.58 4.34 6.46
N ARG A 55 -4.11 5.33 5.69
CA ARG A 55 -2.95 5.21 4.76
C ARG A 55 -1.73 4.57 5.44
N LYS A 56 -1.40 5.10 6.63
CA LYS A 56 -0.26 4.62 7.43
C LYS A 56 -0.51 3.19 7.97
N GLU A 57 -1.79 2.80 8.20
CA GLU A 57 -2.14 1.40 8.60
C GLU A 57 -1.91 0.44 7.41
N LEU A 58 -2.24 0.91 6.18
CA LEU A 58 -1.97 0.17 4.93
C LEU A 58 -0.45 -0.02 4.71
N ALA A 59 0.36 0.88 5.28
CA ALA A 59 1.82 0.75 5.28
C ALA A 59 2.27 -0.47 6.09
N LYS A 60 1.74 -0.64 7.33
CA LYS A 60 2.07 -1.82 8.19
C LYS A 60 1.44 -3.11 7.62
N GLU A 61 0.34 -2.98 6.85
CA GLU A 61 -0.27 -4.12 6.15
C GLU A 61 0.64 -4.57 4.99
N ALA A 62 1.19 -3.59 4.26
CA ALA A 62 2.18 -3.82 3.19
C ALA A 62 3.41 -4.58 3.74
N GLU A 63 3.87 -4.16 4.93
CA GLU A 63 5.04 -4.73 5.63
C GLU A 63 4.82 -6.18 6.09
N ARG A 64 3.62 -6.47 6.68
CA ARG A 64 3.32 -7.82 7.21
C ARG A 64 3.14 -8.83 6.05
N LEU A 65 2.63 -8.35 4.90
CA LEU A 65 2.48 -9.19 3.70
C LEU A 65 3.84 -9.41 2.99
N ALA A 66 4.72 -8.40 3.10
CA ALA A 66 6.09 -8.47 2.58
C ALA A 66 6.90 -9.58 3.28
N LYS A 67 6.82 -9.60 4.63
CA LYS A 67 7.56 -10.57 5.45
C LYS A 67 6.86 -11.96 5.45
N GLU A 68 5.55 -11.96 5.17
CA GLU A 68 4.75 -13.21 5.14
C GLU A 68 5.10 -14.05 3.90
N PHE A 69 5.00 -13.43 2.72
CA PHE A 69 5.14 -14.10 1.43
C PHE A 69 6.57 -13.97 0.86
N ASN A 70 7.45 -13.29 1.63
CA ASN A 70 8.87 -13.07 1.29
C ASN A 70 9.00 -12.35 -0.08
N ILE A 71 8.35 -11.18 -0.14
CA ILE A 71 8.31 -10.31 -1.34
C ILE A 71 8.65 -8.87 -0.91
N THR A 72 9.29 -8.13 -1.83
CA THR A 72 9.75 -6.76 -1.56
C THR A 72 8.61 -5.76 -1.81
N VAL A 73 8.38 -4.82 -0.88
CA VAL A 73 7.32 -3.81 -1.01
C VAL A 73 7.93 -2.40 -0.91
N THR A 74 7.31 -1.46 -1.62
CA THR A 74 7.61 -0.04 -1.55
C THR A 74 6.25 0.69 -1.52
N TYR A 75 6.09 1.66 -0.61
CA TYR A 75 4.82 2.39 -0.43
C TYR A 75 5.08 3.89 -0.25
N THR A 76 4.19 4.71 -0.84
CA THR A 76 4.30 6.17 -0.84
C THR A 76 3.17 6.79 -0.01
N ILE A 77 3.55 7.53 1.04
CA ILE A 77 2.65 8.36 1.85
C ILE A 77 3.45 9.59 2.30
N ARG A 78 3.00 10.77 1.88
CA ARG A 78 3.66 12.04 2.17
C ARG A 78 2.75 12.89 3.07
N GLY A 79 3.07 12.88 4.37
CA GLY A 79 2.33 13.65 5.37
C GLY A 79 2.80 15.09 5.45
N SER A 80 2.51 15.86 4.36
CA SER A 80 2.97 17.25 4.19
C SER A 80 4.52 17.34 4.20
N LEU A 81 5.17 16.25 3.72
CA LEU A 81 6.64 16.06 3.82
C LEU A 81 7.43 16.82 2.72
N GLU A 82 6.78 17.79 2.05
CA GLU A 82 7.37 18.51 0.91
C GLU A 82 8.19 19.71 1.42
N HIS A 83 9.33 19.40 2.10
CA HIS A 83 10.31 20.37 2.68
C HIS A 83 9.65 21.63 3.30
N HIS A 84 8.62 21.37 4.15
CA HIS A 84 7.79 22.44 4.77
C HIS A 84 8.66 23.32 5.71
N HIS A 85 9.18 24.41 5.14
CA HIS A 85 10.08 25.37 5.81
C HIS A 85 10.20 26.61 4.89
N HIS A 86 9.09 27.37 4.77
CA HIS A 86 8.98 28.54 3.86
C HIS A 86 9.59 29.83 4.47
N HIS A 87 10.57 29.63 5.37
CA HIS A 87 11.49 30.67 5.85
C HIS A 87 12.85 30.00 6.07
N HIS A 88 13.95 30.78 6.06
CA HIS A 88 15.29 30.24 6.34
C HIS A 88 15.55 30.26 7.87
N MET A 1 -8.89 14.06 -2.34
CA MET A 1 -8.47 13.37 -1.09
C MET A 1 -7.17 12.61 -1.33
N GLY A 2 -6.35 12.47 -0.26
CA GLY A 2 -5.06 11.79 -0.32
C GLY A 2 -5.16 10.30 -0.68
N GLU A 3 -4.09 9.79 -1.28
CA GLU A 3 -4.02 8.42 -1.80
C GLU A 3 -2.74 7.73 -1.34
N MET A 4 -2.76 6.40 -1.32
CA MET A 4 -1.59 5.58 -1.03
C MET A 4 -1.31 4.65 -2.19
N ASP A 5 -0.03 4.51 -2.55
CA ASP A 5 0.44 3.59 -3.58
C ASP A 5 1.24 2.49 -2.88
N ILE A 6 0.76 1.25 -2.95
CA ILE A 6 1.44 0.09 -2.37
C ILE A 6 1.90 -0.78 -3.53
N ARG A 7 3.19 -0.80 -3.82
CA ARG A 7 3.75 -1.54 -4.95
C ARG A 7 4.63 -2.68 -4.42
N PHE A 8 4.26 -3.91 -4.79
CA PHE A 8 4.99 -5.13 -4.40
C PHE A 8 5.83 -5.56 -5.61
N ARG A 9 6.94 -6.25 -5.33
CA ARG A 9 7.80 -6.79 -6.37
C ARG A 9 8.46 -8.07 -5.80
N GLY A 10 8.29 -9.19 -6.52
CA GLY A 10 8.88 -10.46 -6.14
C GLY A 10 8.92 -11.41 -7.33
N ASP A 11 9.87 -12.37 -7.29
CA ASP A 11 10.14 -13.30 -8.42
C ASP A 11 8.96 -14.28 -8.65
N ASP A 12 8.00 -14.31 -7.70
CA ASP A 12 6.79 -15.13 -7.79
C ASP A 12 5.53 -14.24 -7.87
N LEU A 13 4.78 -14.39 -8.97
CA LEU A 13 3.52 -13.67 -9.25
C LEU A 13 2.40 -14.12 -8.27
N GLU A 14 2.44 -15.38 -7.80
CA GLU A 14 1.39 -15.93 -6.92
C GLU A 14 1.38 -15.17 -5.58
N ALA A 15 2.58 -15.00 -5.00
CA ALA A 15 2.78 -14.33 -3.71
C ALA A 15 2.32 -12.86 -3.77
N LEU A 16 2.48 -12.25 -4.97
CA LEU A 16 2.00 -10.89 -5.25
C LEU A 16 0.46 -10.83 -5.14
N GLU A 17 -0.22 -11.84 -5.73
CA GLU A 17 -1.70 -11.91 -5.76
C GLU A 17 -2.30 -12.18 -4.37
N LYS A 18 -1.60 -12.97 -3.53
CA LYS A 18 -2.06 -13.24 -2.16
C LYS A 18 -1.97 -11.95 -1.31
N ALA A 19 -0.84 -11.23 -1.45
CA ALA A 19 -0.65 -9.92 -0.83
C ALA A 19 -1.72 -8.93 -1.31
N LEU A 20 -1.98 -8.96 -2.63
CA LEU A 20 -3.01 -8.16 -3.31
C LEU A 20 -4.40 -8.37 -2.67
N LYS A 21 -4.78 -9.64 -2.48
CA LYS A 21 -6.11 -10.02 -1.94
C LYS A 21 -6.31 -9.44 -0.52
N GLU A 22 -5.22 -9.46 0.26
CA GLU A 22 -5.21 -8.89 1.62
C GLU A 22 -5.38 -7.36 1.56
N MET A 23 -4.61 -6.69 0.66
CA MET A 23 -4.63 -5.22 0.48
C MET A 23 -6.00 -4.73 -0.01
N ILE A 24 -6.65 -5.53 -0.87
CA ILE A 24 -8.00 -5.25 -1.39
C ILE A 24 -9.00 -5.31 -0.23
N ARG A 25 -8.91 -6.37 0.60
CA ARG A 25 -9.77 -6.56 1.78
C ARG A 25 -9.65 -5.37 2.74
N GLN A 26 -8.40 -4.90 2.95
CA GLN A 26 -8.11 -3.75 3.81
C GLN A 26 -8.79 -2.48 3.25
N ALA A 27 -8.58 -2.23 1.95
CA ALA A 27 -9.15 -1.07 1.24
C ALA A 27 -10.70 -1.06 1.33
N ARG A 28 -11.31 -2.25 1.23
CA ARG A 28 -12.78 -2.42 1.23
C ARG A 28 -13.38 -2.26 2.64
N LYS A 29 -12.69 -2.80 3.67
CA LYS A 29 -13.19 -2.74 5.07
C LYS A 29 -13.05 -1.30 5.63
N PHE A 30 -12.06 -0.56 5.09
CA PHE A 30 -11.85 0.87 5.42
C PHE A 30 -12.68 1.79 4.50
N ALA A 31 -13.53 1.19 3.63
CA ALA A 31 -14.41 1.90 2.68
C ALA A 31 -13.61 2.87 1.79
N GLY A 32 -12.80 2.28 0.92
CA GLY A 32 -11.95 2.99 -0.02
C GLY A 32 -11.91 2.30 -1.37
N THR A 33 -11.35 2.98 -2.36
CA THR A 33 -11.28 2.51 -3.74
C THR A 33 -9.92 1.85 -3.97
N VAL A 34 -9.88 0.73 -4.70
CA VAL A 34 -8.67 -0.05 -4.94
C VAL A 34 -8.60 -0.48 -6.42
N THR A 35 -7.44 -0.29 -7.03
CA THR A 35 -7.12 -0.70 -8.40
C THR A 35 -5.72 -1.33 -8.38
N TYR A 36 -5.38 -2.20 -9.33
CA TYR A 36 -4.10 -2.93 -9.32
C TYR A 36 -3.62 -3.25 -10.74
N THR A 37 -2.29 -3.33 -10.89
CA THR A 37 -1.65 -3.72 -12.14
C THR A 37 -0.71 -4.92 -11.89
N LEU A 38 -1.09 -6.11 -12.39
CA LEU A 38 -0.21 -7.31 -12.37
C LEU A 38 0.62 -7.32 -13.66
N ASP A 39 1.94 -7.16 -13.50
CA ASP A 39 2.91 -7.14 -14.62
C ASP A 39 4.12 -8.01 -14.25
N GLY A 40 3.99 -9.32 -14.58
CA GLY A 40 5.04 -10.31 -14.33
C GLY A 40 5.45 -10.45 -12.85
N ASN A 41 6.62 -9.90 -12.51
CA ASN A 41 7.20 -9.97 -11.15
C ASN A 41 7.02 -8.65 -10.41
N ASP A 42 6.01 -7.88 -10.81
CA ASP A 42 5.71 -6.55 -10.23
C ASP A 42 4.19 -6.32 -10.17
N LEU A 43 3.75 -5.71 -9.06
CA LEU A 43 2.34 -5.38 -8.80
C LEU A 43 2.25 -3.95 -8.24
N GLU A 44 1.49 -3.07 -8.93
CA GLU A 44 1.21 -1.70 -8.44
C GLU A 44 -0.25 -1.60 -7.96
N ILE A 45 -0.45 -1.52 -6.64
CA ILE A 45 -1.79 -1.32 -6.02
C ILE A 45 -1.98 0.18 -5.71
N ARG A 46 -3.06 0.76 -6.23
CA ARG A 46 -3.38 2.18 -6.09
C ARG A 46 -4.70 2.30 -5.30
N ILE A 47 -4.60 2.70 -4.02
CA ILE A 47 -5.74 2.84 -3.10
C ILE A 47 -5.97 4.34 -2.80
N THR A 48 -7.18 4.84 -3.07
CA THR A 48 -7.57 6.25 -2.79
C THR A 48 -8.87 6.27 -1.97
N GLY A 49 -9.11 7.36 -1.21
CA GLY A 49 -10.32 7.49 -0.40
C GLY A 49 -10.17 6.93 1.00
N VAL A 50 -8.93 6.55 1.36
CA VAL A 50 -8.56 6.22 2.75
C VAL A 50 -7.77 7.43 3.33
N PRO A 51 -8.14 7.95 4.55
CA PRO A 51 -7.46 9.15 5.15
C PRO A 51 -6.05 8.80 5.63
N GLU A 52 -5.23 9.84 5.88
CA GLU A 52 -3.78 9.70 6.17
C GLU A 52 -3.49 8.79 7.37
N GLN A 53 -4.34 8.87 8.40
CA GLN A 53 -4.30 8.01 9.59
C GLN A 53 -4.39 6.51 9.22
N VAL A 54 -5.28 6.20 8.27
CA VAL A 54 -5.55 4.85 7.79
C VAL A 54 -4.48 4.41 6.76
N ARG A 55 -3.94 5.37 5.97
CA ARG A 55 -2.87 5.08 4.99
C ARG A 55 -1.62 4.54 5.71
N LYS A 56 -1.35 5.07 6.92
CA LYS A 56 -0.27 4.59 7.79
C LYS A 56 -0.51 3.13 8.21
N GLU A 57 -1.78 2.75 8.43
CA GLU A 57 -2.17 1.36 8.77
C GLU A 57 -1.89 0.42 7.58
N LEU A 58 -2.24 0.89 6.35
CA LEU A 58 -1.98 0.16 5.10
C LEU A 58 -0.46 -0.08 4.90
N ALA A 59 0.36 0.81 5.49
CA ALA A 59 1.83 0.65 5.49
C ALA A 59 2.27 -0.55 6.33
N LYS A 60 1.69 -0.70 7.53
CA LYS A 60 2.00 -1.85 8.43
C LYS A 60 1.44 -3.16 7.84
N GLU A 61 0.34 -3.05 7.07
CA GLU A 61 -0.26 -4.17 6.36
C GLU A 61 0.66 -4.59 5.19
N ALA A 62 1.15 -3.60 4.43
CA ALA A 62 2.10 -3.81 3.32
C ALA A 62 3.37 -4.56 3.80
N GLU A 63 3.87 -4.14 4.98
CA GLU A 63 5.05 -4.73 5.63
C GLU A 63 4.82 -6.18 6.07
N ARG A 64 3.64 -6.46 6.69
CA ARG A 64 3.34 -7.81 7.24
C ARG A 64 3.14 -8.82 6.09
N LEU A 65 2.69 -8.34 4.91
CA LEU A 65 2.53 -9.18 3.71
C LEU A 65 3.87 -9.43 3.01
N ALA A 66 4.74 -8.40 3.03
CA ALA A 66 6.10 -8.47 2.47
C ALA A 66 6.93 -9.57 3.19
N LYS A 67 6.91 -9.53 4.53
CA LYS A 67 7.65 -10.51 5.35
C LYS A 67 6.96 -11.90 5.35
N GLU A 68 5.64 -11.94 5.05
CA GLU A 68 4.87 -13.19 5.07
C GLU A 68 5.16 -14.04 3.83
N PHE A 69 4.98 -13.43 2.66
CA PHE A 69 5.09 -14.11 1.34
C PHE A 69 6.52 -14.03 0.77
N ASN A 70 7.43 -13.39 1.55
CA ASN A 70 8.87 -13.24 1.21
C ASN A 70 9.02 -12.46 -0.11
N ILE A 71 8.26 -11.37 -0.21
CA ILE A 71 8.30 -10.43 -1.35
C ILE A 71 8.67 -9.04 -0.86
N THR A 72 9.20 -8.23 -1.76
CA THR A 72 9.61 -6.86 -1.45
C THR A 72 8.40 -5.91 -1.63
N VAL A 73 8.39 -4.82 -0.87
CA VAL A 73 7.33 -3.79 -0.98
C VAL A 73 7.97 -2.40 -0.90
N THR A 74 7.31 -1.45 -1.56
CA THR A 74 7.60 -0.02 -1.47
C THR A 74 6.27 0.72 -1.50
N TYR A 75 6.07 1.65 -0.57
CA TYR A 75 4.78 2.35 -0.39
C TYR A 75 4.98 3.86 -0.32
N THR A 76 4.03 4.61 -0.87
CA THR A 76 4.05 6.08 -0.90
C THR A 76 2.83 6.62 -0.12
N ILE A 77 3.08 7.45 0.91
CA ILE A 77 2.05 8.19 1.64
C ILE A 77 2.55 9.63 1.83
N ARG A 78 1.93 10.59 1.10
CA ARG A 78 2.33 12.00 1.07
C ARG A 78 1.08 12.90 1.05
N GLY A 79 1.33 14.18 1.28
CA GLY A 79 0.30 15.19 1.52
C GLY A 79 0.86 16.33 2.33
N SER A 80 2.00 16.05 2.99
CA SER A 80 2.83 17.06 3.67
C SER A 80 3.78 17.73 2.65
N LEU A 81 3.23 18.14 1.49
CA LEU A 81 3.97 18.92 0.47
C LEU A 81 4.32 20.29 1.06
N GLU A 82 3.27 20.98 1.58
CA GLU A 82 3.38 22.20 2.40
C GLU A 82 4.15 23.33 1.69
N HIS A 83 3.43 24.13 0.91
CA HIS A 83 3.98 25.34 0.26
C HIS A 83 3.47 26.58 0.99
N HIS A 84 4.06 26.83 2.17
CA HIS A 84 3.63 27.93 3.08
C HIS A 84 4.79 28.37 4.00
N HIS A 85 6.05 28.15 3.56
CA HIS A 85 7.27 28.63 4.27
C HIS A 85 7.28 30.17 4.16
N HIS A 86 6.52 30.79 5.06
CA HIS A 86 6.12 32.19 4.97
C HIS A 86 7.21 33.10 5.54
N HIS A 87 7.60 34.14 4.79
CA HIS A 87 8.58 35.15 5.24
C HIS A 87 8.04 35.90 6.48
N HIS A 88 8.90 36.08 7.48
CA HIS A 88 8.56 36.86 8.68
C HIS A 88 8.42 38.36 8.31
N MET A 1 -3.40 13.87 3.17
CA MET A 1 -4.51 13.38 2.32
C MET A 1 -3.99 13.05 0.91
N GLY A 2 -4.63 12.07 0.24
CA GLY A 2 -4.30 11.73 -1.14
C GLY A 2 -4.37 10.24 -1.42
N GLU A 3 -3.78 9.82 -2.54
CA GLU A 3 -3.67 8.41 -2.92
C GLU A 3 -2.37 7.81 -2.32
N MET A 4 -2.41 6.52 -1.99
CA MET A 4 -1.24 5.75 -1.51
C MET A 4 -0.92 4.63 -2.50
N ASP A 5 0.24 4.73 -3.18
CA ASP A 5 0.75 3.66 -4.05
C ASP A 5 1.53 2.64 -3.19
N ILE A 6 1.05 1.41 -3.16
CA ILE A 6 1.68 0.29 -2.43
C ILE A 6 2.12 -0.74 -3.48
N ARG A 7 3.41 -0.89 -3.67
CA ARG A 7 3.97 -1.73 -4.75
C ARG A 7 4.74 -2.91 -4.13
N PHE A 8 4.41 -4.12 -4.58
CA PHE A 8 5.09 -5.36 -4.17
C PHE A 8 5.91 -5.87 -5.37
N ARG A 9 6.95 -6.69 -5.10
CA ARG A 9 7.79 -7.26 -6.17
C ARG A 9 8.29 -8.66 -5.75
N GLY A 10 8.12 -9.66 -6.63
CA GLY A 10 8.52 -11.03 -6.33
C GLY A 10 8.81 -11.81 -7.60
N ASP A 11 9.56 -12.91 -7.48
CA ASP A 11 9.85 -13.82 -8.61
C ASP A 11 8.59 -14.67 -8.90
N ASP A 12 7.65 -14.73 -7.92
CA ASP A 12 6.37 -15.43 -8.07
C ASP A 12 5.23 -14.38 -8.12
N LEU A 13 4.55 -14.32 -9.28
CA LEU A 13 3.39 -13.42 -9.51
C LEU A 13 2.22 -13.74 -8.55
N GLU A 14 2.13 -15.01 -8.10
CA GLU A 14 1.00 -15.44 -7.25
C GLU A 14 1.16 -14.90 -5.82
N ALA A 15 2.39 -14.81 -5.30
CA ALA A 15 2.65 -14.29 -3.93
C ALA A 15 2.24 -12.82 -3.82
N LEU A 16 2.37 -12.12 -4.96
CA LEU A 16 1.90 -10.75 -5.14
C LEU A 16 0.36 -10.72 -5.05
N GLU A 17 -0.31 -11.70 -5.68
CA GLU A 17 -1.80 -11.82 -5.69
C GLU A 17 -2.37 -12.22 -4.31
N LYS A 18 -1.57 -12.89 -3.46
CA LYS A 18 -1.99 -13.21 -2.07
C LYS A 18 -1.88 -11.96 -1.19
N ALA A 19 -0.78 -11.19 -1.33
CA ALA A 19 -0.62 -9.87 -0.68
C ALA A 19 -1.76 -8.93 -1.13
N LEU A 20 -2.00 -8.97 -2.45
CA LEU A 20 -3.07 -8.21 -3.13
C LEU A 20 -4.44 -8.47 -2.51
N LYS A 21 -4.76 -9.77 -2.33
CA LYS A 21 -6.06 -10.22 -1.80
C LYS A 21 -6.35 -9.54 -0.45
N GLU A 22 -5.28 -9.39 0.34
CA GLU A 22 -5.33 -8.82 1.69
C GLU A 22 -5.33 -7.28 1.66
N MET A 23 -4.57 -6.65 0.75
CA MET A 23 -4.56 -5.17 0.63
C MET A 23 -5.90 -4.64 0.06
N ILE A 24 -6.55 -5.46 -0.79
CA ILE A 24 -7.91 -5.20 -1.28
C ILE A 24 -8.88 -5.38 -0.10
N ARG A 25 -8.72 -6.50 0.63
CA ARG A 25 -9.50 -6.83 1.85
C ARG A 25 -9.51 -5.65 2.86
N GLN A 26 -8.34 -4.99 2.99
CA GLN A 26 -8.18 -3.82 3.85
C GLN A 26 -8.91 -2.60 3.25
N ALA A 27 -8.65 -2.30 1.98
CA ALA A 27 -9.27 -1.16 1.28
C ALA A 27 -10.82 -1.27 1.24
N ARG A 28 -11.34 -2.52 1.28
CA ARG A 28 -12.78 -2.78 1.29
C ARG A 28 -13.35 -2.56 2.71
N LYS A 29 -12.65 -3.06 3.76
CA LYS A 29 -13.13 -2.93 5.16
C LYS A 29 -13.07 -1.46 5.64
N PHE A 30 -12.20 -0.66 5.00
CA PHE A 30 -12.10 0.80 5.24
C PHE A 30 -12.98 1.59 4.24
N ALA A 31 -13.67 0.87 3.31
CA ALA A 31 -14.65 1.43 2.34
C ALA A 31 -14.00 2.40 1.32
N GLY A 32 -12.66 2.27 1.17
CA GLY A 32 -11.89 3.02 0.17
C GLY A 32 -11.86 2.33 -1.18
N THR A 33 -11.16 2.94 -2.15
CA THR A 33 -11.04 2.44 -3.53
C THR A 33 -9.66 1.79 -3.70
N VAL A 34 -9.58 0.69 -4.44
CA VAL A 34 -8.35 -0.06 -4.66
C VAL A 34 -8.26 -0.47 -6.13
N THR A 35 -7.08 -0.26 -6.72
CA THR A 35 -6.76 -0.62 -8.11
C THR A 35 -5.43 -1.35 -8.12
N TYR A 36 -5.34 -2.45 -8.87
CA TYR A 36 -4.10 -3.24 -8.95
C TYR A 36 -3.62 -3.35 -10.40
N THR A 37 -2.31 -3.52 -10.55
CA THR A 37 -1.66 -3.77 -11.83
C THR A 37 -0.64 -4.90 -11.68
N LEU A 38 -1.02 -6.12 -12.11
CA LEU A 38 -0.08 -7.23 -12.25
C LEU A 38 0.72 -7.01 -13.53
N ASP A 39 2.01 -6.70 -13.39
CA ASP A 39 2.89 -6.34 -14.51
C ASP A 39 4.17 -7.17 -14.41
N GLY A 40 4.22 -8.26 -15.18
CA GLY A 40 5.37 -9.15 -15.23
C GLY A 40 5.64 -9.87 -13.90
N ASN A 41 6.48 -9.26 -13.05
CA ASN A 41 6.87 -9.84 -11.74
C ASN A 41 6.85 -8.77 -10.64
N ASP A 42 5.99 -7.75 -10.80
CA ASP A 42 5.66 -6.79 -9.74
C ASP A 42 4.19 -6.37 -9.83
N LEU A 43 3.68 -5.89 -8.71
CA LEU A 43 2.29 -5.49 -8.53
C LEU A 43 2.21 -4.04 -8.03
N GLU A 44 1.42 -3.20 -8.70
CA GLU A 44 1.22 -1.79 -8.32
C GLU A 44 -0.23 -1.59 -7.83
N ILE A 45 -0.39 -1.46 -6.52
CA ILE A 45 -1.69 -1.18 -5.87
C ILE A 45 -1.80 0.33 -5.61
N ARG A 46 -2.96 0.92 -5.89
CA ARG A 46 -3.26 2.33 -5.62
C ARG A 46 -4.58 2.42 -4.84
N ILE A 47 -4.49 2.82 -3.56
CA ILE A 47 -5.63 2.94 -2.65
C ILE A 47 -5.92 4.42 -2.37
N THR A 48 -7.15 4.84 -2.69
CA THR A 48 -7.61 6.24 -2.53
C THR A 48 -8.90 6.23 -1.66
N GLY A 49 -9.41 7.42 -1.28
CA GLY A 49 -10.68 7.55 -0.57
C GLY A 49 -10.50 7.52 0.94
N VAL A 50 -9.76 6.51 1.41
CA VAL A 50 -9.40 6.35 2.83
C VAL A 50 -8.57 7.56 3.33
N PRO A 51 -8.82 8.05 4.60
CA PRO A 51 -8.00 9.13 5.21
C PRO A 51 -6.50 8.75 5.32
N GLU A 52 -5.66 9.77 5.50
CA GLU A 52 -4.20 9.59 5.58
C GLU A 52 -3.83 8.74 6.80
N GLN A 53 -4.58 8.92 7.90
CA GLN A 53 -4.40 8.11 9.13
C GLN A 53 -4.54 6.60 8.82
N VAL A 54 -5.51 6.29 7.96
CA VAL A 54 -5.79 4.92 7.53
C VAL A 54 -4.74 4.43 6.52
N ARG A 55 -4.28 5.33 5.62
CA ARG A 55 -3.21 5.03 4.63
C ARG A 55 -1.90 4.63 5.33
N LYS A 56 -1.64 5.26 6.49
CA LYS A 56 -0.49 4.94 7.35
C LYS A 56 -0.61 3.51 7.95
N GLU A 57 -1.86 3.01 8.08
CA GLU A 57 -2.12 1.64 8.59
C GLU A 57 -1.97 0.62 7.45
N LEU A 58 -2.28 1.06 6.22
CA LEU A 58 -2.03 0.28 4.99
C LEU A 58 -0.51 0.04 4.79
N ALA A 59 0.32 0.88 5.44
CA ALA A 59 1.78 0.69 5.50
C ALA A 59 2.14 -0.55 6.33
N LYS A 60 1.52 -0.68 7.53
CA LYS A 60 1.79 -1.82 8.45
C LYS A 60 1.34 -3.13 7.79
N GLU A 61 0.19 -3.07 7.06
CA GLU A 61 -0.35 -4.20 6.31
C GLU A 61 0.59 -4.58 5.14
N ALA A 62 1.10 -3.55 4.44
CA ALA A 62 2.04 -3.72 3.32
C ALA A 62 3.33 -4.47 3.74
N GLU A 63 3.90 -4.02 4.87
CA GLU A 63 5.15 -4.56 5.43
C GLU A 63 4.98 -6.02 5.92
N ARG A 64 3.86 -6.30 6.63
CA ARG A 64 3.61 -7.64 7.21
C ARG A 64 3.38 -8.71 6.12
N LEU A 65 2.75 -8.29 5.01
CA LEU A 65 2.48 -9.18 3.86
C LEU A 65 3.75 -9.42 3.05
N ALA A 66 4.58 -8.39 2.92
CA ALA A 66 5.85 -8.46 2.20
C ALA A 66 6.78 -9.53 2.81
N LYS A 67 6.93 -9.48 4.15
CA LYS A 67 7.82 -10.42 4.89
C LYS A 67 7.17 -11.82 4.99
N GLU A 68 5.82 -11.86 4.92
CA GLU A 68 5.04 -13.10 4.97
C GLU A 68 5.28 -13.93 3.69
N PHE A 69 5.08 -13.29 2.53
CA PHE A 69 5.16 -13.94 1.20
C PHE A 69 6.58 -13.86 0.59
N ASN A 70 7.54 -13.31 1.38
CA ASN A 70 8.99 -13.25 1.04
C ASN A 70 9.26 -12.28 -0.14
N ILE A 71 8.28 -11.39 -0.41
CA ILE A 71 8.33 -10.40 -1.50
C ILE A 71 8.72 -9.01 -0.92
N THR A 72 9.24 -8.12 -1.77
CA THR A 72 9.66 -6.76 -1.37
C THR A 72 8.47 -5.79 -1.44
N VAL A 73 8.46 -4.77 -0.56
CA VAL A 73 7.44 -3.70 -0.59
C VAL A 73 8.13 -2.32 -0.62
N THR A 74 7.54 -1.44 -1.41
CA THR A 74 7.85 -0.04 -1.47
C THR A 74 6.52 0.67 -1.59
N TYR A 75 6.26 1.63 -0.71
CA TYR A 75 4.97 2.34 -0.62
C TYR A 75 5.23 3.82 -0.38
N THR A 76 4.34 4.69 -0.89
CA THR A 76 4.48 6.14 -0.75
C THR A 76 3.37 6.71 0.16
N ILE A 77 3.80 7.38 1.24
CA ILE A 77 2.94 8.17 2.13
C ILE A 77 3.80 9.26 2.78
N ARG A 78 3.30 10.50 2.72
CA ARG A 78 3.84 11.64 3.48
C ARG A 78 2.71 12.23 4.31
N GLY A 79 3.04 13.09 5.27
CA GLY A 79 2.04 13.76 6.07
C GLY A 79 2.63 14.88 6.90
N SER A 80 3.23 14.50 8.03
CA SER A 80 3.72 15.45 9.05
C SER A 80 5.20 15.85 8.78
N LEU A 81 5.51 16.16 7.50
CA LEU A 81 6.85 16.69 7.07
C LEU A 81 7.10 18.10 7.68
N GLU A 82 6.03 18.75 8.13
CA GLU A 82 6.04 20.08 8.76
C GLU A 82 6.89 20.11 10.05
N HIS A 83 7.29 21.31 10.45
CA HIS A 83 8.06 21.54 11.67
C HIS A 83 7.68 22.91 12.26
N HIS A 84 6.64 22.91 13.10
CA HIS A 84 6.13 24.14 13.72
C HIS A 84 6.96 24.47 14.97
N HIS A 85 7.89 25.42 14.81
CA HIS A 85 8.70 25.95 15.91
C HIS A 85 8.00 27.18 16.52
N HIS A 86 8.44 27.58 17.71
CA HIS A 86 7.86 28.73 18.47
C HIS A 86 8.79 29.95 18.35
N HIS A 87 8.23 31.17 18.45
CA HIS A 87 9.00 32.40 18.68
C HIS A 87 9.33 32.49 20.18
N HIS A 88 8.29 32.25 21.00
CA HIS A 88 8.36 32.19 22.46
C HIS A 88 7.41 31.06 22.91
#